data_2DOG
#
_entry.id   2DOG
#
_entity_poly.entity_id   1
_entity_poly.type   'polypeptide(L)'
_entity_poly.pdbx_seq_one_letter_code
;MRLVEIGRFGAPYALKGGLRFRGEPVVLHLERVYVEGHGWRAIEDLYRVGEELVVHLAGVTDRTLAEALVGLRVYAEVAD
LPPLE
;
_entity_poly.pdbx_strand_id   A
#
# COMPACT_ATOMS: atom_id res chain seq x y z
N MET A 1 -6.05 -5.75 -17.44
CA MET A 1 -5.63 -4.64 -16.58
C MET A 1 -4.13 -4.72 -16.30
N ARG A 2 -3.36 -3.87 -16.98
CA ARG A 2 -1.91 -3.84 -16.81
C ARG A 2 -1.55 -3.54 -15.36
N LEU A 3 -1.55 -4.57 -14.53
CA LEU A 3 -1.22 -4.42 -13.11
C LEU A 3 0.04 -5.20 -12.76
N VAL A 4 0.76 -4.74 -11.74
CA VAL A 4 1.98 -5.38 -11.30
C VAL A 4 2.12 -5.32 -9.78
N GLU A 5 2.73 -6.37 -9.22
CA GLU A 5 2.93 -6.44 -7.77
C GLU A 5 4.18 -5.67 -7.36
N ILE A 6 3.98 -4.54 -6.68
CA ILE A 6 5.09 -3.72 -6.23
C ILE A 6 5.44 -4.01 -4.77
N GLY A 7 4.41 -4.28 -3.97
CA GLY A 7 4.63 -4.58 -2.56
C GLY A 7 3.51 -5.41 -1.97
N ARG A 8 3.65 -5.75 -0.70
CA ARG A 8 2.64 -6.56 -0.01
C ARG A 8 2.50 -6.13 1.44
N PHE A 9 1.27 -6.18 1.96
CA PHE A 9 1.00 -5.79 3.33
C PHE A 9 1.51 -6.85 4.31
N GLY A 10 2.41 -6.44 5.19
CA GLY A 10 2.96 -7.37 6.16
C GLY A 10 2.16 -7.41 7.45
N ALA A 11 2.48 -6.52 8.38
CA ALA A 11 1.77 -6.45 9.66
C ALA A 11 1.06 -5.12 9.82
N PRO A 12 -0.02 -5.13 10.62
CA PRO A 12 -0.82 -3.92 10.87
C PRO A 12 -0.07 -2.91 11.73
N TYR A 13 0.11 -1.71 11.20
CA TYR A 13 0.81 -0.65 11.93
C TYR A 13 0.07 -0.28 13.21
N ALA A 14 0.63 0.66 13.97
CA ALA A 14 0.02 1.11 15.21
C ALA A 14 -1.48 1.31 15.04
N LEU A 15 -2.19 1.44 16.16
CA LEU A 15 -3.63 1.64 16.14
C LEU A 15 -4.01 2.77 15.19
N LYS A 16 -3.06 3.68 14.95
CA LYS A 16 -3.29 4.81 14.06
C LYS A 16 -4.04 4.37 12.80
N GLY A 17 -3.93 3.10 12.47
CA GLY A 17 -4.60 2.57 11.28
C GLY A 17 -3.65 2.37 10.12
N GLY A 18 -2.36 2.42 10.39
CA GLY A 18 -1.37 2.25 9.35
C GLY A 18 -1.13 0.79 9.00
N LEU A 19 -0.60 0.54 7.82
CA LEU A 19 -0.32 -0.83 7.37
C LEU A 19 1.07 -0.94 6.78
N ARG A 20 1.87 -1.86 7.33
CA ARG A 20 3.23 -2.06 6.85
C ARG A 20 3.23 -2.56 5.40
N PHE A 21 3.55 -1.66 4.48
CA PHE A 21 3.58 -2.01 3.06
C PHE A 21 5.02 -2.13 2.57
N ARG A 22 5.42 -3.35 2.22
CA ARG A 22 6.77 -3.61 1.73
C ARG A 22 6.79 -3.73 0.21
N GLY A 23 7.13 -2.63 -0.46
CA GLY A 23 7.17 -2.63 -1.91
C GLY A 23 8.33 -1.81 -2.45
N GLU A 24 8.52 -1.86 -3.77
CA GLU A 24 9.59 -1.12 -4.41
C GLU A 24 9.56 0.36 -4.01
N PRO A 25 10.71 1.04 -4.15
CA PRO A 25 10.82 2.46 -3.81
C PRO A 25 10.05 3.35 -4.78
N VAL A 26 9.68 2.79 -5.93
CA VAL A 26 8.93 3.54 -6.94
C VAL A 26 7.55 3.91 -6.43
N VAL A 27 7.14 3.30 -5.32
CA VAL A 27 5.83 3.57 -4.74
C VAL A 27 5.74 5.01 -4.23
N LEU A 28 6.89 5.61 -3.97
CA LEU A 28 6.94 6.98 -3.48
C LEU A 28 6.46 7.96 -4.55
N HIS A 29 6.19 7.44 -5.74
CA HIS A 29 5.71 8.26 -6.84
C HIS A 29 4.26 7.93 -7.19
N LEU A 30 3.72 6.92 -6.52
CA LEU A 30 2.34 6.51 -6.75
C LEU A 30 1.37 7.35 -5.95
N GLU A 31 0.08 7.16 -6.18
CA GLU A 31 -0.96 7.90 -5.47
C GLU A 31 -1.99 6.96 -4.86
N ARG A 32 -2.39 5.96 -5.62
CA ARG A 32 -3.37 4.99 -5.17
C ARG A 32 -2.79 3.59 -5.15
N VAL A 33 -3.55 2.63 -4.61
CA VAL A 33 -3.11 1.24 -4.54
C VAL A 33 -4.28 0.29 -4.72
N TYR A 34 -3.97 -0.99 -4.86
CA TYR A 34 -4.99 -2.02 -5.04
C TYR A 34 -4.78 -3.18 -4.08
N VAL A 35 -5.77 -3.39 -3.21
CA VAL A 35 -5.70 -4.47 -2.23
C VAL A 35 -6.14 -5.79 -2.83
N GLU A 36 -5.16 -6.58 -3.28
CA GLU A 36 -5.46 -7.88 -3.89
C GLU A 36 -6.16 -8.79 -2.90
N GLY A 37 -7.49 -8.89 -3.03
CA GLY A 37 -8.26 -9.73 -2.14
C GLY A 37 -9.61 -9.14 -1.80
N HIS A 38 -9.64 -7.82 -1.61
CA HIS A 38 -10.88 -7.13 -1.28
C HIS A 38 -11.25 -6.13 -2.38
N GLY A 39 -10.59 -4.98 -2.38
CA GLY A 39 -10.86 -3.95 -3.37
C GLY A 39 -9.73 -2.95 -3.49
N TRP A 40 -9.91 -1.97 -4.38
CA TRP A 40 -8.89 -0.95 -4.59
C TRP A 40 -8.90 0.07 -3.45
N ARG A 41 -7.72 0.52 -3.06
CA ARG A 41 -7.59 1.51 -1.99
C ARG A 41 -6.72 2.68 -2.42
N ALA A 42 -6.78 3.77 -1.65
CA ALA A 42 -6.00 4.95 -1.95
C ALA A 42 -4.98 5.24 -0.85
N ILE A 43 -3.90 5.91 -1.21
CA ILE A 43 -2.84 6.25 -0.24
C ILE A 43 -3.05 7.64 0.33
N GLU A 44 -2.92 7.76 1.64
CA GLU A 44 -3.08 9.06 2.31
C GLU A 44 -1.76 9.55 2.88
N ASP A 45 -1.01 8.64 3.49
CA ASP A 45 0.28 8.99 4.08
C ASP A 45 1.14 7.75 4.28
N LEU A 46 2.37 7.79 3.76
CA LEU A 46 3.28 6.66 3.88
C LEU A 46 4.72 7.15 4.07
N TYR A 47 5.57 6.27 4.60
CA TYR A 47 6.96 6.62 4.84
C TYR A 47 7.77 5.38 5.19
N ARG A 48 9.02 5.33 4.73
CA ARG A 48 9.90 4.20 5.00
C ARG A 48 10.47 4.28 6.42
N VAL A 49 9.97 3.41 7.29
CA VAL A 49 10.41 3.38 8.67
C VAL A 49 11.59 2.42 8.85
N GLY A 50 12.79 2.99 8.98
CA GLY A 50 13.98 2.17 9.14
C GLY A 50 14.28 1.33 7.92
N GLU A 51 13.91 0.05 7.98
CA GLU A 51 14.16 -0.86 6.87
C GLU A 51 12.84 -1.41 6.32
N GLU A 52 11.76 -0.66 6.53
CA GLU A 52 10.45 -1.07 6.06
C GLU A 52 9.61 0.15 5.65
N LEU A 53 8.41 -0.12 5.15
CA LEU A 53 7.51 0.96 4.72
C LEU A 53 6.12 0.76 5.31
N VAL A 54 5.49 1.86 5.72
CA VAL A 54 4.15 1.81 6.30
C VAL A 54 3.19 2.73 5.54
N VAL A 55 2.35 2.12 4.70
CA VAL A 55 1.38 2.90 3.92
C VAL A 55 0.03 2.97 4.64
N HIS A 56 -0.58 4.15 4.61
CA HIS A 56 -1.87 4.35 5.26
C HIS A 56 -2.98 4.47 4.22
N LEU A 57 -3.74 3.39 4.05
CA LEU A 57 -4.82 3.37 3.08
C LEU A 57 -5.98 4.25 3.56
N ALA A 58 -6.69 4.85 2.60
CA ALA A 58 -7.82 5.71 2.91
C ALA A 58 -8.95 4.92 3.57
N GLY A 59 -9.47 5.46 4.67
CA GLY A 59 -10.55 4.78 5.37
C GLY A 59 -10.06 4.01 6.58
N VAL A 60 -9.01 3.21 6.39
CA VAL A 60 -8.46 2.41 7.47
C VAL A 60 -7.92 3.30 8.59
N THR A 61 -8.73 3.46 9.65
CA THR A 61 -8.34 4.28 10.78
C THR A 61 -8.44 3.51 12.08
N ASP A 62 -8.26 2.19 12.00
CA ASP A 62 -8.33 1.33 13.18
C ASP A 62 -7.64 -0.01 12.92
N ARG A 63 -7.08 -0.58 13.97
CA ARG A 63 -6.38 -1.86 13.86
C ARG A 63 -7.27 -2.91 13.18
N THR A 64 -8.56 -2.86 13.47
CA THR A 64 -9.52 -3.80 12.89
C THR A 64 -9.50 -3.73 11.38
N LEU A 65 -9.82 -2.56 10.83
CA LEU A 65 -9.84 -2.36 9.39
C LEU A 65 -8.51 -2.76 8.77
N ALA A 66 -7.42 -2.31 9.37
CA ALA A 66 -6.08 -2.63 8.87
C ALA A 66 -5.86 -4.13 8.82
N GLU A 67 -6.05 -4.80 9.96
CA GLU A 67 -5.87 -6.23 10.05
C GLU A 67 -6.59 -6.94 8.91
N ALA A 68 -7.77 -6.44 8.56
CA ALA A 68 -8.56 -7.02 7.48
C ALA A 68 -7.80 -6.98 6.16
N LEU A 69 -6.96 -5.97 6.00
CA LEU A 69 -6.18 -5.81 4.78
C LEU A 69 -4.73 -6.26 5.00
N VAL A 70 -4.52 -7.12 5.99
CA VAL A 70 -3.19 -7.62 6.31
C VAL A 70 -2.97 -8.99 5.69
N GLY A 71 -1.80 -9.18 5.09
CA GLY A 71 -1.48 -10.45 4.46
C GLY A 71 -1.62 -10.41 2.95
N LEU A 72 -2.55 -9.60 2.47
CA LEU A 72 -2.78 -9.47 1.03
C LEU A 72 -1.66 -8.69 0.37
N ARG A 73 -1.58 -8.78 -0.96
CA ARG A 73 -0.55 -8.08 -1.71
C ARG A 73 -1.13 -6.83 -2.39
N VAL A 74 -0.24 -5.88 -2.70
CA VAL A 74 -0.66 -4.64 -3.35
C VAL A 74 -0.24 -4.62 -4.82
N TYR A 75 -1.12 -4.09 -5.66
CA TYR A 75 -0.84 -4.01 -7.09
C TYR A 75 -0.77 -2.56 -7.55
N ALA A 76 -0.05 -2.33 -8.65
CA ALA A 76 0.09 -0.98 -9.19
C ALA A 76 -0.39 -0.92 -10.64
N GLU A 77 -0.70 0.28 -11.10
CA GLU A 77 -1.18 0.47 -12.47
C GLU A 77 -0.29 1.45 -13.22
N VAL A 78 0.47 0.93 -14.18
CA VAL A 78 1.36 1.77 -14.98
C VAL A 78 0.68 3.06 -15.42
N ALA A 79 -0.62 2.96 -15.68
CA ALA A 79 -1.40 4.13 -16.11
C ALA A 79 -0.97 5.38 -15.35
N ASP A 80 -0.56 5.20 -14.09
CA ASP A 80 -0.13 6.31 -13.26
C ASP A 80 1.38 6.49 -13.34
N LEU A 81 2.10 5.38 -13.36
CA LEU A 81 3.56 5.41 -13.43
C LEU A 81 4.03 6.54 -14.34
N PRO A 82 5.23 7.06 -14.06
CA PRO A 82 5.83 8.15 -14.84
C PRO A 82 6.25 7.70 -16.23
N PRO A 83 6.41 8.66 -17.15
CA PRO A 83 6.82 8.38 -18.53
C PRO A 83 8.26 7.93 -18.63
N LEU A 84 8.69 7.60 -19.84
CA LEU A 84 10.06 7.15 -20.07
C LEU A 84 11.07 8.06 -19.38
N GLU A 85 10.65 9.30 -19.12
CA GLU A 85 11.52 10.27 -18.46
C GLU A 85 10.91 10.72 -17.13
N MET A 1 -5.63 -8.15 -15.64
CA MET A 1 -5.21 -6.86 -16.16
C MET A 1 -3.68 -6.76 -16.22
N ARG A 2 -3.19 -5.66 -16.77
CA ARG A 2 -1.75 -5.44 -16.88
C ARG A 2 -1.19 -4.83 -15.60
N LEU A 3 -1.60 -5.39 -14.47
CA LEU A 3 -1.13 -4.89 -13.17
C LEU A 3 0.19 -5.54 -12.78
N VAL A 4 0.90 -4.91 -11.86
CA VAL A 4 2.18 -5.42 -11.39
C VAL A 4 2.33 -5.28 -9.88
N GLU A 5 2.67 -6.37 -9.20
CA GLU A 5 2.84 -6.36 -7.76
C GLU A 5 4.11 -5.61 -7.36
N ILE A 6 3.94 -4.55 -6.59
CA ILE A 6 5.07 -3.75 -6.13
C ILE A 6 5.47 -4.11 -4.70
N GLY A 7 4.47 -4.32 -3.85
CA GLY A 7 4.73 -4.67 -2.47
C GLY A 7 3.60 -5.46 -1.85
N ARG A 8 3.78 -5.88 -0.60
CA ARG A 8 2.77 -6.65 0.11
C ARG A 8 2.71 -6.25 1.58
N PHE A 9 1.50 -6.23 2.13
CA PHE A 9 1.30 -5.87 3.53
C PHE A 9 1.82 -6.96 4.45
N GLY A 10 2.43 -6.55 5.56
CA GLY A 10 2.96 -7.50 6.52
C GLY A 10 2.19 -7.51 7.83
N ALA A 11 2.49 -6.53 8.68
CA ALA A 11 1.82 -6.42 9.98
C ALA A 11 1.09 -5.10 10.10
N PRO A 12 -0.02 -5.11 10.87
CA PRO A 12 -0.83 -3.91 11.10
C PRO A 12 -0.12 -2.87 11.96
N TYR A 13 0.19 -1.73 11.36
CA TYR A 13 0.88 -0.65 12.08
C TYR A 13 0.14 -0.29 13.35
N ALA A 14 0.71 0.64 14.11
CA ALA A 14 0.10 1.08 15.37
C ALA A 14 -1.40 1.30 15.19
N LEU A 15 -2.11 1.46 16.32
CA LEU A 15 -3.54 1.68 16.30
C LEU A 15 -3.90 2.84 15.37
N LYS A 16 -2.95 3.73 15.15
CA LYS A 16 -3.16 4.89 14.28
C LYS A 16 -3.95 4.49 13.04
N GLY A 17 -3.78 3.24 12.61
CA GLY A 17 -4.49 2.76 11.44
C GLY A 17 -3.57 2.59 10.24
N GLY A 18 -2.29 2.39 10.51
CA GLY A 18 -1.32 2.21 9.43
C GLY A 18 -1.09 0.76 9.10
N LEU A 19 -0.57 0.50 7.90
CA LEU A 19 -0.30 -0.86 7.46
C LEU A 19 1.11 -0.98 6.89
N ARG A 20 1.88 -1.92 7.41
CA ARG A 20 3.25 -2.14 6.95
C ARG A 20 3.26 -2.62 5.50
N PHE A 21 3.62 -1.73 4.59
CA PHE A 21 3.68 -2.07 3.17
C PHE A 21 5.12 -2.18 2.70
N ARG A 22 5.47 -3.33 2.15
CA ARG A 22 6.82 -3.56 1.65
C ARG A 22 6.84 -3.65 0.12
N GLY A 23 7.16 -2.54 -0.52
CA GLY A 23 7.20 -2.51 -1.97
C GLY A 23 8.34 -1.66 -2.51
N GLU A 24 8.53 -1.68 -3.82
CA GLU A 24 9.59 -0.90 -4.45
C GLU A 24 9.52 0.56 -4.04
N PRO A 25 10.66 1.26 -4.16
CA PRO A 25 10.76 2.68 -3.79
C PRO A 25 9.99 3.57 -4.75
N VAL A 26 9.58 3.01 -5.89
CA VAL A 26 8.84 3.76 -6.89
C VAL A 26 7.45 4.14 -6.37
N VAL A 27 7.04 3.51 -5.27
CA VAL A 27 5.74 3.78 -4.68
C VAL A 27 5.68 5.20 -4.12
N LEU A 28 6.84 5.83 -3.99
CA LEU A 28 6.92 7.19 -3.46
C LEU A 28 6.39 8.19 -4.47
N HIS A 29 6.04 7.70 -5.66
CA HIS A 29 5.51 8.56 -6.71
C HIS A 29 4.07 8.20 -7.03
N LEU A 30 3.57 7.14 -6.41
CA LEU A 30 2.20 6.70 -6.62
C LEU A 30 1.23 7.51 -5.78
N GLU A 31 -0.07 7.27 -5.98
CA GLU A 31 -1.10 7.98 -5.23
C GLU A 31 -2.15 7.01 -4.69
N ARG A 32 -2.46 5.98 -5.49
CA ARG A 32 -3.44 4.98 -5.09
C ARG A 32 -2.85 3.58 -5.15
N VAL A 33 -3.59 2.61 -4.63
CA VAL A 33 -3.14 1.22 -4.62
C VAL A 33 -4.30 0.27 -4.89
N TYR A 34 -3.98 -1.02 -5.01
CA TYR A 34 -4.99 -2.04 -5.28
C TYR A 34 -4.84 -3.21 -4.30
N VAL A 35 -5.86 -3.40 -3.47
CA VAL A 35 -5.85 -4.48 -2.49
C VAL A 35 -6.33 -5.79 -3.11
N GLU A 36 -5.38 -6.61 -3.54
CA GLU A 36 -5.70 -7.88 -4.16
C GLU A 36 -6.47 -8.79 -3.19
N GLY A 37 -7.79 -8.83 -3.35
CA GLY A 37 -8.61 -9.64 -2.48
C GLY A 37 -9.95 -9.00 -2.18
N HIS A 38 -9.94 -7.69 -1.97
CA HIS A 38 -11.17 -6.95 -1.67
C HIS A 38 -11.47 -5.95 -2.77
N GLY A 39 -10.77 -4.81 -2.76
CA GLY A 39 -10.99 -3.79 -3.76
C GLY A 39 -9.82 -2.83 -3.88
N TRP A 40 -9.94 -1.85 -4.76
CA TRP A 40 -8.89 -0.87 -4.96
C TRP A 40 -8.92 0.20 -3.86
N ARG A 41 -7.79 0.41 -3.22
CA ARG A 41 -7.68 1.39 -2.14
C ARG A 41 -6.81 2.57 -2.57
N ALA A 42 -6.85 3.64 -1.79
CA ALA A 42 -6.06 4.83 -2.08
C ALA A 42 -5.04 5.10 -0.97
N ILE A 43 -3.96 5.79 -1.33
CA ILE A 43 -2.91 6.12 -0.36
C ILE A 43 -3.08 7.54 0.18
N GLU A 44 -2.96 7.68 1.49
CA GLU A 44 -3.09 8.99 2.13
C GLU A 44 -1.74 9.49 2.64
N ASP A 45 -0.99 8.59 3.27
CA ASP A 45 0.32 8.95 3.81
C ASP A 45 1.16 7.69 4.06
N LEU A 46 2.46 7.80 3.80
CA LEU A 46 3.37 6.67 3.99
C LEU A 46 4.79 7.16 4.24
N TYR A 47 5.64 6.26 4.72
CA TYR A 47 7.03 6.60 5.00
C TYR A 47 7.84 5.34 5.30
N ARG A 48 9.09 5.32 4.83
CA ARG A 48 9.97 4.19 5.05
C ARG A 48 10.57 4.22 6.45
N VAL A 49 9.97 3.46 7.36
CA VAL A 49 10.43 3.40 8.74
C VAL A 49 11.65 2.48 8.87
N GLY A 50 12.83 3.08 8.99
CA GLY A 50 14.05 2.31 9.12
C GLY A 50 14.31 1.43 7.92
N GLU A 51 14.00 0.14 8.04
CA GLU A 51 14.21 -0.80 6.96
C GLU A 51 12.88 -1.37 6.46
N GLU A 52 11.83 -0.57 6.58
CA GLU A 52 10.50 -0.99 6.15
C GLU A 52 9.65 0.21 5.72
N LEU A 53 8.45 -0.06 5.23
CA LEU A 53 7.55 0.99 4.79
C LEU A 53 6.15 0.78 5.34
N VAL A 54 5.51 1.87 5.74
CA VAL A 54 4.16 1.81 6.29
C VAL A 54 3.20 2.69 5.51
N VAL A 55 2.34 2.06 4.71
CA VAL A 55 1.38 2.79 3.90
C VAL A 55 0.03 2.91 4.62
N HIS A 56 -0.56 4.09 4.57
CA HIS A 56 -1.84 4.34 5.22
C HIS A 56 -2.95 4.47 4.19
N LEU A 57 -3.71 3.39 4.00
CA LEU A 57 -4.80 3.38 3.04
C LEU A 57 -5.96 4.25 3.53
N ALA A 58 -6.73 4.78 2.59
CA ALA A 58 -7.87 5.62 2.92
C ALA A 58 -8.97 4.82 3.60
N GLY A 59 -9.39 5.28 4.77
CA GLY A 59 -10.44 4.59 5.51
C GLY A 59 -9.91 3.81 6.69
N VAL A 60 -8.75 3.18 6.51
CA VAL A 60 -8.13 2.40 7.57
C VAL A 60 -7.56 3.31 8.66
N THR A 61 -8.32 3.49 9.73
CA THR A 61 -7.89 4.34 10.84
C THR A 61 -7.84 3.55 12.14
N ASP A 62 -8.38 2.34 12.12
CA ASP A 62 -8.40 1.48 13.30
C ASP A 62 -7.69 0.16 13.02
N ARG A 63 -7.10 -0.42 14.06
CA ARG A 63 -6.38 -1.68 13.93
C ARG A 63 -7.21 -2.69 13.14
N THR A 64 -8.45 -2.90 13.59
CA THR A 64 -9.35 -3.84 12.94
C THR A 64 -9.30 -3.70 11.43
N LEU A 65 -9.76 -2.56 10.93
CA LEU A 65 -9.76 -2.29 9.50
C LEU A 65 -8.44 -2.72 8.86
N ALA A 66 -7.34 -2.37 9.51
CA ALA A 66 -6.01 -2.71 9.01
C ALA A 66 -5.84 -4.22 8.92
N GLU A 67 -6.01 -4.90 10.06
CA GLU A 67 -5.87 -6.35 10.11
C GLU A 67 -6.63 -7.02 8.97
N ALA A 68 -7.77 -6.43 8.61
CA ALA A 68 -8.60 -6.96 7.54
C ALA A 68 -7.85 -6.95 6.21
N LEU A 69 -7.02 -5.93 6.01
CA LEU A 69 -6.25 -5.80 4.78
C LEU A 69 -4.80 -6.26 5.00
N VAL A 70 -4.61 -7.16 5.95
CA VAL A 70 -3.29 -7.67 6.26
C VAL A 70 -3.08 -9.06 5.65
N GLY A 71 -2.04 -9.20 4.85
CA GLY A 71 -1.75 -10.47 4.20
C GLY A 71 -1.89 -10.42 2.70
N LEU A 72 -2.80 -9.57 2.22
CA LEU A 72 -3.04 -9.42 0.79
C LEU A 72 -1.87 -8.70 0.12
N ARG A 73 -1.79 -8.82 -1.20
CA ARG A 73 -0.73 -8.18 -1.97
C ARG A 73 -1.25 -6.95 -2.70
N VAL A 74 -0.44 -5.90 -2.73
CA VAL A 74 -0.81 -4.65 -3.40
C VAL A 74 -0.32 -4.63 -4.84
N TYR A 75 -1.22 -4.33 -5.76
CA TYR A 75 -0.89 -4.28 -7.18
C TYR A 75 -0.82 -2.84 -7.67
N ALA A 76 -0.01 -2.61 -8.71
CA ALA A 76 0.14 -1.28 -9.28
C ALA A 76 -0.35 -1.24 -10.72
N GLU A 77 -0.54 -0.03 -11.25
CA GLU A 77 -0.99 0.14 -12.62
C GLU A 77 0.05 0.87 -13.46
N VAL A 78 0.26 0.38 -14.68
CA VAL A 78 1.23 0.98 -15.59
C VAL A 78 0.76 2.36 -16.06
N ALA A 79 -0.46 2.72 -15.68
CA ALA A 79 -1.01 4.01 -16.07
C ALA A 79 -0.44 5.14 -15.21
N ASP A 80 -0.15 4.83 -13.96
CA ASP A 80 0.41 5.81 -13.03
C ASP A 80 1.92 5.93 -13.20
N LEU A 81 2.58 4.77 -13.30
CA LEU A 81 4.03 4.74 -13.46
C LEU A 81 4.49 5.79 -14.48
N PRO A 82 5.66 6.39 -14.22
CA PRO A 82 6.24 7.41 -15.11
C PRO A 82 6.71 6.83 -16.44
N PRO A 83 6.63 7.64 -17.50
CA PRO A 83 7.04 7.22 -18.84
C PRO A 83 8.56 7.06 -18.95
N LEU A 84 8.99 6.05 -19.70
CA LEU A 84 10.41 5.77 -19.88
C LEU A 84 10.85 6.12 -21.31
N GLU A 85 11.11 7.41 -21.54
CA GLU A 85 11.54 7.87 -22.86
C GLU A 85 12.60 6.94 -23.44
N MET A 1 -6.60 -6.17 -16.50
CA MET A 1 -6.02 -4.83 -16.38
C MET A 1 -4.50 -4.90 -16.26
N ARG A 2 -3.82 -4.00 -16.96
CA ARG A 2 -2.36 -3.96 -16.92
C ARG A 2 -1.86 -3.55 -15.55
N LEU A 3 -1.78 -4.52 -14.64
CA LEU A 3 -1.32 -4.26 -13.29
C LEU A 3 -0.01 -5.00 -13.00
N VAL A 4 0.67 -4.58 -11.95
CA VAL A 4 1.94 -5.21 -11.57
C VAL A 4 2.17 -5.12 -10.06
N GLU A 5 2.56 -6.24 -9.47
CA GLU A 5 2.81 -6.29 -8.02
C GLU A 5 4.05 -5.47 -7.67
N ILE A 6 3.93 -4.65 -6.64
CA ILE A 6 5.04 -3.81 -6.20
C ILE A 6 5.47 -4.19 -4.78
N GLY A 7 4.51 -4.49 -3.92
CA GLY A 7 4.80 -4.86 -2.56
C GLY A 7 3.67 -5.63 -1.90
N ARG A 8 3.89 -6.05 -0.66
CA ARG A 8 2.88 -6.80 0.08
C ARG A 8 2.76 -6.28 1.51
N PHE A 9 1.58 -6.43 2.10
CA PHE A 9 1.34 -5.98 3.46
C PHE A 9 1.92 -6.96 4.47
N GLY A 10 2.51 -6.42 5.53
CA GLY A 10 3.11 -7.27 6.56
C GLY A 10 2.30 -7.28 7.84
N ALA A 11 2.64 -6.38 8.76
CA ALA A 11 1.94 -6.29 10.03
C ALA A 11 1.17 -4.97 10.14
N PRO A 12 0.06 -5.00 10.90
CA PRO A 12 -0.78 -3.82 11.10
C PRO A 12 -0.10 -2.76 11.97
N TYR A 13 0.21 -1.62 11.37
CA TYR A 13 0.86 -0.53 12.09
C TYR A 13 0.07 -0.14 13.33
N ALA A 14 0.62 0.77 14.12
CA ALA A 14 -0.03 1.23 15.34
C ALA A 14 -1.53 1.41 15.12
N LEU A 15 -2.28 1.46 16.22
CA LEU A 15 -3.73 1.63 16.14
C LEU A 15 -4.10 2.73 15.15
N LYS A 16 -3.20 3.69 14.98
CA LYS A 16 -3.43 4.79 14.05
C LYS A 16 -4.19 4.32 12.81
N GLY A 17 -3.97 3.06 12.44
CA GLY A 17 -4.65 2.50 11.28
C GLY A 17 -3.71 2.32 10.10
N GLY A 18 -2.41 2.45 10.35
CA GLY A 18 -1.43 2.29 9.29
C GLY A 18 -1.12 0.84 9.01
N LEU A 19 -0.66 0.55 7.80
CA LEU A 19 -0.32 -0.81 7.40
C LEU A 19 1.10 -0.88 6.86
N ARG A 20 1.89 -1.81 7.40
CA ARG A 20 3.27 -1.98 6.98
C ARG A 20 3.33 -2.55 5.55
N PHE A 21 3.62 -1.68 4.59
CA PHE A 21 3.70 -2.09 3.20
C PHE A 21 5.16 -2.19 2.74
N ARG A 22 5.56 -3.37 2.27
CA ARG A 22 6.92 -3.59 1.81
C ARG A 22 6.96 -3.78 0.30
N GLY A 23 7.25 -2.70 -0.42
CA GLY A 23 7.31 -2.77 -1.87
C GLY A 23 8.43 -1.92 -2.44
N GLU A 24 8.73 -2.13 -3.72
CA GLU A 24 9.79 -1.37 -4.38
C GLU A 24 9.75 0.09 -3.98
N PRO A 25 10.90 0.78 -4.12
CA PRO A 25 11.02 2.20 -3.77
C PRO A 25 10.25 3.09 -4.72
N VAL A 26 9.90 2.56 -5.88
CA VAL A 26 9.16 3.32 -6.89
C VAL A 26 7.74 3.62 -6.41
N VAL A 27 7.33 2.95 -5.34
CA VAL A 27 6.00 3.15 -4.78
C VAL A 27 5.86 4.54 -4.19
N LEU A 28 6.99 5.19 -3.96
CA LEU A 28 7.00 6.53 -3.39
C LEU A 28 6.52 7.57 -4.41
N HIS A 29 6.21 7.10 -5.61
CA HIS A 29 5.74 7.97 -6.68
C HIS A 29 4.30 7.65 -7.06
N LEU A 30 3.65 6.82 -6.25
CA LEU A 30 2.27 6.43 -6.49
C LEU A 30 1.31 7.27 -5.68
N GLU A 31 0.07 7.38 -6.14
CA GLU A 31 -0.95 8.15 -5.45
C GLU A 31 -2.07 7.26 -4.95
N ARG A 32 -2.11 6.03 -5.46
CA ARG A 32 -3.14 5.07 -5.06
C ARG A 32 -2.59 3.65 -5.06
N VAL A 33 -3.42 2.70 -4.65
CA VAL A 33 -3.01 1.30 -4.60
C VAL A 33 -4.20 0.38 -4.86
N TYR A 34 -3.92 -0.93 -4.97
CA TYR A 34 -4.97 -1.91 -5.21
C TYR A 34 -4.85 -3.07 -4.23
N VAL A 35 -5.90 -3.27 -3.43
CA VAL A 35 -5.92 -4.34 -2.45
C VAL A 35 -6.44 -5.63 -3.06
N GLU A 36 -5.51 -6.49 -3.49
CA GLU A 36 -5.87 -7.76 -4.11
C GLU A 36 -6.68 -8.62 -3.14
N GLY A 37 -8.01 -8.62 -3.32
CA GLY A 37 -8.88 -9.39 -2.45
C GLY A 37 -10.19 -8.69 -2.18
N HIS A 38 -10.13 -7.39 -1.92
CA HIS A 38 -11.32 -6.60 -1.63
C HIS A 38 -11.59 -5.59 -2.75
N GLY A 39 -10.85 -4.50 -2.73
CA GLY A 39 -11.02 -3.47 -3.75
C GLY A 39 -9.82 -2.54 -3.85
N TRP A 40 -9.91 -1.57 -4.75
CA TRP A 40 -8.83 -0.61 -4.94
C TRP A 40 -8.83 0.44 -3.83
N ARG A 41 -7.70 0.59 -3.15
CA ARG A 41 -7.57 1.56 -2.07
C ARG A 41 -6.63 2.69 -2.46
N ALA A 42 -6.83 3.86 -1.87
CA ALA A 42 -6.00 5.01 -2.15
C ALA A 42 -5.04 5.31 -1.00
N ILE A 43 -3.86 5.79 -1.33
CA ILE A 43 -2.86 6.12 -0.32
C ILE A 43 -3.06 7.53 0.22
N GLU A 44 -3.09 7.65 1.55
CA GLU A 44 -3.28 8.95 2.20
C GLU A 44 -1.96 9.44 2.79
N ASP A 45 -1.20 8.54 3.38
CA ASP A 45 0.08 8.88 3.99
C ASP A 45 0.96 7.65 4.16
N LEU A 46 2.20 7.74 3.68
CA LEU A 46 3.14 6.63 3.78
C LEU A 46 4.57 7.15 3.94
N TYR A 47 5.40 6.35 4.59
CA TYR A 47 6.79 6.72 4.82
C TYR A 47 7.64 5.50 5.14
N ARG A 48 8.89 5.50 4.66
CA ARG A 48 9.80 4.38 4.89
C ARG A 48 10.41 4.47 6.29
N VAL A 49 9.84 3.71 7.23
CA VAL A 49 10.34 3.70 8.60
C VAL A 49 11.58 2.83 8.73
N GLY A 50 12.73 3.47 8.88
CA GLY A 50 13.98 2.74 9.02
C GLY A 50 14.25 1.83 7.84
N GLU A 51 13.99 0.54 8.02
CA GLU A 51 14.21 -0.44 6.96
C GLU A 51 12.89 -1.06 6.52
N GLU A 52 11.81 -0.28 6.59
CA GLU A 52 10.50 -0.75 6.20
C GLU A 52 9.62 0.40 5.72
N LEU A 53 8.42 0.08 5.26
CA LEU A 53 7.49 1.10 4.78
C LEU A 53 6.09 0.87 5.35
N VAL A 54 5.42 1.94 5.72
CA VAL A 54 4.07 1.86 6.26
C VAL A 54 3.10 2.73 5.48
N VAL A 55 2.24 2.09 4.69
CA VAL A 55 1.26 2.81 3.89
C VAL A 55 -0.08 2.88 4.60
N HIS A 56 -0.66 4.07 4.62
CA HIS A 56 -1.95 4.27 5.27
C HIS A 56 -3.07 4.38 4.24
N LEU A 57 -3.82 3.29 4.06
CA LEU A 57 -4.92 3.26 3.11
C LEU A 57 -6.08 4.13 3.59
N ALA A 58 -6.90 4.59 2.65
CA ALA A 58 -8.04 5.43 2.98
C ALA A 58 -9.14 4.61 3.64
N GLY A 59 -9.65 5.12 4.75
CA GLY A 59 -10.70 4.43 5.47
C GLY A 59 -10.19 3.68 6.69
N VAL A 60 -9.02 3.06 6.55
CA VAL A 60 -8.41 2.31 7.64
C VAL A 60 -7.88 3.25 8.71
N THR A 61 -8.63 3.40 9.79
CA THR A 61 -8.24 4.27 10.90
C THR A 61 -8.22 3.51 12.22
N ASP A 62 -8.21 2.18 12.13
CA ASP A 62 -8.20 1.34 13.32
C ASP A 62 -7.44 0.03 13.07
N ARG A 63 -6.79 -0.48 14.10
CA ARG A 63 -6.03 -1.72 13.98
C ARG A 63 -6.87 -2.81 13.32
N THR A 64 -8.16 -2.83 13.66
CA THR A 64 -9.08 -3.83 13.11
C THR A 64 -9.09 -3.77 11.59
N LEU A 65 -9.60 -2.66 11.05
CA LEU A 65 -9.68 -2.48 9.61
C LEU A 65 -8.37 -2.88 8.94
N ALA A 66 -7.26 -2.53 9.56
CA ALA A 66 -5.95 -2.86 9.01
C ALA A 66 -5.73 -4.36 8.99
N GLU A 67 -5.90 -5.00 10.15
CA GLU A 67 -5.71 -6.44 10.27
C GLU A 67 -6.45 -7.18 9.15
N ALA A 68 -7.60 -6.63 8.74
CA ALA A 68 -8.40 -7.23 7.68
C ALA A 68 -7.68 -7.14 6.34
N LEU A 69 -6.90 -6.09 6.15
CA LEU A 69 -6.16 -5.90 4.91
C LEU A 69 -4.71 -6.36 5.06
N VAL A 70 -4.48 -7.26 6.02
CA VAL A 70 -3.14 -7.79 6.27
C VAL A 70 -2.99 -9.18 5.66
N GLY A 71 -2.00 -9.34 4.80
CA GLY A 71 -1.77 -10.63 4.17
C GLY A 71 -1.90 -10.57 2.66
N LEU A 72 -2.73 -9.66 2.18
CA LEU A 72 -2.96 -9.51 0.75
C LEU A 72 -1.79 -8.76 0.09
N ARG A 73 -1.74 -8.80 -1.23
CA ARG A 73 -0.68 -8.13 -1.97
C ARG A 73 -1.20 -6.87 -2.65
N VAL A 74 -0.35 -5.85 -2.72
CA VAL A 74 -0.73 -4.58 -3.34
C VAL A 74 -0.26 -4.51 -4.79
N TYR A 75 -1.18 -4.22 -5.70
CA TYR A 75 -0.86 -4.13 -7.12
C TYR A 75 -0.73 -2.67 -7.55
N ALA A 76 -0.04 -2.45 -8.67
CA ALA A 76 0.15 -1.11 -9.20
C ALA A 76 -0.42 -0.99 -10.60
N GLU A 77 -0.50 0.25 -11.10
CA GLU A 77 -1.03 0.51 -12.43
C GLU A 77 0.02 1.15 -13.32
N VAL A 78 0.06 0.74 -14.59
CA VAL A 78 1.01 1.28 -15.54
C VAL A 78 0.61 2.68 -16.00
N ALA A 79 -0.47 3.20 -15.41
CA ALA A 79 -0.95 4.52 -15.75
C ALA A 79 -0.52 5.56 -14.72
N ASP A 80 -0.26 5.09 -13.49
CA ASP A 80 0.16 5.97 -12.42
C ASP A 80 1.68 5.94 -12.27
N LEU A 81 2.33 5.08 -13.04
CA LEU A 81 3.79 4.96 -13.00
C LEU A 81 4.44 5.67 -14.18
N PRO A 82 5.67 6.14 -13.99
CA PRO A 82 6.44 6.84 -15.03
C PRO A 82 6.85 5.91 -16.16
N PRO A 83 6.91 6.45 -17.39
CA PRO A 83 7.30 5.69 -18.57
C PRO A 83 8.78 5.32 -18.57
N LEU A 84 9.17 4.44 -19.48
CA LEU A 84 10.55 4.00 -19.58
C LEU A 84 11.41 5.06 -20.27
N GLU A 85 10.77 5.92 -21.06
CA GLU A 85 11.47 6.97 -21.78
C GLU A 85 11.52 8.26 -20.94
N MET A 1 -6.11 -6.44 -17.44
CA MET A 1 -5.70 -5.23 -16.75
C MET A 1 -4.20 -5.22 -16.50
N ARG A 2 -3.54 -4.14 -16.91
CA ARG A 2 -2.10 -4.01 -16.73
C ARG A 2 -1.77 -3.65 -15.29
N LEU A 3 -1.37 -4.65 -14.51
CA LEU A 3 -1.03 -4.44 -13.11
C LEU A 3 0.27 -5.18 -12.76
N VAL A 4 0.93 -4.72 -11.71
CA VAL A 4 2.18 -5.35 -11.27
C VAL A 4 2.30 -5.31 -9.75
N GLU A 5 2.92 -6.35 -9.18
CA GLU A 5 3.09 -6.42 -7.73
C GLU A 5 4.27 -5.58 -7.29
N ILE A 6 3.98 -4.50 -6.56
CA ILE A 6 5.02 -3.60 -6.06
C ILE A 6 5.41 -3.96 -4.64
N GLY A 7 4.42 -4.29 -3.82
CA GLY A 7 4.68 -4.65 -2.44
C GLY A 7 3.56 -5.45 -1.82
N ARG A 8 3.74 -5.87 -0.57
CA ARG A 8 2.74 -6.66 0.13
C ARG A 8 2.61 -6.21 1.58
N PHE A 9 1.39 -6.17 2.08
CA PHE A 9 1.14 -5.76 3.46
C PHE A 9 1.60 -6.82 4.44
N GLY A 10 2.59 -6.48 5.27
CA GLY A 10 3.10 -7.42 6.24
C GLY A 10 2.27 -7.47 7.51
N ALA A 11 2.62 -6.64 8.48
CA ALA A 11 1.91 -6.58 9.75
C ALA A 11 1.21 -5.24 9.92
N PRO A 12 0.13 -5.23 10.73
CA PRO A 12 -0.64 -4.01 11.00
C PRO A 12 0.13 -3.01 11.85
N TYR A 13 0.27 -1.79 11.35
CA TYR A 13 0.98 -0.75 12.06
C TYR A 13 0.26 -0.37 13.35
N ALA A 14 0.85 0.54 14.12
CA ALA A 14 0.26 0.99 15.36
C ALA A 14 -1.23 1.24 15.21
N LEU A 15 -1.95 1.24 16.33
CA LEU A 15 -3.39 1.48 16.31
C LEU A 15 -3.74 2.64 15.39
N LYS A 16 -2.79 3.54 15.19
CA LYS A 16 -3.01 4.70 14.33
C LYS A 16 -3.80 4.31 13.08
N GLY A 17 -3.69 3.05 12.68
CA GLY A 17 -4.40 2.57 11.51
C GLY A 17 -3.49 2.37 10.32
N GLY A 18 -2.18 2.45 10.56
CA GLY A 18 -1.22 2.26 9.48
C GLY A 18 -1.01 0.80 9.13
N LEU A 19 -0.51 0.55 7.93
CA LEU A 19 -0.27 -0.81 7.47
C LEU A 19 1.14 -0.94 6.89
N ARG A 20 1.92 -1.86 7.43
CA ARG A 20 3.28 -2.09 6.96
C ARG A 20 3.28 -2.60 5.53
N PHE A 21 3.59 -1.70 4.59
CA PHE A 21 3.62 -2.06 3.17
C PHE A 21 5.05 -2.13 2.67
N ARG A 22 5.48 -3.34 2.32
CA ARG A 22 6.85 -3.54 1.81
C ARG A 22 6.84 -3.71 0.29
N GLY A 23 7.11 -2.62 -0.42
CA GLY A 23 7.14 -2.68 -1.86
C GLY A 23 8.24 -1.81 -2.46
N GLU A 24 8.40 -1.90 -3.78
CA GLU A 24 9.43 -1.11 -4.46
C GLU A 24 9.36 0.35 -4.06
N PRO A 25 10.51 1.04 -4.16
CA PRO A 25 10.60 2.47 -3.81
C PRO A 25 9.85 3.36 -4.79
N VAL A 26 9.48 2.79 -5.94
CA VAL A 26 8.76 3.53 -6.96
C VAL A 26 7.37 3.92 -6.48
N VAL A 27 6.95 3.34 -5.36
CA VAL A 27 5.63 3.62 -4.79
C VAL A 27 5.55 5.07 -4.32
N LEU A 28 6.70 5.69 -4.14
CA LEU A 28 6.74 7.08 -3.69
C LEU A 28 6.27 8.04 -4.78
N HIS A 29 5.98 7.47 -5.96
CA HIS A 29 5.52 8.27 -7.08
C HIS A 29 4.08 7.92 -7.44
N LEU A 30 3.47 7.05 -6.64
CA LEU A 30 2.09 6.63 -6.87
C LEU A 30 1.12 7.44 -6.00
N GLU A 31 -0.16 7.38 -6.35
CA GLU A 31 -1.18 8.09 -5.60
C GLU A 31 -2.17 7.13 -4.95
N ARG A 32 -2.50 6.06 -5.68
CA ARG A 32 -3.44 5.06 -5.17
C ARG A 32 -2.80 3.68 -5.18
N VAL A 33 -3.58 2.67 -4.78
CA VAL A 33 -3.09 1.30 -4.75
C VAL A 33 -4.23 0.30 -4.98
N TYR A 34 -3.88 -0.97 -5.05
CA TYR A 34 -4.87 -2.03 -5.28
C TYR A 34 -4.71 -3.15 -4.27
N VAL A 35 -5.75 -3.37 -3.47
CA VAL A 35 -5.72 -4.43 -2.46
C VAL A 35 -6.20 -5.76 -3.04
N GLU A 36 -5.24 -6.59 -3.46
CA GLU A 36 -5.57 -7.89 -4.03
C GLU A 36 -6.32 -8.75 -3.02
N GLY A 37 -7.64 -8.81 -3.17
CA GLY A 37 -8.46 -9.61 -2.27
C GLY A 37 -9.79 -8.96 -1.98
N HIS A 38 -9.78 -7.64 -1.81
CA HIS A 38 -11.01 -6.90 -1.52
C HIS A 38 -11.34 -5.93 -2.64
N GLY A 39 -10.64 -4.79 -2.67
CA GLY A 39 -10.87 -3.80 -3.70
C GLY A 39 -9.71 -2.83 -3.83
N TRP A 40 -9.84 -1.87 -4.75
CA TRP A 40 -8.80 -0.88 -4.98
C TRP A 40 -8.85 0.21 -3.92
N ARG A 41 -7.75 0.40 -3.20
CA ARG A 41 -7.68 1.41 -2.16
C ARG A 41 -6.71 2.53 -2.56
N ALA A 42 -6.88 3.70 -1.95
CA ALA A 42 -6.03 4.84 -2.24
C ALA A 42 -5.03 5.09 -1.11
N ILE A 43 -3.96 5.82 -1.40
CA ILE A 43 -2.94 6.12 -0.41
C ILE A 43 -3.15 7.51 0.19
N GLU A 44 -3.04 7.59 1.51
CA GLU A 44 -3.21 8.86 2.20
C GLU A 44 -1.89 9.35 2.80
N ASP A 45 -1.15 8.43 3.40
CA ASP A 45 0.15 8.77 3.99
C ASP A 45 1.01 7.52 4.15
N LEU A 46 2.28 7.64 3.77
CA LEU A 46 3.22 6.51 3.86
C LEU A 46 4.64 7.01 4.03
N TYR A 47 5.47 6.21 4.69
CA TYR A 47 6.86 6.58 4.92
C TYR A 47 7.69 5.34 5.27
N ARG A 48 8.94 5.32 4.80
CA ARG A 48 9.83 4.20 5.07
C ARG A 48 10.41 4.30 6.46
N VAL A 49 9.96 3.42 7.35
CA VAL A 49 10.45 3.41 8.74
C VAL A 49 11.63 2.47 8.90
N GLY A 50 12.82 3.04 9.01
CA GLY A 50 14.02 2.23 9.17
C GLY A 50 14.29 1.34 7.97
N GLU A 51 13.97 0.06 8.11
CA GLU A 51 14.17 -0.90 7.03
C GLU A 51 12.84 -1.45 6.54
N GLU A 52 11.78 -0.67 6.70
CA GLU A 52 10.45 -1.09 6.27
C GLU A 52 9.62 0.11 5.82
N LEU A 53 8.41 -0.17 5.35
CA LEU A 53 7.51 0.89 4.89
C LEU A 53 6.11 0.71 5.46
N VAL A 54 5.46 1.82 5.81
CA VAL A 54 4.12 1.78 6.36
C VAL A 54 3.18 2.68 5.58
N VAL A 55 2.30 2.06 4.80
CA VAL A 55 1.34 2.81 3.99
C VAL A 55 -0.02 2.90 4.70
N HIS A 56 -0.60 4.10 4.69
CA HIS A 56 -1.89 4.32 5.32
C HIS A 56 -3.00 4.47 4.28
N LEU A 57 -3.72 3.39 4.03
CA LEU A 57 -4.80 3.40 3.05
C LEU A 57 -5.98 4.22 3.55
N ALA A 58 -6.73 4.79 2.63
CA ALA A 58 -7.89 5.60 2.98
C ALA A 58 -8.97 4.76 3.67
N GLY A 59 -9.63 5.36 4.66
CA GLY A 59 -10.66 4.65 5.38
C GLY A 59 -10.11 3.91 6.59
N VAL A 60 -9.03 3.17 6.39
CA VAL A 60 -8.41 2.40 7.46
C VAL A 60 -7.81 3.33 8.51
N THR A 61 -8.55 3.56 9.60
CA THR A 61 -8.08 4.42 10.67
C THR A 61 -8.05 3.67 12.00
N ASP A 62 -8.38 2.39 11.95
CA ASP A 62 -8.38 1.56 13.15
C ASP A 62 -7.65 0.24 12.91
N ARG A 63 -7.00 -0.28 13.95
CA ARG A 63 -6.27 -1.53 13.84
C ARG A 63 -7.11 -2.59 13.14
N THR A 64 -8.36 -2.71 13.54
CA THR A 64 -9.27 -3.69 12.94
C THR A 64 -9.26 -3.59 11.42
N LEU A 65 -9.81 -2.50 10.90
CA LEU A 65 -9.87 -2.29 9.45
C LEU A 65 -8.56 -2.69 8.80
N ALA A 66 -7.45 -2.35 9.45
CA ALA A 66 -6.12 -2.68 8.92
C ALA A 66 -5.92 -4.18 8.86
N GLU A 67 -6.14 -4.85 9.99
CA GLU A 67 -5.97 -6.30 10.07
C GLU A 67 -6.73 -7.00 8.94
N ALA A 68 -7.87 -6.43 8.56
CA ALA A 68 -8.69 -6.99 7.49
C ALA A 68 -7.96 -6.92 6.16
N LEU A 69 -7.05 -5.97 6.03
CA LEU A 69 -6.28 -5.79 4.80
C LEU A 69 -4.83 -6.22 4.99
N VAL A 70 -4.60 -7.03 6.03
CA VAL A 70 -3.25 -7.52 6.31
C VAL A 70 -3.03 -8.90 5.72
N GLY A 71 -1.90 -9.07 5.03
CA GLY A 71 -1.58 -10.34 4.42
C GLY A 71 -1.70 -10.31 2.91
N LEU A 72 -2.68 -9.57 2.42
CA LEU A 72 -2.91 -9.45 0.98
C LEU A 72 -1.76 -8.69 0.31
N ARG A 73 -1.68 -8.79 -1.01
CA ARG A 73 -0.64 -8.11 -1.76
C ARG A 73 -1.19 -6.88 -2.47
N VAL A 74 -0.33 -5.87 -2.67
CA VAL A 74 -0.74 -4.64 -3.32
C VAL A 74 -0.27 -4.62 -4.77
N TYR A 75 -1.14 -4.13 -5.65
CA TYR A 75 -0.82 -4.06 -7.08
C TYR A 75 -0.87 -2.61 -7.57
N ALA A 76 0.04 -2.28 -8.47
CA ALA A 76 0.10 -0.93 -9.03
C ALA A 76 -0.29 -0.92 -10.51
N GLU A 77 -0.54 0.27 -11.05
CA GLU A 77 -0.92 0.41 -12.44
C GLU A 77 0.10 1.24 -13.21
N VAL A 78 0.81 0.59 -14.13
CA VAL A 78 1.83 1.27 -14.93
C VAL A 78 1.27 2.54 -15.55
N ALA A 79 -0.05 2.61 -15.66
CA ALA A 79 -0.71 3.78 -16.24
C ALA A 79 -0.33 5.06 -15.49
N ASP A 80 -0.20 4.93 -14.17
CA ASP A 80 0.16 6.07 -13.33
C ASP A 80 1.67 6.27 -13.29
N LEU A 81 2.40 5.16 -13.22
CA LEU A 81 3.86 5.20 -13.18
C LEU A 81 4.42 5.96 -14.38
N PRO A 82 5.62 6.55 -14.21
CA PRO A 82 6.28 7.32 -15.27
C PRO A 82 6.77 6.41 -16.41
N PRO A 83 6.79 6.97 -17.63
CA PRO A 83 7.22 6.24 -18.82
C PRO A 83 8.73 5.98 -18.81
N LEU A 84 9.13 4.86 -19.41
CA LEU A 84 10.54 4.50 -19.48
C LEU A 84 10.97 4.22 -20.91
N GLU A 85 11.31 5.28 -21.64
CA GLU A 85 11.74 5.14 -23.03
C GLU A 85 12.66 3.94 -23.20
N MET A 1 -6.30 -5.27 -17.59
CA MET A 1 -5.79 -4.34 -16.59
C MET A 1 -4.31 -4.59 -16.32
N ARG A 2 -3.46 -3.78 -16.95
CA ARG A 2 -2.01 -3.91 -16.79
C ARG A 2 -1.59 -3.55 -15.36
N LEU A 3 -1.45 -4.56 -14.51
CA LEU A 3 -1.06 -4.35 -13.13
C LEU A 3 0.26 -5.04 -12.82
N VAL A 4 0.99 -4.53 -11.83
CA VAL A 4 2.27 -5.10 -11.44
C VAL A 4 2.47 -5.03 -9.93
N GLU A 5 2.81 -6.16 -9.33
CA GLU A 5 3.03 -6.23 -7.89
C GLU A 5 4.24 -5.40 -7.49
N ILE A 6 4.06 -4.54 -6.49
CA ILE A 6 5.14 -3.69 -6.01
C ILE A 6 5.55 -4.07 -4.58
N GLY A 7 4.56 -4.37 -3.75
CA GLY A 7 4.83 -4.75 -2.38
C GLY A 7 3.68 -5.50 -1.75
N ARG A 8 3.86 -5.92 -0.49
CA ARG A 8 2.84 -6.67 0.22
C ARG A 8 2.76 -6.22 1.68
N PHE A 9 1.56 -6.27 2.25
CA PHE A 9 1.35 -5.87 3.64
C PHE A 9 1.97 -6.90 4.59
N GLY A 10 2.52 -6.41 5.69
CA GLY A 10 3.14 -7.29 6.67
C GLY A 10 2.33 -7.37 7.96
N ALA A 11 2.40 -6.33 8.77
CA ALA A 11 1.68 -6.29 10.03
C ALA A 11 0.94 -4.97 10.20
N PRO A 12 -0.15 -5.00 10.99
CA PRO A 12 -0.97 -3.81 11.25
C PRO A 12 -0.25 -2.78 12.11
N TYR A 13 0.16 -1.69 11.48
CA TYR A 13 0.88 -0.63 12.19
C TYR A 13 0.09 -0.19 13.43
N ALA A 14 0.68 0.73 14.19
CA ALA A 14 0.04 1.24 15.40
C ALA A 14 -1.45 1.46 15.17
N LEU A 15 -2.20 1.55 16.27
CA LEU A 15 -3.64 1.76 16.20
C LEU A 15 -3.98 2.87 15.20
N LYS A 16 -3.05 3.80 15.02
CA LYS A 16 -3.25 4.90 14.09
C LYS A 16 -3.98 4.44 12.84
N GLY A 17 -3.81 3.16 12.50
CA GLY A 17 -4.47 2.62 11.32
C GLY A 17 -3.52 2.48 10.15
N GLY A 18 -2.25 2.22 10.43
CA GLY A 18 -1.27 2.06 9.38
C GLY A 18 -0.99 0.61 9.05
N LEU A 19 -0.53 0.36 7.83
CA LEU A 19 -0.23 -1.00 7.38
C LEU A 19 1.17 -1.07 6.78
N ARG A 20 2.01 -1.93 7.34
CA ARG A 20 3.38 -2.09 6.86
C ARG A 20 3.39 -2.65 5.44
N PHE A 21 3.65 -1.77 4.47
CA PHE A 21 3.68 -2.18 3.07
C PHE A 21 5.12 -2.25 2.56
N ARG A 22 5.59 -3.46 2.31
CA ARG A 22 6.95 -3.66 1.82
C ARG A 22 6.97 -3.82 0.29
N GLY A 23 7.24 -2.72 -0.40
CA GLY A 23 7.28 -2.76 -1.85
C GLY A 23 8.38 -1.90 -2.43
N GLU A 24 8.58 -1.96 -3.74
CA GLU A 24 9.60 -1.18 -4.41
C GLU A 24 9.53 0.28 -4.00
N PRO A 25 10.66 0.99 -4.13
CA PRO A 25 10.75 2.41 -3.79
C PRO A 25 9.97 3.29 -4.75
N VAL A 26 9.58 2.73 -5.89
CA VAL A 26 8.83 3.46 -6.90
C VAL A 26 7.44 3.82 -6.39
N VAL A 27 7.05 3.22 -5.27
CA VAL A 27 5.75 3.48 -4.66
C VAL A 27 5.65 4.91 -4.16
N LEU A 28 6.80 5.52 -3.90
CA LEU A 28 6.86 6.90 -3.39
C LEU A 28 6.36 7.88 -4.45
N HIS A 29 6.16 7.37 -5.67
CA HIS A 29 5.68 8.21 -6.77
C HIS A 29 4.25 7.83 -7.17
N LEU A 30 3.65 6.93 -6.40
CA LEU A 30 2.30 6.48 -6.67
C LEU A 30 1.28 7.32 -5.89
N GLU A 31 0.00 7.16 -6.23
CA GLU A 31 -1.07 7.90 -5.58
C GLU A 31 -2.08 6.94 -4.97
N ARG A 32 -2.48 5.94 -5.74
CA ARG A 32 -3.46 4.96 -5.28
C ARG A 32 -2.89 3.54 -5.36
N VAL A 33 -3.53 2.61 -4.66
CA VAL A 33 -3.09 1.23 -4.66
C VAL A 33 -4.25 0.27 -4.90
N TYR A 34 -3.95 -1.02 -5.00
CA TYR A 34 -4.98 -2.03 -5.23
C TYR A 34 -4.85 -3.18 -4.23
N VAL A 35 -5.89 -3.36 -3.43
CA VAL A 35 -5.90 -4.43 -2.42
C VAL A 35 -6.38 -5.74 -3.03
N GLU A 36 -5.44 -6.58 -3.45
CA GLU A 36 -5.77 -7.87 -4.04
C GLU A 36 -6.58 -8.73 -3.06
N GLY A 37 -7.89 -8.74 -3.25
CA GLY A 37 -8.75 -9.52 -2.38
C GLY A 37 -10.09 -8.84 -2.12
N HIS A 38 -10.03 -7.54 -1.84
CA HIS A 38 -11.25 -6.78 -1.57
C HIS A 38 -11.53 -5.80 -2.70
N GLY A 39 -10.82 -4.69 -2.71
CA GLY A 39 -11.00 -3.68 -3.74
C GLY A 39 -9.83 -2.73 -3.86
N TRP A 40 -9.93 -1.77 -4.77
CA TRP A 40 -8.87 -0.80 -4.98
C TRP A 40 -8.91 0.28 -3.89
N ARG A 41 -7.79 0.45 -3.20
CA ARG A 41 -7.69 1.46 -2.14
C ARG A 41 -6.76 2.58 -2.54
N ALA A 42 -6.93 3.74 -1.92
CA ALA A 42 -6.11 4.91 -2.21
C ALA A 42 -5.12 5.17 -1.09
N ILE A 43 -3.99 5.80 -1.42
CA ILE A 43 -2.96 6.12 -0.44
C ILE A 43 -3.16 7.53 0.13
N GLU A 44 -3.07 7.64 1.44
CA GLU A 44 -3.24 8.92 2.11
C GLU A 44 -1.91 9.40 2.70
N ASP A 45 -1.18 8.49 3.33
CA ASP A 45 0.11 8.82 3.93
C ASP A 45 0.97 7.57 4.09
N LEU A 46 2.25 7.70 3.76
CA LEU A 46 3.18 6.58 3.86
C LEU A 46 4.61 7.07 4.03
N TYR A 47 5.45 6.25 4.64
CA TYR A 47 6.86 6.61 4.86
C TYR A 47 7.68 5.37 5.16
N ARG A 48 8.91 5.35 4.65
CA ARG A 48 9.81 4.22 4.86
C ARG A 48 10.43 4.27 6.26
N VAL A 49 9.86 3.51 7.18
CA VAL A 49 10.35 3.47 8.56
C VAL A 49 11.57 2.57 8.68
N GLY A 50 12.74 3.19 8.80
CA GLY A 50 13.97 2.43 8.92
C GLY A 50 14.22 1.52 7.73
N GLU A 51 13.96 0.23 7.90
CA GLU A 51 14.17 -0.73 6.83
C GLU A 51 12.83 -1.32 6.37
N GLU A 52 11.77 -0.53 6.50
CA GLU A 52 10.43 -0.97 6.10
C GLU A 52 9.59 0.22 5.66
N LEU A 53 8.36 -0.07 5.22
CA LEU A 53 7.45 0.97 4.76
C LEU A 53 6.06 0.77 5.36
N VAL A 54 5.41 1.87 5.73
CA VAL A 54 4.08 1.82 6.31
C VAL A 54 3.11 2.70 5.53
N VAL A 55 2.27 2.06 4.72
CA VAL A 55 1.28 2.77 3.91
C VAL A 55 -0.06 2.84 4.63
N HIS A 56 -0.65 4.03 4.65
CA HIS A 56 -1.94 4.23 5.30
C HIS A 56 -3.05 4.37 4.26
N LEU A 57 -3.82 3.30 4.10
CA LEU A 57 -4.92 3.29 3.14
C LEU A 57 -6.07 4.18 3.61
N ALA A 58 -6.81 4.74 2.67
CA ALA A 58 -7.94 5.61 2.99
C ALA A 58 -9.05 4.83 3.66
N GLY A 59 -9.51 5.33 4.81
CA GLY A 59 -10.57 4.66 5.53
C GLY A 59 -10.06 3.87 6.72
N VAL A 60 -8.91 3.24 6.55
CA VAL A 60 -8.31 2.44 7.61
C VAL A 60 -7.67 3.33 8.67
N THR A 61 -8.37 3.49 9.79
CA THR A 61 -7.87 4.32 10.89
C THR A 61 -7.86 3.55 12.20
N ASP A 62 -8.10 2.25 12.11
CA ASP A 62 -8.11 1.39 13.29
C ASP A 62 -7.39 0.07 13.02
N ARG A 63 -6.84 -0.53 14.06
CA ARG A 63 -6.12 -1.79 13.92
C ARG A 63 -7.01 -2.84 13.25
N THR A 64 -8.29 -2.80 13.54
CA THR A 64 -9.24 -3.75 12.97
C THR A 64 -9.24 -3.66 11.45
N LEU A 65 -9.75 -2.56 10.92
CA LEU A 65 -9.81 -2.35 9.47
C LEU A 65 -8.49 -2.74 8.82
N ALA A 66 -7.38 -2.42 9.48
CA ALA A 66 -6.06 -2.73 8.96
C ALA A 66 -5.84 -4.24 8.90
N GLU A 67 -5.96 -4.89 10.06
CA GLU A 67 -5.78 -6.34 10.14
C GLU A 67 -6.52 -7.05 9.02
N ALA A 68 -7.68 -6.51 8.64
CA ALA A 68 -8.49 -7.08 7.58
C ALA A 68 -7.74 -7.07 6.25
N LEU A 69 -6.98 -6.02 6.02
CA LEU A 69 -6.20 -5.89 4.78
C LEU A 69 -4.76 -6.34 4.99
N VAL A 70 -4.56 -7.23 5.95
CA VAL A 70 -3.23 -7.75 6.25
C VAL A 70 -3.03 -9.14 5.65
N GLY A 71 -1.96 -9.29 4.86
CA GLY A 71 -1.68 -10.56 4.24
C GLY A 71 -1.80 -10.51 2.73
N LEU A 72 -2.70 -9.66 2.25
CA LEU A 72 -2.92 -9.52 0.81
C LEU A 72 -1.79 -8.74 0.16
N ARG A 73 -1.72 -8.80 -1.17
CA ARG A 73 -0.68 -8.11 -1.91
C ARG A 73 -1.23 -6.85 -2.58
N VAL A 74 -0.36 -5.87 -2.79
CA VAL A 74 -0.76 -4.62 -3.42
C VAL A 74 -0.26 -4.52 -4.85
N TYR A 75 -1.15 -4.17 -5.77
CA TYR A 75 -0.79 -4.05 -7.17
C TYR A 75 -0.69 -2.58 -7.59
N ALA A 76 0.09 -2.32 -8.63
CA ALA A 76 0.27 -0.97 -9.13
C ALA A 76 -0.25 -0.82 -10.55
N GLU A 77 -0.51 0.41 -10.96
CA GLU A 77 -1.02 0.67 -12.31
C GLU A 77 -0.04 1.55 -13.10
N VAL A 78 0.37 1.07 -14.26
CA VAL A 78 1.30 1.80 -15.11
C VAL A 78 0.73 3.15 -15.50
N ALA A 79 -0.59 3.26 -15.51
CA ALA A 79 -1.26 4.50 -15.85
C ALA A 79 -0.79 5.66 -14.98
N ASP A 80 -0.42 5.33 -13.74
CA ASP A 80 0.07 6.34 -12.80
C ASP A 80 1.58 6.45 -12.84
N LEU A 81 2.24 5.29 -12.93
CA LEU A 81 3.71 5.26 -12.98
C LEU A 81 4.24 6.14 -14.09
N PRO A 82 5.40 6.77 -13.85
CA PRO A 82 6.05 7.66 -14.82
C PRO A 82 6.60 6.90 -16.02
N PRO A 83 6.98 7.64 -17.07
CA PRO A 83 7.53 7.06 -18.29
C PRO A 83 8.92 6.46 -18.08
N LEU A 84 9.28 5.49 -18.92
CA LEU A 84 10.57 4.83 -18.83
C LEU A 84 11.67 5.68 -19.48
N GLU A 85 11.26 6.57 -20.37
CA GLU A 85 12.20 7.45 -21.07
C GLU A 85 12.84 8.44 -20.09
N MET A 1 -6.12 -6.40 -17.40
CA MET A 1 -5.64 -5.12 -16.88
C MET A 1 -4.12 -5.15 -16.67
N ARG A 2 -3.48 -4.02 -16.93
CA ARG A 2 -2.03 -3.91 -16.78
C ARG A 2 -1.66 -3.56 -15.33
N LEU A 3 -1.42 -4.60 -14.53
CA LEU A 3 -1.05 -4.39 -13.12
C LEU A 3 0.19 -5.19 -12.77
N VAL A 4 0.92 -4.73 -11.75
CA VAL A 4 2.13 -5.40 -11.31
C VAL A 4 2.28 -5.31 -9.80
N GLU A 5 2.70 -6.41 -9.18
CA GLU A 5 2.89 -6.45 -7.73
C GLU A 5 4.13 -5.66 -7.33
N ILE A 6 3.94 -4.64 -6.51
CA ILE A 6 5.05 -3.81 -6.05
C ILE A 6 5.46 -4.19 -4.63
N GLY A 7 4.48 -4.46 -3.78
CA GLY A 7 4.77 -4.83 -2.40
C GLY A 7 3.62 -5.57 -1.75
N ARG A 8 3.85 -6.07 -0.54
CA ARG A 8 2.83 -6.81 0.19
C ARG A 8 2.73 -6.32 1.63
N PHE A 9 1.52 -6.34 2.18
CA PHE A 9 1.29 -5.89 3.55
C PHE A 9 1.83 -6.92 4.55
N GLY A 10 2.44 -6.42 5.61
CA GLY A 10 2.98 -7.31 6.63
C GLY A 10 2.19 -7.27 7.93
N ALA A 11 2.60 -6.41 8.84
CA ALA A 11 1.92 -6.27 10.13
C ALA A 11 1.18 -4.94 10.23
N PRO A 12 0.05 -4.94 10.95
CA PRO A 12 -0.77 -3.74 11.13
C PRO A 12 -0.08 -2.70 12.02
N TYR A 13 0.30 -1.58 11.42
CA TYR A 13 0.96 -0.51 12.15
C TYR A 13 0.18 -0.14 13.41
N ALA A 14 0.73 0.79 14.19
CA ALA A 14 0.08 1.24 15.42
C ALA A 14 -1.41 1.43 15.21
N LEU A 15 -2.16 1.47 16.31
CA LEU A 15 -3.61 1.66 16.25
C LEU A 15 -3.97 2.75 15.25
N LYS A 16 -3.08 3.72 15.09
CA LYS A 16 -3.31 4.83 14.17
C LYS A 16 -4.04 4.36 12.93
N GLY A 17 -3.80 3.10 12.54
CA GLY A 17 -4.45 2.55 11.37
C GLY A 17 -3.47 2.34 10.22
N GLY A 18 -2.18 2.43 10.51
CA GLY A 18 -1.18 2.26 9.48
C GLY A 18 -0.94 0.80 9.14
N LEU A 19 -0.44 0.55 7.94
CA LEU A 19 -0.17 -0.80 7.49
C LEU A 19 1.24 -0.92 6.93
N ARG A 20 2.03 -1.85 7.47
CA ARG A 20 3.39 -2.06 7.02
C ARG A 20 3.42 -2.62 5.60
N PHE A 21 3.70 -1.76 4.63
CA PHE A 21 3.75 -2.17 3.23
C PHE A 21 5.20 -2.27 2.75
N ARG A 22 5.58 -3.45 2.28
CA ARG A 22 6.93 -3.67 1.79
C ARG A 22 6.93 -3.85 0.27
N GLY A 23 7.22 -2.76 -0.44
CA GLY A 23 7.26 -2.81 -1.90
C GLY A 23 8.38 -1.97 -2.47
N GLU A 24 8.55 -2.06 -3.79
CA GLU A 24 9.59 -1.30 -4.47
C GLU A 24 9.56 0.17 -4.06
N PRO A 25 10.71 0.86 -4.21
CA PRO A 25 10.82 2.27 -3.85
C PRO A 25 10.05 3.18 -4.80
N VAL A 26 9.67 2.63 -5.95
CA VAL A 26 8.91 3.39 -6.94
C VAL A 26 7.52 3.74 -6.42
N VAL A 27 7.13 3.11 -5.32
CA VAL A 27 5.82 3.35 -4.72
C VAL A 27 5.72 4.78 -4.19
N LEU A 28 6.87 5.39 -3.91
CA LEU A 28 6.91 6.74 -3.39
C LEU A 28 6.42 7.74 -4.44
N HIS A 29 6.12 7.24 -5.63
CA HIS A 29 5.63 8.08 -6.72
C HIS A 29 4.18 7.76 -7.05
N LEU A 30 3.63 6.76 -6.37
CA LEU A 30 2.26 6.33 -6.60
C LEU A 30 1.29 7.16 -5.76
N GLU A 31 0.04 7.23 -6.20
CA GLU A 31 -0.99 7.99 -5.48
C GLU A 31 -2.03 7.05 -4.88
N ARG A 32 -2.42 6.04 -5.64
CA ARG A 32 -3.41 5.08 -5.20
C ARG A 32 -2.85 3.66 -5.20
N VAL A 33 -3.61 2.71 -4.68
CA VAL A 33 -3.18 1.33 -4.61
C VAL A 33 -4.36 0.38 -4.87
N TYR A 34 -4.05 -0.90 -5.06
CA TYR A 34 -5.07 -1.91 -5.31
C TYR A 34 -4.94 -3.08 -4.33
N VAL A 35 -6.00 -3.30 -3.55
CA VAL A 35 -6.00 -4.38 -2.57
C VAL A 35 -6.46 -5.69 -3.22
N GLU A 36 -5.48 -6.50 -3.63
CA GLU A 36 -5.79 -7.78 -4.26
C GLU A 36 -6.58 -8.69 -3.31
N GLY A 37 -7.89 -8.74 -3.49
CA GLY A 37 -8.73 -9.56 -2.64
C GLY A 37 -10.07 -8.92 -2.35
N HIS A 38 -10.06 -7.62 -2.13
CA HIS A 38 -11.28 -6.88 -1.84
C HIS A 38 -11.59 -5.86 -2.94
N GLY A 39 -10.89 -4.73 -2.90
CA GLY A 39 -11.09 -3.69 -3.90
C GLY A 39 -9.94 -2.72 -3.97
N TRP A 40 -10.06 -1.73 -4.85
CA TRP A 40 -9.01 -0.73 -5.01
C TRP A 40 -9.08 0.32 -3.90
N ARG A 41 -7.91 0.69 -3.37
CA ARG A 41 -7.84 1.67 -2.31
C ARG A 41 -6.90 2.81 -2.67
N ALA A 42 -6.87 3.85 -1.85
CA ALA A 42 -6.02 5.00 -2.09
C ALA A 42 -5.04 5.21 -0.94
N ILE A 43 -3.91 5.84 -1.23
CA ILE A 43 -2.89 6.11 -0.22
C ILE A 43 -3.09 7.47 0.42
N GLU A 44 -3.16 7.50 1.75
CA GLU A 44 -3.36 8.74 2.48
C GLU A 44 -2.02 9.30 2.96
N ASP A 45 -1.20 8.45 3.56
CA ASP A 45 0.11 8.86 4.07
C ASP A 45 1.02 7.65 4.25
N LEU A 46 2.21 7.71 3.65
CA LEU A 46 3.17 6.62 3.76
C LEU A 46 4.57 7.17 3.96
N TYR A 47 5.46 6.31 4.47
CA TYR A 47 6.84 6.71 4.72
C TYR A 47 7.70 5.49 5.07
N ARG A 48 8.92 5.47 4.55
CA ARG A 48 9.84 4.37 4.81
C ARG A 48 10.45 4.48 6.22
N VAL A 49 9.91 3.69 7.14
CA VAL A 49 10.39 3.70 8.52
C VAL A 49 11.62 2.80 8.68
N GLY A 50 12.79 3.44 8.81
CA GLY A 50 14.02 2.68 8.97
C GLY A 50 14.29 1.77 7.79
N GLU A 51 14.09 0.47 8.00
CA GLU A 51 14.32 -0.51 6.94
C GLU A 51 13.00 -1.13 6.47
N GLU A 52 11.93 -0.36 6.59
CA GLU A 52 10.61 -0.83 6.18
C GLU A 52 9.73 0.34 5.72
N LEU A 53 8.52 0.02 5.27
CA LEU A 53 7.59 1.03 4.79
C LEU A 53 6.21 0.82 5.40
N VAL A 54 5.56 1.92 5.78
CA VAL A 54 4.23 1.86 6.37
C VAL A 54 3.25 2.73 5.58
N VAL A 55 2.42 2.10 4.76
CA VAL A 55 1.43 2.82 3.97
C VAL A 55 0.09 2.87 4.67
N HIS A 56 -0.53 4.04 4.68
CA HIS A 56 -1.83 4.22 5.32
C HIS A 56 -2.94 4.39 4.28
N LEU A 57 -3.75 3.36 4.12
CA LEU A 57 -4.85 3.38 3.16
C LEU A 57 -5.95 4.34 3.61
N ALA A 58 -6.88 4.63 2.72
CA ALA A 58 -7.98 5.53 3.02
C ALA A 58 -9.01 4.85 3.92
N GLY A 59 -9.60 5.62 4.83
CA GLY A 59 -10.59 5.07 5.74
C GLY A 59 -9.97 4.26 6.86
N VAL A 60 -9.17 3.27 6.49
CA VAL A 60 -8.51 2.42 7.47
C VAL A 60 -7.83 3.26 8.56
N THR A 61 -8.53 3.42 9.68
CA THR A 61 -8.00 4.19 10.80
C THR A 61 -8.10 3.41 12.10
N ASP A 62 -8.02 2.09 12.00
CA ASP A 62 -8.09 1.22 13.17
C ASP A 62 -7.42 -0.12 12.92
N ARG A 63 -6.92 -0.74 13.97
CA ARG A 63 -6.25 -2.03 13.85
C ARG A 63 -7.18 -3.07 13.20
N THR A 64 -8.46 -2.95 13.49
CA THR A 64 -9.45 -3.87 12.92
C THR A 64 -9.47 -3.81 11.40
N LEU A 65 -9.73 -2.62 10.87
CA LEU A 65 -9.78 -2.42 9.43
C LEU A 65 -8.47 -2.84 8.78
N ALA A 66 -7.36 -2.43 9.38
CA ALA A 66 -6.04 -2.75 8.86
C ALA A 66 -5.82 -4.27 8.84
N GLU A 67 -5.98 -4.89 10.00
CA GLU A 67 -5.79 -6.34 10.11
C GLU A 67 -6.54 -7.07 8.99
N ALA A 68 -7.73 -6.59 8.66
CA ALA A 68 -8.54 -7.19 7.61
C ALA A 68 -7.83 -7.13 6.26
N LEU A 69 -7.00 -6.09 6.08
CA LEU A 69 -6.26 -5.92 4.84
C LEU A 69 -4.79 -6.30 5.02
N VAL A 70 -4.52 -7.16 6.01
CA VAL A 70 -3.17 -7.60 6.29
C VAL A 70 -2.91 -8.98 5.69
N GLY A 71 -1.91 -9.06 4.81
CA GLY A 71 -1.58 -10.32 4.18
C GLY A 71 -1.71 -10.27 2.67
N LEU A 72 -2.73 -9.55 2.20
CA LEU A 72 -2.97 -9.43 0.76
C LEU A 72 -1.81 -8.70 0.08
N ARG A 73 -1.72 -8.86 -1.24
CA ARG A 73 -0.66 -8.21 -2.01
C ARG A 73 -1.21 -7.00 -2.75
N VAL A 74 -0.47 -5.89 -2.69
CA VAL A 74 -0.86 -4.66 -3.36
C VAL A 74 -0.37 -4.62 -4.79
N TYR A 75 -1.20 -4.14 -5.70
CA TYR A 75 -0.84 -4.06 -7.11
C TYR A 75 -0.74 -2.60 -7.56
N ALA A 76 0.03 -2.37 -8.61
CA ALA A 76 0.21 -1.02 -9.15
C ALA A 76 -0.25 -0.94 -10.60
N GLU A 77 -0.50 0.27 -11.07
CA GLU A 77 -0.94 0.49 -12.44
C GLU A 77 -0.02 1.46 -13.17
N VAL A 78 0.61 0.97 -14.24
CA VAL A 78 1.53 1.79 -15.02
C VAL A 78 0.87 3.11 -15.44
N ALA A 79 -0.42 3.05 -15.72
CA ALA A 79 -1.17 4.23 -16.13
C ALA A 79 -0.78 5.45 -15.28
N ASP A 80 -0.38 5.19 -14.04
CA ASP A 80 0.02 6.26 -13.13
C ASP A 80 1.52 6.50 -13.21
N LEU A 81 2.30 5.42 -13.24
CA LEU A 81 3.75 5.51 -13.32
C LEU A 81 4.18 6.66 -14.22
N PRO A 82 5.35 7.23 -13.92
CA PRO A 82 5.90 8.35 -14.70
C PRO A 82 6.35 7.92 -16.09
N PRO A 83 6.22 8.84 -17.06
CA PRO A 83 6.61 8.58 -18.45
C PRO A 83 8.13 8.46 -18.61
N LEU A 84 8.56 7.48 -19.39
CA LEU A 84 9.98 7.26 -19.64
C LEU A 84 10.57 8.39 -20.48
N GLU A 85 9.71 9.09 -21.20
CA GLU A 85 10.14 10.19 -22.05
C GLU A 85 10.83 11.28 -21.22
N MET A 1 -6.65 -5.55 -16.91
CA MET A 1 -5.89 -4.35 -16.61
C MET A 1 -4.40 -4.66 -16.49
N ARG A 2 -3.56 -3.75 -16.98
CA ARG A 2 -2.12 -3.92 -16.92
C ARG A 2 -1.58 -3.55 -15.55
N LEU A 3 -1.65 -4.49 -14.61
CA LEU A 3 -1.17 -4.27 -13.26
C LEU A 3 0.03 -5.14 -12.95
N VAL A 4 0.75 -4.82 -11.88
CA VAL A 4 1.93 -5.58 -11.48
C VAL A 4 2.16 -5.48 -9.98
N GLU A 5 2.59 -6.58 -9.37
CA GLU A 5 2.86 -6.61 -7.94
C GLU A 5 4.04 -5.72 -7.58
N ILE A 6 3.82 -4.81 -6.64
CA ILE A 6 4.87 -3.89 -6.21
C ILE A 6 5.32 -4.20 -4.78
N GLY A 7 4.35 -4.54 -3.93
CA GLY A 7 4.67 -4.86 -2.55
C GLY A 7 3.57 -5.67 -1.88
N ARG A 8 3.79 -6.03 -0.62
CA ARG A 8 2.81 -6.81 0.13
C ARG A 8 2.76 -6.36 1.59
N PHE A 9 1.55 -6.30 2.13
CA PHE A 9 1.36 -5.89 3.51
C PHE A 9 1.97 -6.89 4.48
N GLY A 10 2.45 -6.40 5.63
CA GLY A 10 3.05 -7.27 6.61
C GLY A 10 2.28 -7.29 7.92
N ALA A 11 2.58 -6.32 8.79
CA ALA A 11 1.91 -6.23 10.08
C ALA A 11 1.16 -4.90 10.22
N PRO A 12 0.06 -4.92 10.98
CA PRO A 12 -0.76 -3.73 11.22
C PRO A 12 -0.06 -2.69 12.08
N TYR A 13 0.19 -1.52 11.50
CA TYR A 13 0.86 -0.44 12.21
C TYR A 13 0.08 -0.04 13.46
N ALA A 14 0.64 0.90 14.23
CA ALA A 14 -0.01 1.37 15.44
C ALA A 14 -1.51 1.55 15.24
N LEU A 15 -2.25 1.63 16.33
CA LEU A 15 -3.70 1.80 16.27
C LEU A 15 -4.08 2.85 15.23
N LYS A 16 -3.18 3.82 15.02
CA LYS A 16 -3.42 4.88 14.06
C LYS A 16 -4.14 4.35 12.82
N GLY A 17 -3.93 3.07 12.53
CA GLY A 17 -4.57 2.46 11.38
C GLY A 17 -3.61 2.28 10.21
N GLY A 18 -2.31 2.39 10.50
CA GLY A 18 -1.31 2.23 9.46
C GLY A 18 -1.03 0.78 9.13
N LEU A 19 -0.60 0.53 7.89
CA LEU A 19 -0.30 -0.83 7.45
C LEU A 19 1.11 -0.91 6.88
N ARG A 20 1.91 -1.84 7.43
CA ARG A 20 3.29 -2.02 6.97
C ARG A 20 3.32 -2.60 5.56
N PHE A 21 3.58 -1.74 4.58
CA PHE A 21 3.64 -2.16 3.18
C PHE A 21 5.09 -2.24 2.70
N ARG A 22 5.48 -3.41 2.23
CA ARG A 22 6.84 -3.62 1.74
C ARG A 22 6.84 -3.83 0.23
N GLY A 23 7.10 -2.75 -0.51
CA GLY A 23 7.12 -2.83 -1.96
C GLY A 23 8.21 -1.96 -2.57
N GLU A 24 8.49 -2.18 -3.85
CA GLU A 24 9.51 -1.41 -4.55
C GLU A 24 9.48 0.05 -4.12
N PRO A 25 10.63 0.74 -4.25
CA PRO A 25 10.77 2.15 -3.88
C PRO A 25 9.99 3.07 -4.81
N VAL A 26 9.72 2.60 -6.02
CA VAL A 26 8.97 3.38 -6.99
C VAL A 26 7.60 3.74 -6.48
N VAL A 27 7.17 3.06 -5.42
CA VAL A 27 5.86 3.31 -4.83
C VAL A 27 5.78 4.71 -4.22
N LEU A 28 6.95 5.33 -4.03
CA LEU A 28 7.02 6.67 -3.46
C LEU A 28 6.58 7.72 -4.47
N HIS A 29 6.23 7.26 -5.68
CA HIS A 29 5.79 8.16 -6.73
C HIS A 29 4.33 7.89 -7.11
N LEU A 30 3.68 7.03 -6.34
CA LEU A 30 2.28 6.67 -6.59
C LEU A 30 1.35 7.45 -5.66
N GLU A 31 0.05 7.36 -5.92
CA GLU A 31 -0.94 8.06 -5.11
C GLU A 31 -2.04 7.10 -4.66
N ARG A 32 -2.30 6.08 -5.48
CA ARG A 32 -3.33 5.09 -5.15
C ARG A 32 -2.74 3.69 -5.15
N VAL A 33 -3.54 2.72 -4.68
CA VAL A 33 -3.10 1.33 -4.63
C VAL A 33 -4.26 0.38 -4.86
N TYR A 34 -3.94 -0.90 -5.07
CA TYR A 34 -4.97 -1.91 -5.31
C TYR A 34 -4.82 -3.07 -4.35
N VAL A 35 -5.84 -3.28 -3.53
CA VAL A 35 -5.83 -4.37 -2.55
C VAL A 35 -6.27 -5.68 -3.18
N GLU A 36 -5.30 -6.48 -3.60
CA GLU A 36 -5.58 -7.77 -4.22
C GLU A 36 -6.35 -8.67 -3.26
N GLY A 37 -7.66 -8.74 -3.45
CA GLY A 37 -8.50 -9.56 -2.60
C GLY A 37 -9.85 -8.94 -2.32
N HIS A 38 -9.86 -7.63 -2.11
CA HIS A 38 -11.09 -6.91 -1.83
C HIS A 38 -11.40 -5.90 -2.94
N GLY A 39 -10.72 -4.76 -2.90
CA GLY A 39 -10.93 -3.74 -3.90
C GLY A 39 -9.78 -2.74 -3.96
N TRP A 40 -9.91 -1.76 -4.85
CA TRP A 40 -8.86 -0.74 -5.00
C TRP A 40 -8.93 0.28 -3.87
N ARG A 41 -7.77 0.60 -3.31
CA ARG A 41 -7.70 1.56 -2.22
C ARG A 41 -6.83 2.76 -2.59
N ALA A 42 -6.91 3.82 -1.80
CA ALA A 42 -6.12 5.02 -2.06
C ALA A 42 -5.15 5.30 -0.92
N ILE A 43 -4.02 5.91 -1.25
CA ILE A 43 -3.01 6.23 -0.25
C ILE A 43 -3.24 7.61 0.34
N GLU A 44 -3.12 7.71 1.67
CA GLU A 44 -3.33 8.98 2.35
C GLU A 44 -2.01 9.48 2.96
N ASP A 45 -1.26 8.57 3.55
CA ASP A 45 0.02 8.92 4.16
C ASP A 45 0.92 7.68 4.29
N LEU A 46 2.14 7.80 3.78
CA LEU A 46 3.09 6.69 3.84
C LEU A 46 4.52 7.21 4.02
N TYR A 47 5.40 6.35 4.51
CA TYR A 47 6.79 6.71 4.73
C TYR A 47 7.63 5.48 5.07
N ARG A 48 8.85 5.45 4.54
CA ARG A 48 9.76 4.34 4.78
C ARG A 48 10.38 4.44 6.18
N VAL A 49 9.86 3.64 7.10
CA VAL A 49 10.37 3.64 8.47
C VAL A 49 11.59 2.73 8.60
N GLY A 50 12.76 3.33 8.78
CA GLY A 50 13.98 2.56 8.92
C GLY A 50 14.22 1.64 7.74
N GLU A 51 14.02 0.34 7.96
CA GLU A 51 14.22 -0.65 6.91
C GLU A 51 12.89 -1.25 6.47
N GLU A 52 11.83 -0.45 6.56
CA GLU A 52 10.50 -0.90 6.17
C GLU A 52 9.64 0.27 5.71
N LEU A 53 8.42 -0.03 5.27
CA LEU A 53 7.50 1.01 4.80
C LEU A 53 6.11 0.81 5.40
N VAL A 54 5.48 1.92 5.78
CA VAL A 54 4.15 1.87 6.37
C VAL A 54 3.17 2.75 5.58
N VAL A 55 2.33 2.10 4.78
CA VAL A 55 1.34 2.82 3.99
C VAL A 55 -0.01 2.88 4.69
N HIS A 56 -0.61 4.06 4.71
CA HIS A 56 -1.90 4.25 5.36
C HIS A 56 -3.01 4.39 4.33
N LEU A 57 -3.74 3.30 4.09
CA LEU A 57 -4.83 3.32 3.13
C LEU A 57 -6.01 4.15 3.63
N ALA A 58 -6.69 4.82 2.70
CA ALA A 58 -7.84 5.64 3.05
C ALA A 58 -8.90 4.83 3.77
N GLY A 59 -9.46 5.39 4.84
CA GLY A 59 -10.48 4.69 5.59
C GLY A 59 -9.92 3.94 6.78
N VAL A 60 -8.90 3.12 6.53
CA VAL A 60 -8.27 2.33 7.59
C VAL A 60 -7.72 3.23 8.69
N THR A 61 -8.48 3.36 9.77
CA THR A 61 -8.06 4.18 10.90
C THR A 61 -8.15 3.41 12.21
N ASP A 62 -8.12 2.09 12.12
CA ASP A 62 -8.18 1.24 13.30
C ASP A 62 -7.47 -0.09 13.05
N ARG A 63 -6.92 -0.67 14.11
CA ARG A 63 -6.21 -1.93 14.01
C ARG A 63 -7.09 -2.99 13.36
N THR A 64 -8.38 -2.96 13.67
CA THR A 64 -9.32 -3.93 13.12
C THR A 64 -9.35 -3.85 11.60
N LEU A 65 -9.74 -2.69 11.08
CA LEU A 65 -9.81 -2.49 9.63
C LEU A 65 -8.50 -2.88 8.96
N ALA A 66 -7.39 -2.41 9.53
CA ALA A 66 -6.07 -2.70 8.99
C ALA A 66 -5.81 -4.20 8.97
N GLU A 67 -6.04 -4.85 10.11
CA GLU A 67 -5.82 -6.29 10.22
C GLU A 67 -6.56 -7.03 9.11
N ALA A 68 -7.72 -6.51 8.73
CA ALA A 68 -8.52 -7.12 7.68
C ALA A 68 -7.80 -7.09 6.33
N LEU A 69 -6.98 -6.06 6.14
CA LEU A 69 -6.23 -5.91 4.90
C LEU A 69 -4.77 -6.36 5.08
N VAL A 70 -4.55 -7.22 6.06
CA VAL A 70 -3.21 -7.72 6.34
C VAL A 70 -3.00 -9.11 5.75
N GLY A 71 -2.00 -9.25 4.91
CA GLY A 71 -1.71 -10.53 4.29
C GLY A 71 -1.82 -10.48 2.78
N LEU A 72 -2.66 -9.57 2.27
CA LEU A 72 -2.86 -9.43 0.84
C LEU A 72 -1.74 -8.63 0.21
N ARG A 73 -1.63 -8.70 -1.12
CA ARG A 73 -0.59 -7.98 -1.83
C ARG A 73 -1.18 -6.78 -2.57
N VAL A 74 -0.36 -5.75 -2.77
CA VAL A 74 -0.79 -4.54 -3.46
C VAL A 74 -0.24 -4.49 -4.88
N TYR A 75 -1.08 -4.10 -5.82
CA TYR A 75 -0.67 -4.01 -7.23
C TYR A 75 -0.50 -2.54 -7.65
N ALA A 76 0.10 -2.35 -8.82
CA ALA A 76 0.33 -1.01 -9.34
C ALA A 76 -0.07 -0.91 -10.80
N GLU A 77 -0.38 0.30 -11.25
CA GLU A 77 -0.78 0.52 -12.64
C GLU A 77 0.26 1.35 -13.38
N VAL A 78 0.67 0.88 -14.54
CA VAL A 78 1.67 1.58 -15.35
C VAL A 78 1.11 2.89 -15.89
N ALA A 79 -0.18 3.12 -15.68
CA ALA A 79 -0.82 4.33 -16.13
C ALA A 79 -0.62 5.47 -15.15
N ASP A 80 -0.05 5.14 -13.98
CA ASP A 80 0.19 6.14 -12.94
C ASP A 80 1.69 6.29 -12.70
N LEU A 81 2.48 5.42 -13.30
CA LEU A 81 3.93 5.45 -13.14
C LEU A 81 4.55 6.50 -14.04
N PRO A 82 5.63 7.13 -13.57
CA PRO A 82 6.36 8.17 -14.33
C PRO A 82 7.09 7.59 -15.54
N PRO A 83 7.25 8.42 -16.58
CA PRO A 83 7.94 8.02 -17.80
C PRO A 83 9.44 7.84 -17.59
N LEU A 84 10.06 7.03 -18.46
CA LEU A 84 11.49 6.77 -18.37
C LEU A 84 12.29 8.06 -18.50
N GLU A 85 11.67 9.08 -19.09
CA GLU A 85 12.32 10.37 -19.27
C GLU A 85 12.12 11.26 -18.06
N MET A 1 -6.27 -6.08 -17.87
CA MET A 1 -5.70 -4.88 -17.23
C MET A 1 -4.18 -5.00 -17.12
N ARG A 2 -3.51 -3.86 -16.97
CA ARG A 2 -2.06 -3.83 -16.85
C ARG A 2 -1.64 -3.50 -15.42
N LEU A 3 -1.54 -4.52 -14.58
CA LEU A 3 -1.15 -4.34 -13.19
C LEU A 3 0.07 -5.20 -12.85
N VAL A 4 0.77 -4.81 -11.79
CA VAL A 4 1.96 -5.54 -11.35
C VAL A 4 2.14 -5.44 -9.84
N GLU A 5 2.72 -6.48 -9.25
CA GLU A 5 2.95 -6.51 -7.81
C GLU A 5 4.23 -5.75 -7.45
N ILE A 6 4.09 -4.77 -6.57
CA ILE A 6 5.24 -3.97 -6.14
C ILE A 6 5.61 -4.28 -4.70
N GLY A 7 4.61 -4.51 -3.86
CA GLY A 7 4.85 -4.82 -2.47
C GLY A 7 3.70 -5.59 -1.83
N ARG A 8 3.92 -6.06 -0.61
CA ARG A 8 2.90 -6.81 0.11
C ARG A 8 2.79 -6.35 1.56
N PHE A 9 1.57 -6.36 2.09
CA PHE A 9 1.34 -5.94 3.47
C PHE A 9 1.85 -6.99 4.45
N GLY A 10 2.50 -6.52 5.51
CA GLY A 10 3.04 -7.42 6.51
C GLY A 10 2.23 -7.41 7.80
N ALA A 11 2.58 -6.51 8.70
CA ALA A 11 1.89 -6.39 9.98
C ALA A 11 1.16 -5.05 10.10
N PRO A 12 0.04 -5.04 10.82
CA PRO A 12 -0.76 -3.83 11.03
C PRO A 12 -0.06 -2.81 11.91
N TYR A 13 0.35 -1.70 11.31
CA TYR A 13 1.04 -0.64 12.05
C TYR A 13 0.28 -0.28 13.33
N ALA A 14 0.83 0.65 14.10
CA ALA A 14 0.21 1.09 15.34
C ALA A 14 -1.29 1.26 15.16
N LEU A 15 -2.00 1.37 16.28
CA LEU A 15 -3.45 1.54 16.26
C LEU A 15 -3.85 2.70 15.34
N LYS A 16 -2.89 3.56 15.04
CA LYS A 16 -3.13 4.71 14.17
C LYS A 16 -3.94 4.30 12.94
N GLY A 17 -3.71 3.07 12.48
CA GLY A 17 -4.41 2.57 11.31
C GLY A 17 -3.49 2.36 10.13
N GLY A 18 -2.19 2.43 10.37
CA GLY A 18 -1.22 2.24 9.31
C GLY A 18 -0.97 0.78 9.01
N LEU A 19 -0.54 0.49 7.78
CA LEU A 19 -0.27 -0.88 7.38
C LEU A 19 1.14 -1.01 6.80
N ARG A 20 1.92 -1.92 7.37
CA ARG A 20 3.28 -2.14 6.91
C ARG A 20 3.31 -2.64 5.47
N PHE A 21 3.72 -1.78 4.55
CA PHE A 21 3.78 -2.14 3.14
C PHE A 21 5.23 -2.25 2.66
N ARG A 22 5.59 -3.42 2.14
CA ARG A 22 6.95 -3.66 1.66
C ARG A 22 6.96 -3.78 0.13
N GLY A 23 7.28 -2.68 -0.53
CA GLY A 23 7.32 -2.68 -1.99
C GLY A 23 8.46 -1.84 -2.53
N GLU A 24 8.65 -1.89 -3.85
CA GLU A 24 9.71 -1.12 -4.49
C GLU A 24 9.67 0.34 -4.06
N PRO A 25 10.80 1.04 -4.23
CA PRO A 25 10.93 2.45 -3.86
C PRO A 25 10.11 3.36 -4.76
N VAL A 26 9.68 2.83 -5.90
CA VAL A 26 8.89 3.59 -6.86
C VAL A 26 7.53 3.94 -6.28
N VAL A 27 7.15 3.25 -5.21
CA VAL A 27 5.86 3.48 -4.56
C VAL A 27 5.79 4.89 -3.98
N LEU A 28 6.94 5.55 -3.91
CA LEU A 28 7.00 6.91 -3.37
C LEU A 28 6.51 7.93 -4.39
N HIS A 29 6.18 7.45 -5.59
CA HIS A 29 5.70 8.32 -6.66
C HIS A 29 4.24 8.00 -6.99
N LEU A 30 3.68 7.00 -6.31
CA LEU A 30 2.30 6.59 -6.54
C LEU A 30 1.35 7.40 -5.66
N GLU A 31 0.05 7.23 -5.90
CA GLU A 31 -0.96 7.94 -5.12
C GLU A 31 -2.05 6.98 -4.63
N ARG A 32 -2.34 5.97 -5.44
CA ARG A 32 -3.36 4.99 -5.09
C ARG A 32 -2.79 3.57 -5.16
N VAL A 33 -3.48 2.63 -4.53
CA VAL A 33 -3.05 1.23 -4.53
C VAL A 33 -4.22 0.29 -4.78
N TYR A 34 -3.92 -0.99 -4.91
CA TYR A 34 -4.95 -2.00 -5.16
C TYR A 34 -4.81 -3.17 -4.19
N VAL A 35 -5.85 -3.37 -3.37
CA VAL A 35 -5.85 -4.45 -2.40
C VAL A 35 -6.32 -5.76 -3.02
N GLU A 36 -5.37 -6.58 -3.46
CA GLU A 36 -5.70 -7.86 -4.08
C GLU A 36 -6.46 -8.75 -3.11
N GLY A 37 -7.77 -8.80 -3.27
CA GLY A 37 -8.60 -9.62 -2.40
C GLY A 37 -9.94 -8.98 -2.09
N HIS A 38 -9.93 -7.66 -1.90
CA HIS A 38 -11.15 -6.92 -1.59
C HIS A 38 -11.45 -5.91 -2.69
N GLY A 39 -10.74 -4.78 -2.67
CA GLY A 39 -10.95 -3.75 -3.66
C GLY A 39 -9.79 -2.79 -3.76
N TRP A 40 -9.91 -1.80 -4.64
CA TRP A 40 -8.85 -0.81 -4.84
C TRP A 40 -8.89 0.24 -3.73
N ARG A 41 -7.74 0.45 -3.08
CA ARG A 41 -7.65 1.42 -2.01
C ARG A 41 -6.75 2.59 -2.41
N ALA A 42 -6.89 3.71 -1.71
CA ALA A 42 -6.09 4.89 -2.00
C ALA A 42 -5.09 5.17 -0.89
N ILE A 43 -4.04 5.90 -1.21
CA ILE A 43 -3.00 6.24 -0.24
C ILE A 43 -3.20 7.64 0.31
N GLU A 44 -3.08 7.78 1.63
CA GLU A 44 -3.25 9.08 2.28
C GLU A 44 -1.92 9.58 2.84
N ASP A 45 -1.18 8.69 3.49
CA ASP A 45 0.10 9.04 4.07
C ASP A 45 0.98 7.79 4.26
N LEU A 46 2.25 7.91 3.91
CA LEU A 46 3.18 6.80 4.03
C LEU A 46 4.61 7.31 4.22
N TYR A 47 5.48 6.43 4.72
CA TYR A 47 6.88 6.78 4.95
C TYR A 47 7.72 5.54 5.22
N ARG A 48 8.93 5.53 4.68
CA ARG A 48 9.85 4.41 4.86
C ARG A 48 10.47 4.43 6.25
N VAL A 49 9.92 3.61 7.15
CA VAL A 49 10.42 3.53 8.52
C VAL A 49 11.61 2.58 8.61
N GLY A 50 12.80 3.14 8.81
CA GLY A 50 14.00 2.34 8.91
C GLY A 50 14.23 1.49 7.69
N GLU A 51 13.99 0.19 7.80
CA GLU A 51 14.18 -0.74 6.69
C GLU A 51 12.85 -1.29 6.20
N GLU A 52 11.80 -0.48 6.32
CA GLU A 52 10.47 -0.89 5.90
C GLU A 52 9.63 0.32 5.52
N LEU A 53 8.41 0.06 5.05
CA LEU A 53 7.50 1.14 4.64
C LEU A 53 6.11 0.93 5.25
N VAL A 54 5.48 2.02 5.66
CA VAL A 54 4.15 1.96 6.25
C VAL A 54 3.17 2.83 5.48
N VAL A 55 2.33 2.19 4.67
CA VAL A 55 1.34 2.91 3.87
C VAL A 55 -0.01 2.95 4.59
N HIS A 56 -0.61 4.14 4.65
CA HIS A 56 -1.90 4.32 5.29
C HIS A 56 -3.02 4.44 4.27
N LEU A 57 -3.74 3.34 4.06
CA LEU A 57 -4.84 3.33 3.09
C LEU A 57 -6.01 4.17 3.59
N ALA A 58 -6.74 4.77 2.66
CA ALA A 58 -7.89 5.60 3.00
C ALA A 58 -9.00 4.76 3.63
N GLY A 59 -9.65 5.33 4.64
CA GLY A 59 -10.72 4.62 5.32
C GLY A 59 -10.22 3.84 6.54
N VAL A 60 -9.03 3.26 6.41
CA VAL A 60 -8.45 2.48 7.51
C VAL A 60 -7.96 3.40 8.63
N THR A 61 -8.80 3.56 9.65
CA THR A 61 -8.46 4.40 10.79
C THR A 61 -8.54 3.62 12.09
N ASP A 62 -8.38 2.30 11.99
CA ASP A 62 -8.43 1.45 13.18
C ASP A 62 -7.68 0.14 12.93
N ARG A 63 -7.25 -0.50 14.01
CA ARG A 63 -6.51 -1.75 13.91
C ARG A 63 -7.35 -2.82 13.22
N THR A 64 -8.65 -2.83 13.51
CA THR A 64 -9.57 -3.80 12.92
C THR A 64 -9.53 -3.74 11.40
N LEU A 65 -9.84 -2.56 10.85
CA LEU A 65 -9.85 -2.36 9.41
C LEU A 65 -8.51 -2.75 8.81
N ALA A 66 -7.43 -2.26 9.38
CA ALA A 66 -6.08 -2.55 8.91
C ALA A 66 -5.85 -4.06 8.88
N GLU A 67 -6.07 -4.72 10.01
CA GLU A 67 -5.87 -6.15 10.11
C GLU A 67 -6.61 -6.89 9.00
N ALA A 68 -7.78 -6.38 8.64
CA ALA A 68 -8.59 -6.99 7.59
C ALA A 68 -7.86 -6.95 6.25
N LEU A 69 -6.99 -5.96 6.09
CA LEU A 69 -6.22 -5.82 4.85
C LEU A 69 -4.78 -6.26 5.05
N VAL A 70 -4.57 -7.19 5.97
CA VAL A 70 -3.23 -7.70 6.25
C VAL A 70 -3.04 -9.08 5.66
N GLY A 71 -1.95 -9.24 4.90
CA GLY A 71 -1.66 -10.52 4.28
C GLY A 71 -1.82 -10.49 2.78
N LEU A 72 -2.74 -9.65 2.30
CA LEU A 72 -3.00 -9.53 0.88
C LEU A 72 -1.84 -8.82 0.17
N ARG A 73 -1.84 -8.88 -1.16
CA ARG A 73 -0.79 -8.24 -1.95
C ARG A 73 -1.32 -6.97 -2.62
N VAL A 74 -0.44 -5.98 -2.76
CA VAL A 74 -0.80 -4.72 -3.39
C VAL A 74 -0.33 -4.66 -4.84
N TYR A 75 -1.23 -4.27 -5.72
CA TYR A 75 -0.91 -4.17 -7.14
C TYR A 75 -0.84 -2.71 -7.60
N ALA A 76 -0.02 -2.45 -8.60
CA ALA A 76 0.15 -1.11 -9.12
C ALA A 76 -0.30 -1.03 -10.58
N GLU A 77 -0.51 0.20 -11.06
CA GLU A 77 -0.95 0.41 -12.44
C GLU A 77 0.05 1.28 -13.19
N VAL A 78 0.69 0.69 -14.19
CA VAL A 78 1.68 1.41 -15.00
C VAL A 78 1.13 2.75 -15.47
N ALA A 79 -0.18 2.79 -15.72
CA ALA A 79 -0.83 4.01 -16.17
C ALA A 79 -0.35 5.22 -15.38
N ASP A 80 -0.12 5.03 -14.08
CA ASP A 80 0.34 6.10 -13.22
C ASP A 80 1.86 6.18 -13.21
N LEU A 81 2.51 5.02 -13.17
CA LEU A 81 3.98 4.95 -13.15
C LEU A 81 4.56 5.84 -14.25
N PRO A 82 5.74 6.42 -13.97
CA PRO A 82 6.44 7.29 -14.92
C PRO A 82 6.98 6.53 -16.12
N PRO A 83 7.03 7.21 -17.28
CA PRO A 83 7.52 6.62 -18.53
C PRO A 83 9.02 6.36 -18.50
N LEU A 84 9.44 5.21 -18.99
CA LEU A 84 10.85 4.85 -19.03
C LEU A 84 11.56 5.53 -20.19
N GLU A 85 11.27 6.81 -20.39
CA GLU A 85 11.88 7.58 -21.47
C GLU A 85 13.27 8.07 -21.07
N MET A 1 -6.40 -5.90 -17.13
CA MET A 1 -5.77 -4.78 -16.45
C MET A 1 -4.28 -5.05 -16.21
N ARG A 2 -3.43 -4.37 -16.97
CA ARG A 2 -1.99 -4.54 -16.84
C ARG A 2 -1.49 -4.00 -15.50
N LEU A 3 -1.47 -4.88 -14.50
CA LEU A 3 -1.01 -4.49 -13.17
C LEU A 3 0.24 -5.28 -12.77
N VAL A 4 0.97 -4.75 -11.80
CA VAL A 4 2.20 -5.39 -11.33
C VAL A 4 2.31 -5.31 -9.81
N GLU A 5 2.97 -6.29 -9.21
CA GLU A 5 3.16 -6.33 -7.77
C GLU A 5 4.32 -5.43 -7.34
N ILE A 6 4.04 -4.47 -6.46
CA ILE A 6 5.06 -3.56 -5.97
C ILE A 6 5.44 -3.88 -4.54
N GLY A 7 4.45 -4.22 -3.72
CA GLY A 7 4.70 -4.55 -2.33
C GLY A 7 3.60 -5.38 -1.72
N ARG A 8 3.78 -5.79 -0.46
CA ARG A 8 2.79 -6.61 0.23
C ARG A 8 2.66 -6.18 1.69
N PHE A 9 1.44 -6.18 2.19
CA PHE A 9 1.19 -5.78 3.57
C PHE A 9 1.70 -6.84 4.54
N GLY A 10 2.56 -6.42 5.47
CA GLY A 10 3.12 -7.35 6.44
C GLY A 10 2.33 -7.36 7.73
N ALA A 11 2.67 -6.46 8.65
CA ALA A 11 1.99 -6.39 9.93
C ALA A 11 1.25 -5.07 10.08
N PRO A 12 0.16 -5.08 10.86
CA PRO A 12 -0.65 -3.89 11.10
C PRO A 12 0.06 -2.86 11.96
N TYR A 13 0.32 -1.69 11.39
CA TYR A 13 1.01 -0.62 12.10
C TYR A 13 0.27 -0.25 13.38
N ALA A 14 0.84 0.66 14.16
CA ALA A 14 0.24 1.10 15.41
C ALA A 14 -1.27 1.31 15.25
N LEU A 15 -1.97 1.40 16.36
CA LEU A 15 -3.41 1.61 16.34
C LEU A 15 -3.80 2.74 15.40
N LYS A 16 -2.88 3.68 15.22
CA LYS A 16 -3.12 4.83 14.34
C LYS A 16 -3.95 4.41 13.13
N GLY A 17 -3.79 3.16 12.71
CA GLY A 17 -4.54 2.67 11.56
C GLY A 17 -3.66 2.51 10.33
N GLY A 18 -2.36 2.39 10.55
CA GLY A 18 -1.44 2.24 9.43
C GLY A 18 -1.13 0.79 9.12
N LEU A 19 -0.67 0.53 7.90
CA LEU A 19 -0.35 -0.83 7.47
C LEU A 19 1.07 -0.90 6.91
N ARG A 20 1.87 -1.80 7.45
CA ARG A 20 3.25 -1.97 7.00
C ARG A 20 3.28 -2.51 5.57
N PHE A 21 3.56 -1.63 4.62
CA PHE A 21 3.63 -2.02 3.22
C PHE A 21 5.08 -2.11 2.75
N ARG A 22 5.48 -3.32 2.36
CA ARG A 22 6.85 -3.55 1.89
C ARG A 22 6.88 -3.67 0.37
N GLY A 23 7.20 -2.57 -0.30
CA GLY A 23 7.27 -2.57 -1.75
C GLY A 23 8.40 -1.71 -2.28
N GLU A 24 8.71 -1.86 -3.57
CA GLU A 24 9.78 -1.10 -4.19
C GLU A 24 9.67 0.38 -3.83
N PRO A 25 10.79 1.11 -4.00
CA PRO A 25 10.85 2.54 -3.70
C PRO A 25 10.04 3.38 -4.68
N VAL A 26 9.61 2.75 -5.77
CA VAL A 26 8.81 3.44 -6.78
C VAL A 26 7.44 3.83 -6.24
N VAL A 27 7.05 3.21 -5.13
CA VAL A 27 5.77 3.50 -4.50
C VAL A 27 5.70 4.94 -4.02
N LEU A 28 6.87 5.55 -3.83
CA LEU A 28 6.94 6.93 -3.36
C LEU A 28 6.45 7.89 -4.45
N HIS A 29 6.27 7.37 -5.66
CA HIS A 29 5.80 8.19 -6.77
C HIS A 29 4.36 7.84 -7.13
N LEU A 30 3.82 6.82 -6.47
CA LEU A 30 2.45 6.39 -6.71
C LEU A 30 1.46 7.26 -5.96
N GLU A 31 0.17 7.11 -6.28
CA GLU A 31 -0.87 7.89 -5.63
C GLU A 31 -1.94 6.98 -5.04
N ARG A 32 -2.27 5.92 -5.77
CA ARG A 32 -3.29 4.97 -5.31
C ARG A 32 -2.75 3.54 -5.35
N VAL A 33 -3.50 2.61 -4.77
CA VAL A 33 -3.10 1.20 -4.75
C VAL A 33 -4.30 0.29 -4.95
N TYR A 34 -4.03 -1.01 -5.05
CA TYR A 34 -5.09 -1.99 -5.24
C TYR A 34 -4.96 -3.14 -4.24
N VAL A 35 -5.99 -3.31 -3.42
CA VAL A 35 -5.99 -4.38 -2.42
C VAL A 35 -6.50 -5.69 -3.01
N GLU A 36 -5.56 -6.54 -3.44
CA GLU A 36 -5.91 -7.83 -4.02
C GLU A 36 -6.71 -8.67 -3.04
N GLY A 37 -8.04 -8.68 -3.21
CA GLY A 37 -8.90 -9.45 -2.33
C GLY A 37 -10.21 -8.76 -2.05
N HIS A 38 -10.16 -7.46 -1.79
CA HIS A 38 -11.36 -6.68 -1.51
C HIS A 38 -11.65 -5.70 -2.64
N GLY A 39 -10.92 -4.59 -2.65
CA GLY A 39 -11.10 -3.58 -3.68
C GLY A 39 -9.93 -2.65 -3.80
N TRP A 40 -10.02 -1.68 -4.71
CA TRP A 40 -8.95 -0.72 -4.93
C TRP A 40 -8.94 0.33 -3.82
N ARG A 41 -7.76 0.53 -3.23
CA ARG A 41 -7.62 1.51 -2.15
C ARG A 41 -6.61 2.59 -2.53
N ALA A 42 -6.86 3.81 -2.07
CA ALA A 42 -5.98 4.93 -2.36
C ALA A 42 -5.06 5.23 -1.17
N ILE A 43 -3.89 5.78 -1.46
CA ILE A 43 -2.92 6.12 -0.42
C ILE A 43 -3.16 7.53 0.11
N GLU A 44 -3.10 7.67 1.43
CA GLU A 44 -3.30 8.97 2.07
C GLU A 44 -2.00 9.49 2.68
N ASP A 45 -1.20 8.57 3.21
CA ASP A 45 0.07 8.94 3.81
C ASP A 45 0.94 7.71 4.06
N LEU A 46 2.21 7.82 3.73
CA LEU A 46 3.15 6.71 3.92
C LEU A 46 4.56 7.22 4.13
N TYR A 47 5.43 6.35 4.65
CA TYR A 47 6.81 6.72 4.92
C TYR A 47 7.66 5.48 5.22
N ARG A 48 8.89 5.48 4.72
CA ARG A 48 9.79 4.36 4.92
C ARG A 48 10.42 4.42 6.32
N VAL A 49 10.00 3.49 7.18
CA VAL A 49 10.51 3.43 8.54
C VAL A 49 11.68 2.47 8.65
N GLY A 50 12.88 3.02 8.75
CA GLY A 50 14.08 2.20 8.86
C GLY A 50 14.26 1.29 7.66
N GLU A 51 14.01 0.01 7.86
CA GLU A 51 14.16 -0.97 6.78
C GLU A 51 12.80 -1.49 6.33
N GLU A 52 11.77 -0.67 6.50
CA GLU A 52 10.41 -1.06 6.11
C GLU A 52 9.61 0.17 5.68
N LEU A 53 8.38 -0.07 5.23
CA LEU A 53 7.51 1.01 4.79
C LEU A 53 6.10 0.84 5.36
N VAL A 54 5.45 1.95 5.66
CA VAL A 54 4.10 1.93 6.22
C VAL A 54 3.15 2.77 5.37
N VAL A 55 2.20 2.11 4.72
CA VAL A 55 1.23 2.79 3.89
C VAL A 55 -0.12 2.92 4.59
N HIS A 56 -0.71 4.11 4.52
CA HIS A 56 -2.00 4.35 5.16
C HIS A 56 -3.11 4.42 4.11
N LEU A 57 -3.83 3.32 3.95
CA LEU A 57 -4.93 3.25 2.98
C LEU A 57 -6.10 4.10 3.44
N ALA A 58 -6.83 4.66 2.48
CA ALA A 58 -7.98 5.49 2.78
C ALA A 58 -9.10 4.68 3.42
N GLY A 59 -9.48 5.05 4.64
CA GLY A 59 -10.53 4.34 5.33
C GLY A 59 -10.02 3.57 6.54
N VAL A 60 -8.82 2.99 6.39
CA VAL A 60 -8.21 2.22 7.47
C VAL A 60 -7.62 3.14 8.53
N THR A 61 -8.32 3.27 9.65
CA THR A 61 -7.86 4.11 10.75
C THR A 61 -7.77 3.33 12.06
N ASP A 62 -8.47 2.20 12.11
CA ASP A 62 -8.46 1.34 13.29
C ASP A 62 -7.72 0.04 13.03
N ARG A 63 -7.09 -0.49 14.07
CA ARG A 63 -6.34 -1.74 13.95
C ARG A 63 -7.14 -2.79 13.19
N THR A 64 -8.41 -2.97 13.59
CA THR A 64 -9.27 -3.94 12.95
C THR A 64 -9.22 -3.83 11.44
N LEU A 65 -9.73 -2.71 10.92
CA LEU A 65 -9.74 -2.48 9.48
C LEU A 65 -8.40 -2.88 8.86
N ALA A 66 -7.31 -2.49 9.50
CA ALA A 66 -5.98 -2.81 9.02
C ALA A 66 -5.76 -4.32 8.96
N GLU A 67 -6.06 -4.99 10.06
CA GLU A 67 -5.89 -6.43 10.15
C GLU A 67 -6.64 -7.14 9.02
N ALA A 68 -7.70 -6.48 8.53
CA ALA A 68 -8.50 -7.04 7.45
C ALA A 68 -7.76 -6.96 6.11
N LEU A 69 -6.85 -5.99 6.00
CA LEU A 69 -6.08 -5.80 4.78
C LEU A 69 -4.64 -6.25 4.98
N VAL A 70 -4.41 -7.10 5.99
CA VAL A 70 -3.08 -7.60 6.29
C VAL A 70 -2.87 -8.98 5.65
N GLY A 71 -1.77 -9.11 4.90
CA GLY A 71 -1.47 -10.37 4.25
C GLY A 71 -1.66 -10.32 2.75
N LEU A 72 -2.64 -9.55 2.30
CA LEU A 72 -2.92 -9.41 0.88
C LEU A 72 -1.79 -8.68 0.17
N ARG A 73 -1.78 -8.76 -1.15
CA ARG A 73 -0.75 -8.11 -1.96
C ARG A 73 -1.30 -6.85 -2.62
N VAL A 74 -0.45 -5.84 -2.75
CA VAL A 74 -0.84 -4.58 -3.37
C VAL A 74 -0.33 -4.50 -4.81
N TYR A 75 -1.24 -4.18 -5.73
CA TYR A 75 -0.87 -4.06 -7.14
C TYR A 75 -0.78 -2.61 -7.57
N ALA A 76 -0.18 -2.36 -8.72
CA ALA A 76 -0.03 -1.01 -9.24
C ALA A 76 -0.39 -0.94 -10.72
N GLU A 77 -0.86 0.22 -11.17
CA GLU A 77 -1.24 0.40 -12.57
C GLU A 77 -0.12 1.06 -13.34
N VAL A 78 -0.05 0.76 -14.64
CA VAL A 78 0.98 1.33 -15.50
C VAL A 78 0.51 2.63 -16.14
N ALA A 79 -0.57 3.18 -15.60
CA ALA A 79 -1.12 4.43 -16.11
C ALA A 79 -0.68 5.61 -15.25
N ASP A 80 -0.25 5.31 -14.02
CA ASP A 80 0.20 6.35 -13.10
C ASP A 80 1.72 6.36 -12.98
N LEU A 81 2.31 5.17 -13.02
CA LEU A 81 3.76 5.04 -12.91
C LEU A 81 4.47 6.04 -13.83
N PRO A 82 5.71 6.38 -13.47
CA PRO A 82 6.52 7.33 -14.25
C PRO A 82 6.97 6.74 -15.59
N PRO A 83 7.39 7.62 -16.51
CA PRO A 83 7.85 7.22 -17.84
C PRO A 83 9.19 6.48 -17.79
N LEU A 84 9.44 5.69 -18.82
CA LEU A 84 10.68 4.93 -18.90
C LEU A 84 11.81 5.76 -19.50
N GLU A 85 12.49 6.52 -18.65
CA GLU A 85 13.59 7.37 -19.11
C GLU A 85 14.92 6.65 -18.96
N MET A 1 -6.07 -4.99 -17.55
CA MET A 1 -5.49 -4.02 -16.63
C MET A 1 -4.01 -4.31 -16.39
N ARG A 2 -3.15 -3.48 -16.96
CA ARG A 2 -1.71 -3.65 -16.82
C ARG A 2 -1.27 -3.34 -15.39
N LEU A 3 -1.44 -4.30 -14.49
CA LEU A 3 -1.06 -4.13 -13.10
C LEU A 3 0.12 -5.03 -12.74
N VAL A 4 0.83 -4.66 -11.68
CA VAL A 4 1.98 -5.44 -11.23
C VAL A 4 2.14 -5.36 -9.71
N GLU A 5 2.66 -6.43 -9.13
CA GLU A 5 2.87 -6.48 -7.69
C GLU A 5 4.18 -5.80 -7.29
N ILE A 6 4.06 -4.72 -6.53
CA ILE A 6 5.24 -3.98 -6.08
C ILE A 6 5.60 -4.34 -4.65
N GLY A 7 4.59 -4.58 -3.83
CA GLY A 7 4.83 -4.93 -2.44
C GLY A 7 3.66 -5.67 -1.82
N ARG A 8 3.82 -6.09 -0.57
CA ARG A 8 2.78 -6.82 0.14
C ARG A 8 2.68 -6.38 1.59
N PHE A 9 1.47 -6.36 2.12
CA PHE A 9 1.23 -5.95 3.49
C PHE A 9 1.75 -7.00 4.47
N GLY A 10 2.36 -6.54 5.56
CA GLY A 10 2.89 -7.45 6.55
C GLY A 10 2.09 -7.45 7.84
N ALA A 11 2.36 -6.48 8.70
CA ALA A 11 1.65 -6.37 9.97
C ALA A 11 1.02 -5.00 10.12
N PRO A 12 -0.09 -4.94 10.89
CA PRO A 12 -0.82 -3.69 11.13
C PRO A 12 -0.04 -2.71 12.00
N TYR A 13 0.44 -1.64 11.39
CA TYR A 13 1.21 -0.62 12.11
C TYR A 13 0.51 -0.24 13.41
N ALA A 14 1.16 0.60 14.21
CA ALA A 14 0.61 1.06 15.46
C ALA A 14 -0.90 1.32 15.34
N LEU A 15 -1.60 1.26 16.47
CA LEU A 15 -3.04 1.48 16.49
C LEU A 15 -3.43 2.57 15.50
N LYS A 16 -2.52 3.50 15.24
CA LYS A 16 -2.77 4.60 14.31
C LYS A 16 -3.61 4.12 13.13
N GLY A 17 -3.45 2.85 12.77
CA GLY A 17 -4.21 2.30 11.65
C GLY A 17 -3.34 2.02 10.45
N GLY A 18 -2.13 2.55 10.45
CA GLY A 18 -1.21 2.35 9.34
C GLY A 18 -1.00 0.87 9.04
N LEU A 19 -0.52 0.59 7.84
CA LEU A 19 -0.28 -0.80 7.42
C LEU A 19 1.14 -0.95 6.88
N ARG A 20 1.89 -1.91 7.42
CA ARG A 20 3.25 -2.17 6.98
C ARG A 20 3.27 -2.71 5.56
N PHE A 21 3.65 -1.87 4.61
CA PHE A 21 3.71 -2.26 3.21
C PHE A 21 5.16 -2.38 2.74
N ARG A 22 5.56 -3.60 2.36
CA ARG A 22 6.92 -3.84 1.89
C ARG A 22 6.95 -4.00 0.37
N GLY A 23 7.27 -2.91 -0.33
CA GLY A 23 7.34 -2.96 -1.77
C GLY A 23 8.48 -2.12 -2.32
N GLU A 24 8.68 -2.21 -3.64
CA GLU A 24 9.75 -1.45 -4.30
C GLU A 24 9.69 0.02 -3.91
N PRO A 25 10.82 0.71 -4.07
CA PRO A 25 10.93 2.15 -3.75
C PRO A 25 10.14 3.02 -4.71
N VAL A 26 9.70 2.43 -5.81
CA VAL A 26 8.94 3.15 -6.83
C VAL A 26 7.57 3.56 -6.27
N VAL A 27 7.16 2.94 -5.18
CA VAL A 27 5.88 3.23 -4.56
C VAL A 27 5.84 4.68 -4.05
N LEU A 28 7.01 5.29 -3.96
CA LEU A 28 7.11 6.68 -3.49
C LEU A 28 6.61 7.64 -4.55
N HIS A 29 6.36 7.13 -5.75
CA HIS A 29 5.87 7.96 -6.85
C HIS A 29 4.41 7.63 -7.17
N LEU A 30 3.81 6.77 -6.35
CA LEU A 30 2.42 6.37 -6.56
C LEU A 30 1.49 7.22 -5.69
N GLU A 31 0.19 7.10 -5.95
CA GLU A 31 -0.81 7.85 -5.19
C GLU A 31 -1.90 6.92 -4.64
N ARG A 32 -2.24 5.90 -5.43
CA ARG A 32 -3.26 4.95 -5.02
C ARG A 32 -2.69 3.53 -4.96
N VAL A 33 -3.49 2.59 -4.47
CA VAL A 33 -3.07 1.19 -4.37
C VAL A 33 -4.24 0.25 -4.61
N TYR A 34 -3.93 -0.96 -5.06
CA TYR A 34 -4.95 -1.96 -5.33
C TYR A 34 -4.84 -3.14 -4.36
N VAL A 35 -5.91 -3.38 -3.60
CA VAL A 35 -5.93 -4.47 -2.64
C VAL A 35 -6.36 -5.78 -3.29
N GLU A 36 -5.39 -6.59 -3.70
CA GLU A 36 -5.68 -7.86 -4.35
C GLU A 36 -6.47 -8.78 -3.42
N GLY A 37 -7.78 -8.83 -3.62
CA GLY A 37 -8.62 -9.67 -2.79
C GLY A 37 -9.97 -9.04 -2.51
N HIS A 38 -9.97 -7.73 -2.26
CA HIS A 38 -11.20 -7.00 -1.97
C HIS A 38 -11.50 -5.98 -3.06
N GLY A 39 -10.81 -4.84 -3.01
CA GLY A 39 -11.01 -3.81 -4.00
C GLY A 39 -9.86 -2.81 -4.05
N TRP A 40 -9.98 -1.81 -4.92
CA TRP A 40 -8.95 -0.80 -5.06
C TRP A 40 -9.03 0.23 -3.93
N ARG A 41 -7.88 0.61 -3.41
CA ARG A 41 -7.82 1.59 -2.33
C ARG A 41 -6.93 2.77 -2.70
N ALA A 42 -6.93 3.80 -1.85
CA ALA A 42 -6.12 4.98 -2.09
C ALA A 42 -5.17 5.24 -0.93
N ILE A 43 -4.07 5.93 -1.21
CA ILE A 43 -3.08 6.25 -0.18
C ILE A 43 -3.30 7.65 0.38
N GLU A 44 -3.27 7.77 1.71
CA GLU A 44 -3.46 9.06 2.37
C GLU A 44 -2.14 9.57 2.92
N ASP A 45 -1.35 8.68 3.51
CA ASP A 45 -0.06 9.06 4.09
C ASP A 45 0.83 7.84 4.24
N LEU A 46 2.01 7.88 3.63
CA LEU A 46 2.96 6.78 3.70
C LEU A 46 4.39 7.30 3.85
N TYR A 47 5.27 6.45 4.38
CA TYR A 47 6.67 6.82 4.57
C TYR A 47 7.51 5.60 4.90
N ARG A 48 8.74 5.58 4.40
CA ARG A 48 9.65 4.47 4.64
C ARG A 48 10.28 4.58 6.03
N VAL A 49 9.77 3.79 6.97
CA VAL A 49 10.28 3.79 8.33
C VAL A 49 11.49 2.87 8.47
N GLY A 50 12.66 3.47 8.67
CA GLY A 50 13.87 2.70 8.83
C GLY A 50 14.14 1.81 7.62
N GLU A 51 13.88 0.51 7.77
CA GLU A 51 14.11 -0.45 6.70
C GLU A 51 12.78 -1.05 6.23
N GLU A 52 11.71 -0.28 6.35
CA GLU A 52 10.38 -0.74 5.94
C GLU A 52 9.52 0.43 5.51
N LEU A 53 8.31 0.12 5.06
CA LEU A 53 7.37 1.15 4.61
C LEU A 53 5.99 0.94 5.22
N VAL A 54 5.34 2.04 5.60
CA VAL A 54 4.01 1.98 6.20
C VAL A 54 3.01 2.83 5.43
N VAL A 55 2.17 2.18 4.64
CA VAL A 55 1.16 2.88 3.84
C VAL A 55 -0.17 2.96 4.59
N HIS A 56 -0.76 4.14 4.59
CA HIS A 56 -2.03 4.35 5.27
C HIS A 56 -3.18 4.48 4.25
N LEU A 57 -3.95 3.42 4.10
CA LEU A 57 -5.07 3.41 3.17
C LEU A 57 -6.19 4.33 3.65
N ALA A 58 -6.94 4.89 2.70
CA ALA A 58 -8.04 5.78 3.03
C ALA A 58 -9.19 5.02 3.68
N GLY A 59 -9.60 5.47 4.86
CA GLY A 59 -10.69 4.81 5.57
C GLY A 59 -10.20 4.05 6.79
N VAL A 60 -9.20 3.19 6.59
CA VAL A 60 -8.65 2.40 7.68
C VAL A 60 -8.11 3.29 8.79
N THR A 61 -8.90 3.47 9.85
CA THR A 61 -8.49 4.31 10.97
C THR A 61 -8.54 3.51 12.28
N ASP A 62 -8.33 2.21 12.18
CA ASP A 62 -8.35 1.34 13.36
C ASP A 62 -7.62 0.03 13.08
N ARG A 63 -7.03 -0.54 14.12
CA ARG A 63 -6.30 -1.79 13.98
C ARG A 63 -7.15 -2.84 13.28
N THR A 64 -8.44 -2.85 13.58
CA THR A 64 -9.36 -3.80 12.96
C THR A 64 -9.34 -3.68 11.44
N LEU A 65 -9.82 -2.56 10.93
CA LEU A 65 -9.86 -2.33 9.50
C LEU A 65 -8.54 -2.72 8.84
N ALA A 66 -7.44 -2.38 9.51
CA ALA A 66 -6.11 -2.70 9.00
C ALA A 66 -5.91 -4.20 8.92
N GLU A 67 -5.97 -4.88 10.06
CA GLU A 67 -5.79 -6.33 10.11
C GLU A 67 -6.53 -7.01 8.97
N ALA A 68 -7.70 -6.47 8.63
CA ALA A 68 -8.50 -7.02 7.55
C ALA A 68 -7.74 -7.02 6.23
N LEU A 69 -7.00 -5.95 5.99
CA LEU A 69 -6.22 -5.82 4.76
C LEU A 69 -4.77 -6.20 4.99
N VAL A 70 -4.54 -7.07 5.97
CA VAL A 70 -3.19 -7.52 6.29
C VAL A 70 -2.92 -8.91 5.72
N GLY A 71 -1.93 -9.00 4.84
CA GLY A 71 -1.60 -10.28 4.23
C GLY A 71 -1.69 -10.23 2.72
N LEU A 72 -2.69 -9.53 2.20
CA LEU A 72 -2.88 -9.42 0.76
C LEU A 72 -1.71 -8.69 0.11
N ARG A 73 -1.69 -8.69 -1.22
CA ARG A 73 -0.62 -8.03 -1.97
C ARG A 73 -1.15 -6.77 -2.65
N VAL A 74 -0.33 -5.73 -2.68
CA VAL A 74 -0.71 -4.47 -3.32
C VAL A 74 -0.22 -4.41 -4.76
N TYR A 75 -1.12 -4.02 -5.66
CA TYR A 75 -0.78 -3.93 -7.08
C TYR A 75 -0.70 -2.47 -7.52
N ALA A 76 0.12 -2.21 -8.54
CA ALA A 76 0.28 -0.86 -9.06
C ALA A 76 -0.12 -0.78 -10.54
N GLU A 77 -0.34 0.43 -11.02
CA GLU A 77 -0.74 0.63 -12.42
C GLU A 77 0.26 1.54 -13.13
N VAL A 78 0.84 1.03 -14.22
CA VAL A 78 1.81 1.78 -15.00
C VAL A 78 1.23 3.12 -15.45
N ALA A 79 -0.06 3.13 -15.74
CA ALA A 79 -0.74 4.33 -16.18
C ALA A 79 -0.31 5.55 -15.37
N ASP A 80 -0.03 5.31 -14.09
CA ASP A 80 0.39 6.39 -13.20
C ASP A 80 1.91 6.45 -13.11
N LEU A 81 2.54 5.27 -13.05
CA LEU A 81 3.99 5.19 -12.96
C LEU A 81 4.66 6.27 -13.81
N PRO A 82 5.82 6.74 -13.35
CA PRO A 82 6.58 7.78 -14.05
C PRO A 82 7.20 7.27 -15.34
N PRO A 83 7.62 8.21 -16.22
CA PRO A 83 8.23 7.87 -17.50
C PRO A 83 9.61 7.25 -17.35
N LEU A 84 10.35 7.21 -18.45
CA LEU A 84 11.70 6.63 -18.43
C LEU A 84 12.73 7.68 -18.00
N GLU A 85 12.25 8.89 -17.74
CA GLU A 85 13.13 9.98 -17.31
C GLU A 85 13.33 9.95 -15.79
N MET A 1 -6.87 -5.28 -16.76
CA MET A 1 -5.88 -4.22 -16.88
C MET A 1 -4.49 -4.74 -16.53
N ARG A 2 -3.46 -4.05 -17.02
CA ARG A 2 -2.08 -4.44 -16.75
C ARG A 2 -1.65 -4.00 -15.36
N LEU A 3 -1.54 -4.95 -14.44
CA LEU A 3 -1.15 -4.67 -13.07
C LEU A 3 0.16 -5.39 -12.72
N VAL A 4 0.88 -4.84 -11.75
CA VAL A 4 2.15 -5.43 -11.31
C VAL A 4 2.29 -5.38 -9.79
N GLU A 5 2.93 -6.40 -9.23
CA GLU A 5 3.12 -6.47 -7.79
C GLU A 5 4.35 -5.66 -7.37
N ILE A 6 4.13 -4.62 -6.57
CA ILE A 6 5.21 -3.78 -6.10
C ILE A 6 5.58 -4.09 -4.66
N GLY A 7 4.56 -4.37 -3.84
CA GLY A 7 4.79 -4.69 -2.45
C GLY A 7 3.64 -5.46 -1.83
N ARG A 8 3.84 -5.95 -0.61
CA ARG A 8 2.81 -6.70 0.09
C ARG A 8 2.73 -6.28 1.56
N PHE A 9 1.50 -6.21 2.08
CA PHE A 9 1.29 -5.82 3.46
C PHE A 9 1.76 -6.91 4.42
N GLY A 10 2.38 -6.50 5.52
CA GLY A 10 2.87 -7.46 6.50
C GLY A 10 2.08 -7.43 7.78
N ALA A 11 2.41 -6.50 8.67
CA ALA A 11 1.73 -6.36 9.95
C ALA A 11 1.06 -5.00 10.08
N PRO A 12 -0.07 -4.95 10.80
CA PRO A 12 -0.83 -3.71 11.01
C PRO A 12 -0.08 -2.73 11.91
N TYR A 13 0.33 -1.60 11.35
CA TYR A 13 1.05 -0.59 12.11
C TYR A 13 0.29 -0.23 13.38
N ALA A 14 0.86 0.68 14.17
CA ALA A 14 0.23 1.12 15.42
C ALA A 14 -1.26 1.34 15.23
N LEU A 15 -1.98 1.42 16.35
CA LEU A 15 -3.43 1.61 16.30
C LEU A 15 -3.80 2.73 15.33
N LYS A 16 -2.90 3.70 15.19
CA LYS A 16 -3.13 4.83 14.30
C LYS A 16 -3.90 4.40 13.05
N GLY A 17 -3.67 3.16 12.62
CA GLY A 17 -4.36 2.64 11.46
C GLY A 17 -3.43 2.45 10.28
N GLY A 18 -2.13 2.46 10.54
CA GLY A 18 -1.15 2.28 9.48
C GLY A 18 -0.90 0.83 9.16
N LEU A 19 -0.48 0.56 7.93
CA LEU A 19 -0.21 -0.81 7.49
C LEU A 19 1.19 -0.93 6.92
N ARG A 20 1.98 -1.83 7.48
CA ARG A 20 3.35 -2.06 7.02
C ARG A 20 3.37 -2.60 5.60
N PHE A 21 3.66 -1.73 4.64
CA PHE A 21 3.70 -2.13 3.23
C PHE A 21 5.14 -2.23 2.75
N ARG A 22 5.52 -3.42 2.28
CA ARG A 22 6.87 -3.67 1.80
C ARG A 22 6.89 -3.80 0.28
N GLY A 23 7.20 -2.72 -0.41
CA GLY A 23 7.23 -2.74 -1.87
C GLY A 23 8.37 -1.89 -2.42
N GLU A 24 8.55 -1.97 -3.74
CA GLU A 24 9.61 -1.21 -4.40
C GLU A 24 9.55 0.26 -4.01
N PRO A 25 10.68 0.97 -4.19
CA PRO A 25 10.78 2.40 -3.85
C PRO A 25 9.97 3.27 -4.80
N VAL A 26 9.57 2.70 -5.93
CA VAL A 26 8.78 3.43 -6.92
C VAL A 26 7.40 3.77 -6.39
N VAL A 27 7.01 3.09 -5.31
CA VAL A 27 5.71 3.33 -4.70
C VAL A 27 5.60 4.75 -4.15
N LEU A 28 6.75 5.39 -3.95
CA LEU A 28 6.80 6.75 -3.43
C LEU A 28 6.23 7.73 -4.44
N HIS A 29 5.93 7.24 -5.63
CA HIS A 29 5.37 8.08 -6.69
C HIS A 29 3.92 7.69 -6.99
N LEU A 30 3.44 6.64 -6.30
CA LEU A 30 2.08 6.17 -6.50
C LEU A 30 1.12 6.89 -5.56
N GLU A 31 0.01 7.38 -6.11
CA GLU A 31 -0.99 8.09 -5.32
C GLU A 31 -1.96 7.11 -4.66
N ARG A 32 -2.37 6.10 -5.42
CA ARG A 32 -3.30 5.10 -4.92
C ARG A 32 -2.75 3.70 -5.12
N VAL A 33 -3.43 2.71 -4.56
CA VAL A 33 -3.00 1.31 -4.66
C VAL A 33 -4.19 0.39 -4.86
N TYR A 34 -3.92 -0.90 -5.06
CA TYR A 34 -4.98 -1.89 -5.25
C TYR A 34 -4.81 -3.06 -4.29
N VAL A 35 -5.83 -3.29 -3.47
CA VAL A 35 -5.79 -4.37 -2.49
C VAL A 35 -6.32 -5.67 -3.10
N GLU A 36 -5.42 -6.51 -3.59
CA GLU A 36 -5.79 -7.78 -4.21
C GLU A 36 -6.54 -8.66 -3.20
N GLY A 37 -7.86 -8.67 -3.30
CA GLY A 37 -8.67 -9.47 -2.40
C GLY A 37 -9.97 -8.79 -2.03
N HIS A 38 -9.92 -7.49 -1.84
CA HIS A 38 -11.11 -6.71 -1.48
C HIS A 38 -11.43 -5.68 -2.55
N GLY A 39 -10.70 -4.58 -2.55
CA GLY A 39 -10.93 -3.52 -3.52
C GLY A 39 -9.75 -2.59 -3.65
N TRP A 40 -9.88 -1.60 -4.53
CA TRP A 40 -8.81 -0.62 -4.75
C TRP A 40 -8.77 0.40 -3.62
N ARG A 41 -7.62 0.49 -2.96
CA ARG A 41 -7.45 1.43 -1.85
C ARG A 41 -6.46 2.53 -2.22
N ALA A 42 -6.74 3.75 -1.78
CA ALA A 42 -5.86 4.88 -2.06
C ALA A 42 -4.95 5.18 -0.88
N ILE A 43 -3.79 5.74 -1.16
CA ILE A 43 -2.82 6.08 -0.12
C ILE A 43 -3.06 7.50 0.40
N GLU A 44 -3.03 7.65 1.72
CA GLU A 44 -3.23 8.94 2.35
C GLU A 44 -1.96 9.43 3.02
N ASP A 45 -1.22 8.51 3.62
CA ASP A 45 0.04 8.84 4.30
C ASP A 45 0.94 7.61 4.41
N LEU A 46 2.17 7.74 3.92
CA LEU A 46 3.12 6.64 3.96
C LEU A 46 4.55 7.17 4.11
N TYR A 47 5.43 6.34 4.65
CA TYR A 47 6.82 6.73 4.85
C TYR A 47 7.68 5.50 5.17
N ARG A 48 8.90 5.49 4.64
CA ARG A 48 9.83 4.38 4.86
C ARG A 48 10.45 4.48 6.25
N VAL A 49 10.00 3.62 7.15
CA VAL A 49 10.51 3.60 8.52
C VAL A 49 11.75 2.72 8.62
N GLY A 50 12.92 3.35 8.66
CA GLY A 50 14.16 2.60 8.76
C GLY A 50 14.39 1.69 7.57
N GLU A 51 14.09 0.41 7.74
CA GLU A 51 14.27 -0.56 6.67
C GLU A 51 12.93 -1.16 6.24
N GLU A 52 11.87 -0.37 6.40
CA GLU A 52 10.52 -0.82 6.04
C GLU A 52 9.66 0.36 5.59
N LEU A 53 8.43 0.06 5.18
CA LEU A 53 7.51 1.09 4.74
C LEU A 53 6.12 0.88 5.34
N VAL A 54 5.49 1.97 5.75
CA VAL A 54 4.15 1.90 6.33
C VAL A 54 3.16 2.77 5.56
N VAL A 55 2.32 2.13 4.76
CA VAL A 55 1.33 2.83 3.96
C VAL A 55 -0.01 2.89 4.68
N HIS A 56 -0.64 4.06 4.69
CA HIS A 56 -1.93 4.23 5.33
C HIS A 56 -3.04 4.38 4.30
N LEU A 57 -3.75 3.28 4.04
CA LEU A 57 -4.84 3.29 3.07
C LEU A 57 -6.04 4.09 3.59
N ALA A 58 -6.76 4.73 2.68
CA ALA A 58 -7.93 5.52 3.05
C ALA A 58 -9.01 4.65 3.66
N GLY A 59 -9.73 5.20 4.64
CA GLY A 59 -10.79 4.46 5.29
C GLY A 59 -10.30 3.68 6.49
N VAL A 60 -9.10 3.12 6.39
CA VAL A 60 -8.52 2.35 7.47
C VAL A 60 -7.99 3.26 8.58
N THR A 61 -8.77 3.45 9.63
CA THR A 61 -8.38 4.29 10.74
C THR A 61 -8.45 3.53 12.06
N ASP A 62 -8.26 2.22 11.99
CA ASP A 62 -8.30 1.37 13.18
C ASP A 62 -7.60 0.03 12.92
N ARG A 63 -7.10 -0.58 13.98
CA ARG A 63 -6.42 -1.86 13.87
C ARG A 63 -7.29 -2.88 13.13
N THR A 64 -8.57 -2.92 13.49
CA THR A 64 -9.50 -3.85 12.87
C THR A 64 -9.45 -3.74 11.34
N LEU A 65 -9.82 -2.57 10.83
CA LEU A 65 -9.83 -2.33 9.39
C LEU A 65 -8.48 -2.71 8.78
N ALA A 66 -7.40 -2.22 9.39
CA ALA A 66 -6.06 -2.52 8.90
C ALA A 66 -5.84 -4.02 8.77
N GLU A 67 -6.15 -4.76 9.83
CA GLU A 67 -5.99 -6.21 9.83
C GLU A 67 -6.72 -6.84 8.65
N ALA A 68 -7.91 -6.34 8.36
CA ALA A 68 -8.71 -6.85 7.26
C ALA A 68 -7.92 -6.83 5.96
N LEU A 69 -6.94 -5.94 5.87
CA LEU A 69 -6.11 -5.83 4.68
C LEU A 69 -4.68 -6.25 4.97
N VAL A 70 -4.52 -7.20 5.87
CA VAL A 70 -3.20 -7.70 6.24
C VAL A 70 -2.96 -9.10 5.68
N GLY A 71 -2.02 -9.21 4.75
CA GLY A 71 -1.70 -10.49 4.16
C GLY A 71 -1.89 -10.48 2.65
N LEU A 72 -2.72 -9.57 2.16
CA LEU A 72 -2.96 -9.46 0.73
C LEU A 72 -1.80 -8.79 0.01
N ARG A 73 -1.75 -8.95 -1.31
CA ARG A 73 -0.68 -8.36 -2.11
C ARG A 73 -1.17 -7.11 -2.84
N VAL A 74 -0.38 -6.04 -2.75
CA VAL A 74 -0.74 -4.78 -3.40
C VAL A 74 -0.24 -4.75 -4.85
N TYR A 75 -1.06 -4.20 -5.73
CA TYR A 75 -0.72 -4.12 -7.14
C TYR A 75 -0.67 -2.66 -7.60
N ALA A 76 0.05 -2.42 -8.69
CA ALA A 76 0.17 -1.07 -9.24
C ALA A 76 -0.28 -1.02 -10.69
N GLU A 77 -0.49 0.18 -11.21
CA GLU A 77 -0.92 0.37 -12.59
C GLU A 77 0.11 1.18 -13.37
N VAL A 78 0.72 0.54 -14.37
CA VAL A 78 1.72 1.21 -15.20
C VAL A 78 1.17 2.51 -15.77
N ALA A 79 -0.13 2.55 -16.02
CA ALA A 79 -0.77 3.74 -16.56
C ALA A 79 -0.40 4.98 -15.75
N ASP A 80 -0.18 4.79 -14.45
CA ASP A 80 0.18 5.90 -13.57
C ASP A 80 1.69 6.05 -13.49
N LEU A 81 2.40 4.93 -13.43
CA LEU A 81 3.85 4.94 -13.35
C LEU A 81 4.45 5.80 -14.46
N PRO A 82 5.57 6.47 -14.15
CA PRO A 82 6.28 7.32 -15.11
C PRO A 82 6.93 6.54 -16.22
N PRO A 83 7.41 7.25 -17.25
CA PRO A 83 8.08 6.64 -18.41
C PRO A 83 9.44 6.05 -18.05
N LEU A 84 9.92 5.13 -18.87
CA LEU A 84 11.21 4.49 -18.64
C LEU A 84 12.12 4.63 -19.86
N GLU A 85 13.10 5.52 -19.75
CA GLU A 85 14.03 5.75 -20.85
C GLU A 85 14.54 4.44 -21.43
N MET A 1 -6.08 -5.84 -17.24
CA MET A 1 -5.54 -4.66 -16.58
C MET A 1 -4.04 -4.81 -16.36
N ARG A 2 -3.26 -3.97 -17.03
CA ARG A 2 -1.81 -4.01 -16.90
C ARG A 2 -1.38 -3.66 -15.48
N LEU A 3 -1.36 -4.66 -14.61
CA LEU A 3 -0.97 -4.45 -13.22
C LEU A 3 0.30 -5.23 -12.88
N VAL A 4 0.99 -4.80 -11.83
CA VAL A 4 2.22 -5.46 -11.41
C VAL A 4 2.40 -5.37 -9.90
N GLU A 5 2.85 -6.47 -9.30
CA GLU A 5 3.06 -6.53 -7.86
C GLU A 5 4.30 -5.75 -7.47
N ILE A 6 4.13 -4.77 -6.58
CA ILE A 6 5.24 -3.95 -6.11
C ILE A 6 5.59 -4.27 -4.66
N GLY A 7 4.57 -4.51 -3.85
CA GLY A 7 4.78 -4.82 -2.45
C GLY A 7 3.61 -5.57 -1.83
N ARG A 8 3.79 -6.03 -0.60
CA ARG A 8 2.75 -6.77 0.10
C ARG A 8 2.63 -6.28 1.54
N PHE A 9 1.41 -6.36 2.08
CA PHE A 9 1.16 -5.93 3.46
C PHE A 9 1.70 -6.96 4.45
N GLY A 10 2.36 -6.47 5.50
CA GLY A 10 2.91 -7.36 6.51
C GLY A 10 2.10 -7.37 7.79
N ALA A 11 2.40 -6.42 8.68
CA ALA A 11 1.70 -6.32 9.94
C ALA A 11 1.00 -4.97 10.08
N PRO A 12 -0.10 -4.94 10.84
CA PRO A 12 -0.88 -3.72 11.06
C PRO A 12 -0.14 -2.70 11.93
N TYR A 13 0.19 -1.56 11.35
CA TYR A 13 0.90 -0.51 12.07
C TYR A 13 0.15 -0.11 13.34
N ALA A 14 0.73 0.80 14.11
CA ALA A 14 0.13 1.27 15.34
C ALA A 14 -1.38 1.48 15.16
N LEU A 15 -2.09 1.58 16.29
CA LEU A 15 -3.54 1.77 16.26
C LEU A 15 -3.92 2.87 15.27
N LYS A 16 -2.98 3.76 15.00
CA LYS A 16 -3.21 4.87 14.07
C LYS A 16 -3.96 4.39 12.84
N GLY A 17 -3.82 3.10 12.52
CA GLY A 17 -4.49 2.54 11.37
C GLY A 17 -3.56 2.35 10.20
N GLY A 18 -2.26 2.44 10.46
CA GLY A 18 -1.27 2.28 9.39
C GLY A 18 -1.01 0.83 9.06
N LEU A 19 -0.62 0.57 7.82
CA LEU A 19 -0.34 -0.79 7.37
C LEU A 19 1.07 -0.90 6.80
N ARG A 20 1.87 -1.78 7.38
CA ARG A 20 3.24 -1.98 6.93
C ARG A 20 3.27 -2.54 5.51
N PHE A 21 3.57 -1.68 4.54
CA PHE A 21 3.64 -2.09 3.14
C PHE A 21 5.08 -2.19 2.67
N ARG A 22 5.46 -3.38 2.21
CA ARG A 22 6.82 -3.62 1.73
C ARG A 22 6.84 -3.74 0.22
N GLY A 23 7.16 -2.65 -0.46
CA GLY A 23 7.21 -2.65 -1.92
C GLY A 23 8.35 -1.81 -2.46
N GLU A 24 8.55 -1.87 -3.77
CA GLU A 24 9.62 -1.11 -4.42
C GLU A 24 9.59 0.34 -3.97
N PRO A 25 10.73 1.03 -4.12
CA PRO A 25 10.86 2.45 -3.74
C PRO A 25 10.08 3.37 -4.67
N VAL A 26 9.66 2.84 -5.82
CA VAL A 26 8.91 3.61 -6.79
C VAL A 26 7.52 3.98 -6.25
N VAL A 27 7.14 3.32 -5.15
CA VAL A 27 5.84 3.58 -4.53
C VAL A 27 5.77 5.00 -3.98
N LEU A 28 6.92 5.64 -3.83
CA LEU A 28 6.98 7.00 -3.32
C LEU A 28 6.47 7.99 -4.36
N HIS A 29 6.21 7.50 -5.56
CA HIS A 29 5.70 8.35 -6.63
C HIS A 29 4.26 7.99 -6.97
N LEU A 30 3.76 6.92 -6.37
CA LEU A 30 2.39 6.46 -6.61
C LEU A 30 1.40 7.34 -5.87
N GLU A 31 0.10 7.07 -6.08
CA GLU A 31 -0.95 7.83 -5.43
C GLU A 31 -1.98 6.90 -4.78
N ARG A 32 -2.35 5.86 -5.52
CA ARG A 32 -3.34 4.90 -5.02
C ARG A 32 -2.75 3.49 -5.00
N VAL A 33 -3.53 2.54 -4.51
CA VAL A 33 -3.09 1.14 -4.43
C VAL A 33 -4.26 0.19 -4.61
N TYR A 34 -3.96 -1.01 -5.11
CA TYR A 34 -4.98 -2.02 -5.34
C TYR A 34 -4.85 -3.18 -4.35
N VAL A 35 -5.89 -3.39 -3.55
CA VAL A 35 -5.88 -4.47 -2.57
C VAL A 35 -6.37 -5.77 -3.17
N GLU A 36 -5.43 -6.61 -3.61
CA GLU A 36 -5.77 -7.89 -4.21
C GLU A 36 -6.54 -8.77 -3.22
N GLY A 37 -7.87 -8.80 -3.36
CA GLY A 37 -8.69 -9.60 -2.48
C GLY A 37 -10.01 -8.94 -2.16
N HIS A 38 -9.98 -7.61 -1.97
CA HIS A 38 -11.19 -6.86 -1.66
C HIS A 38 -11.51 -5.85 -2.77
N GLY A 39 -10.79 -4.73 -2.75
CA GLY A 39 -11.01 -3.71 -3.76
C GLY A 39 -9.84 -2.74 -3.86
N TRP A 40 -9.97 -1.76 -4.75
CA TRP A 40 -8.92 -0.77 -4.95
C TRP A 40 -8.96 0.28 -3.84
N ARG A 41 -7.80 0.52 -3.23
CA ARG A 41 -7.70 1.50 -2.15
C ARG A 41 -6.84 2.68 -2.57
N ALA A 42 -6.81 3.72 -1.74
CA ALA A 42 -6.02 4.91 -2.03
C ALA A 42 -5.01 5.19 -0.92
N ILE A 43 -3.96 5.92 -1.25
CA ILE A 43 -2.92 6.25 -0.29
C ILE A 43 -3.16 7.64 0.32
N GLU A 44 -3.08 7.72 1.64
CA GLU A 44 -3.28 8.99 2.34
C GLU A 44 -1.97 9.50 2.93
N ASP A 45 -1.18 8.59 3.49
CA ASP A 45 0.10 8.95 4.10
C ASP A 45 0.99 7.73 4.25
N LEU A 46 2.19 7.81 3.68
CA LEU A 46 3.14 6.70 3.76
C LEU A 46 4.56 7.22 3.95
N TYR A 47 5.43 6.36 4.46
CA TYR A 47 6.83 6.74 4.69
C TYR A 47 7.67 5.51 5.03
N ARG A 48 8.89 5.48 4.51
CA ARG A 48 9.80 4.36 4.76
C ARG A 48 10.42 4.46 6.16
N VAL A 49 9.91 3.64 7.08
CA VAL A 49 10.41 3.64 8.45
C VAL A 49 11.61 2.71 8.59
N GLY A 50 12.79 3.31 8.75
CA GLY A 50 14.01 2.51 8.89
C GLY A 50 14.25 1.61 7.70
N GLU A 51 14.05 0.31 7.89
CA GLU A 51 14.25 -0.66 6.83
C GLU A 51 12.92 -1.24 6.36
N GLU A 52 11.85 -0.47 6.51
CA GLU A 52 10.52 -0.91 6.10
C GLU A 52 9.68 0.27 5.66
N LEU A 53 8.45 -0.02 5.21
CA LEU A 53 7.54 1.02 4.75
C LEU A 53 6.16 0.83 5.36
N VAL A 54 5.51 1.94 5.72
CA VAL A 54 4.18 1.89 6.30
C VAL A 54 3.20 2.77 5.53
N VAL A 55 2.34 2.12 4.74
CA VAL A 55 1.35 2.85 3.95
C VAL A 55 0.01 2.93 4.67
N HIS A 56 -0.57 4.13 4.69
CA HIS A 56 -1.85 4.35 5.35
C HIS A 56 -2.97 4.49 4.32
N LEU A 57 -3.74 3.43 4.12
CA LEU A 57 -4.85 3.45 3.17
C LEU A 57 -5.97 4.33 3.68
N ALA A 58 -6.78 4.83 2.74
CA ALA A 58 -7.91 5.69 3.09
C ALA A 58 -9.02 4.89 3.75
N GLY A 59 -9.46 5.36 4.92
CA GLY A 59 -10.51 4.68 5.64
C GLY A 59 -9.99 3.89 6.83
N VAL A 60 -8.89 3.16 6.62
CA VAL A 60 -8.30 2.36 7.68
C VAL A 60 -7.66 3.26 8.75
N THR A 61 -8.36 3.42 9.86
CA THR A 61 -7.87 4.24 10.96
C THR A 61 -7.76 3.43 12.25
N ASP A 62 -8.33 2.24 12.24
CA ASP A 62 -8.29 1.35 13.40
C ASP A 62 -7.63 0.02 13.06
N ARG A 63 -7.03 -0.60 14.07
CA ARG A 63 -6.36 -1.88 13.88
C ARG A 63 -7.22 -2.83 13.05
N THR A 64 -8.40 -3.15 13.56
CA THR A 64 -9.32 -4.05 12.88
C THR A 64 -9.30 -3.80 11.37
N LEU A 65 -9.67 -2.59 10.97
CA LEU A 65 -9.70 -2.23 9.56
C LEU A 65 -8.41 -2.63 8.86
N ALA A 66 -7.28 -2.41 9.54
CA ALA A 66 -5.98 -2.76 8.99
C ALA A 66 -5.82 -4.28 8.89
N GLU A 67 -5.88 -4.95 10.05
CA GLU A 67 -5.73 -6.40 10.09
C GLU A 67 -6.53 -7.06 8.97
N ALA A 68 -7.64 -6.44 8.60
CA ALA A 68 -8.49 -6.96 7.53
C ALA A 68 -7.76 -6.98 6.20
N LEU A 69 -7.02 -5.91 5.93
CA LEU A 69 -6.27 -5.79 4.69
C LEU A 69 -4.83 -6.25 4.87
N VAL A 70 -4.62 -7.14 5.84
CA VAL A 70 -3.29 -7.67 6.12
C VAL A 70 -3.13 -9.06 5.52
N GLY A 71 -2.02 -9.26 4.80
CA GLY A 71 -1.76 -10.56 4.19
C GLY A 71 -1.92 -10.52 2.68
N LEU A 72 -2.87 -9.73 2.20
CA LEU A 72 -3.11 -9.61 0.76
C LEU A 72 -1.94 -8.93 0.07
N ARG A 73 -1.93 -9.02 -1.26
CA ARG A 73 -0.86 -8.41 -2.05
C ARG A 73 -1.34 -7.13 -2.71
N VAL A 74 -0.45 -6.13 -2.76
CA VAL A 74 -0.79 -4.85 -3.36
C VAL A 74 -0.34 -4.79 -4.81
N TYR A 75 -1.23 -4.31 -5.68
CA TYR A 75 -0.92 -4.20 -7.10
C TYR A 75 -0.85 -2.75 -7.54
N ALA A 76 -0.01 -2.48 -8.53
CA ALA A 76 0.16 -1.12 -9.04
C ALA A 76 -0.23 -1.03 -10.51
N GLU A 77 -0.58 0.17 -10.96
CA GLU A 77 -0.98 0.39 -12.34
C GLU A 77 0.02 1.29 -13.07
N VAL A 78 0.63 0.76 -14.13
CA VAL A 78 1.60 1.53 -14.90
C VAL A 78 1.00 2.84 -15.40
N ALA A 79 -0.31 2.86 -15.57
CA ALA A 79 -1.01 4.05 -16.05
C ALA A 79 -0.57 5.28 -15.27
N ASP A 80 -0.03 5.06 -14.07
CA ASP A 80 0.43 6.15 -13.23
C ASP A 80 1.95 6.29 -13.32
N LEU A 81 2.65 5.16 -13.31
CA LEU A 81 4.11 5.16 -13.38
C LEU A 81 4.61 6.21 -14.38
N PRO A 82 5.77 6.81 -14.08
CA PRO A 82 6.37 7.83 -14.94
C PRO A 82 6.90 7.24 -16.25
N PRO A 83 7.27 8.13 -17.18
CA PRO A 83 7.80 7.73 -18.49
C PRO A 83 9.18 7.10 -18.39
N LEU A 84 9.53 6.30 -19.39
CA LEU A 84 10.84 5.64 -19.41
C LEU A 84 11.88 6.52 -20.10
N GLU A 85 11.91 7.79 -19.72
CA GLU A 85 12.86 8.74 -20.29
C GLU A 85 14.09 8.89 -19.40
N MET A 1 -6.69 -5.35 -17.24
CA MET A 1 -6.22 -4.28 -16.37
C MET A 1 -4.71 -4.40 -16.13
N ARG A 2 -3.95 -3.50 -16.75
CA ARG A 2 -2.50 -3.51 -16.61
C ARG A 2 -2.10 -3.30 -15.16
N LEU A 3 -2.12 -4.37 -14.37
CA LEU A 3 -1.76 -4.30 -12.97
C LEU A 3 -0.60 -5.24 -12.65
N VAL A 4 0.10 -4.96 -11.57
CA VAL A 4 1.24 -5.78 -11.15
C VAL A 4 1.54 -5.61 -9.67
N GLU A 5 1.94 -6.70 -9.02
CA GLU A 5 2.25 -6.66 -7.59
C GLU A 5 3.63 -6.07 -7.36
N ILE A 6 3.70 -5.03 -6.53
CA ILE A 6 4.96 -4.37 -6.22
C ILE A 6 5.41 -4.68 -4.80
N GLY A 7 4.46 -4.65 -3.87
CA GLY A 7 4.77 -4.94 -2.47
C GLY A 7 3.67 -5.70 -1.78
N ARG A 8 3.89 -6.02 -0.50
CA ARG A 8 2.91 -6.76 0.28
C ARG A 8 2.82 -6.21 1.70
N PHE A 9 1.66 -6.38 2.33
CA PHE A 9 1.45 -5.90 3.69
C PHE A 9 1.95 -6.93 4.70
N GLY A 10 2.77 -6.46 5.64
CA GLY A 10 3.30 -7.35 6.66
C GLY A 10 2.48 -7.33 7.93
N ALA A 11 2.79 -6.39 8.82
CA ALA A 11 2.08 -6.26 10.09
C ALA A 11 1.32 -4.95 10.16
N PRO A 12 0.17 -4.96 10.86
CA PRO A 12 -0.66 -3.76 11.03
C PRO A 12 -0.01 -2.71 11.92
N TYR A 13 0.28 -1.55 11.34
CA TYR A 13 0.91 -0.46 12.09
C TYR A 13 0.12 -0.14 13.35
N ALA A 14 0.63 0.80 14.13
CA ALA A 14 -0.03 1.21 15.37
C ALA A 14 -1.53 1.36 15.17
N LEU A 15 -2.27 1.34 16.27
CA LEU A 15 -3.73 1.47 16.21
C LEU A 15 -4.14 2.54 15.21
N LYS A 16 -3.30 3.55 15.05
CA LYS A 16 -3.56 4.64 14.12
C LYS A 16 -4.29 4.13 12.88
N GLY A 17 -4.00 2.89 12.49
CA GLY A 17 -4.63 2.30 11.33
C GLY A 17 -3.68 2.17 10.15
N GLY A 18 -2.38 2.24 10.43
CA GLY A 18 -1.39 2.12 9.38
C GLY A 18 -1.07 0.68 9.03
N LEU A 19 -0.68 0.45 7.79
CA LEU A 19 -0.35 -0.89 7.32
C LEU A 19 1.07 -0.94 6.76
N ARG A 20 1.88 -1.84 7.31
CA ARG A 20 3.27 -1.98 6.87
C ARG A 20 3.32 -2.55 5.45
N PHE A 21 3.59 -1.69 4.48
CA PHE A 21 3.68 -2.12 3.09
C PHE A 21 5.13 -2.27 2.66
N ARG A 22 5.44 -3.40 2.04
CA ARG A 22 6.80 -3.67 1.57
C ARG A 22 6.87 -3.64 0.05
N GLY A 23 7.27 -2.49 -0.48
CA GLY A 23 7.37 -2.35 -1.92
C GLY A 23 8.57 -1.51 -2.35
N GLU A 24 8.86 -1.51 -3.64
CA GLU A 24 9.99 -0.74 -4.17
C GLU A 24 9.89 0.72 -3.75
N PRO A 25 11.02 1.44 -3.83
CA PRO A 25 11.08 2.86 -3.47
C PRO A 25 10.34 3.75 -4.46
N VAL A 26 10.06 3.19 -5.64
CA VAL A 26 9.35 3.93 -6.68
C VAL A 26 7.92 4.24 -6.25
N VAL A 27 7.42 3.48 -5.28
CA VAL A 27 6.07 3.67 -4.78
C VAL A 27 5.89 5.07 -4.20
N LEU A 28 6.99 5.72 -3.86
CA LEU A 28 6.95 7.07 -3.30
C LEU A 28 6.43 8.06 -4.33
N HIS A 29 6.20 7.59 -5.55
CA HIS A 29 5.70 8.44 -6.62
C HIS A 29 4.24 8.11 -6.94
N LEU A 30 3.75 7.01 -6.36
CA LEU A 30 2.38 6.58 -6.59
C LEU A 30 1.41 7.41 -5.77
N GLU A 31 0.11 7.22 -6.02
CA GLU A 31 -0.93 7.95 -5.31
C GLU A 31 -2.02 7.02 -4.81
N ARG A 32 -2.32 5.99 -5.60
CA ARG A 32 -3.35 5.03 -5.26
C ARG A 32 -2.79 3.61 -5.28
N VAL A 33 -3.57 2.66 -4.77
CA VAL A 33 -3.15 1.26 -4.74
C VAL A 33 -4.35 0.32 -4.88
N TYR A 34 -4.07 -0.96 -5.07
CA TYR A 34 -5.12 -1.96 -5.23
C TYR A 34 -4.92 -3.12 -4.26
N VAL A 35 -5.90 -3.33 -3.39
CA VAL A 35 -5.84 -4.41 -2.41
C VAL A 35 -6.34 -5.72 -3.01
N GLU A 36 -5.42 -6.55 -3.49
CA GLU A 36 -5.77 -7.83 -4.08
C GLU A 36 -6.51 -8.71 -3.08
N GLY A 37 -7.83 -8.74 -3.18
CA GLY A 37 -8.63 -9.55 -2.27
C GLY A 37 -9.95 -8.89 -1.91
N HIS A 38 -9.90 -7.59 -1.67
CA HIS A 38 -11.11 -6.84 -1.31
C HIS A 38 -11.46 -5.83 -2.41
N GLY A 39 -10.76 -4.71 -2.42
CA GLY A 39 -11.01 -3.68 -3.42
C GLY A 39 -9.85 -2.71 -3.56
N TRP A 40 -10.01 -1.73 -4.45
CA TRP A 40 -8.97 -0.74 -4.67
C TRP A 40 -8.93 0.28 -3.53
N ARG A 41 -7.72 0.62 -3.10
CA ARG A 41 -7.55 1.58 -2.01
C ARG A 41 -6.69 2.76 -2.47
N ALA A 42 -6.80 3.88 -1.76
CA ALA A 42 -6.04 5.07 -2.08
C ALA A 42 -5.03 5.39 -1.00
N ILE A 43 -3.84 5.84 -1.41
CA ILE A 43 -2.79 6.18 -0.46
C ILE A 43 -2.95 7.60 0.05
N GLU A 44 -2.90 7.77 1.37
CA GLU A 44 -3.03 9.08 1.99
C GLU A 44 -1.71 9.56 2.55
N ASP A 45 -1.01 8.69 3.27
CA ASP A 45 0.28 9.02 3.86
C ASP A 45 1.11 7.76 4.09
N LEU A 46 2.40 7.86 3.78
CA LEU A 46 3.31 6.73 3.95
C LEU A 46 4.74 7.21 4.16
N TYR A 47 5.59 6.33 4.65
CA TYR A 47 6.99 6.66 4.89
C TYR A 47 7.81 5.40 5.19
N ARG A 48 9.04 5.37 4.70
CA ARG A 48 9.92 4.23 4.90
C ARG A 48 10.54 4.26 6.30
N VAL A 49 9.96 3.49 7.21
CA VAL A 49 10.45 3.43 8.59
C VAL A 49 11.64 2.49 8.71
N GLY A 50 12.82 3.05 8.88
CA GLY A 50 14.02 2.25 9.01
C GLY A 50 14.25 1.35 7.81
N GLU A 51 13.99 0.06 7.98
CA GLU A 51 14.17 -0.90 6.90
C GLU A 51 12.83 -1.45 6.43
N GLU A 52 11.78 -0.63 6.52
CA GLU A 52 10.45 -1.03 6.11
C GLU A 52 9.63 0.18 5.68
N LEU A 53 8.42 -0.07 5.21
CA LEU A 53 7.53 1.00 4.77
C LEU A 53 6.13 0.83 5.35
N VAL A 54 5.48 1.95 5.68
CA VAL A 54 4.15 1.92 6.24
C VAL A 54 3.19 2.78 5.42
N VAL A 55 2.28 2.13 4.71
CA VAL A 55 1.30 2.84 3.89
C VAL A 55 -0.05 2.93 4.59
N HIS A 56 -0.63 4.13 4.58
CA HIS A 56 -1.93 4.34 5.22
C HIS A 56 -3.03 4.50 4.18
N LEU A 57 -3.72 3.40 3.89
CA LEU A 57 -4.80 3.42 2.90
C LEU A 57 -6.00 4.21 3.43
N ALA A 58 -6.73 4.84 2.52
CA ALA A 58 -7.90 5.62 2.89
C ALA A 58 -8.99 4.73 3.47
N GLY A 59 -9.62 5.20 4.54
CA GLY A 59 -10.68 4.43 5.17
C GLY A 59 -10.19 3.64 6.37
N VAL A 60 -8.98 3.11 6.26
CA VAL A 60 -8.39 2.33 7.35
C VAL A 60 -7.85 3.23 8.45
N THR A 61 -8.67 3.46 9.47
CA THR A 61 -8.27 4.31 10.59
C THR A 61 -8.36 3.55 11.91
N ASP A 62 -8.40 2.23 11.83
CA ASP A 62 -8.48 1.38 13.01
C ASP A 62 -7.73 0.06 12.80
N ARG A 63 -7.16 -0.45 13.88
CA ARG A 63 -6.41 -1.71 13.82
C ARG A 63 -7.22 -2.79 13.10
N THR A 64 -8.53 -2.83 13.39
CA THR A 64 -9.41 -3.81 12.78
C THR A 64 -9.34 -3.75 11.27
N LEU A 65 -9.71 -2.61 10.70
CA LEU A 65 -9.69 -2.41 9.26
C LEU A 65 -8.33 -2.80 8.68
N ALA A 66 -7.26 -2.34 9.32
CA ALA A 66 -5.91 -2.63 8.87
C ALA A 66 -5.66 -4.14 8.83
N GLU A 67 -5.90 -4.80 9.96
CA GLU A 67 -5.70 -6.24 10.05
C GLU A 67 -6.41 -6.96 8.91
N ALA A 68 -7.59 -6.48 8.55
CA ALA A 68 -8.37 -7.07 7.48
C ALA A 68 -7.60 -7.05 6.16
N LEU A 69 -6.72 -6.05 6.02
CA LEU A 69 -5.92 -5.91 4.80
C LEU A 69 -4.48 -6.36 5.05
N VAL A 70 -4.30 -7.28 5.99
CA VAL A 70 -2.98 -7.80 6.31
C VAL A 70 -2.78 -9.19 5.74
N GLY A 71 -1.87 -9.32 4.78
CA GLY A 71 -1.60 -10.61 4.17
C GLY A 71 -1.74 -10.57 2.66
N LEU A 72 -2.66 -9.74 2.18
CA LEU A 72 -2.89 -9.61 0.74
C LEU A 72 -1.73 -8.90 0.06
N ARG A 73 -1.72 -8.95 -1.27
CA ARG A 73 -0.66 -8.31 -2.04
C ARG A 73 -1.17 -7.01 -2.69
N VAL A 74 -0.29 -6.02 -2.76
CA VAL A 74 -0.64 -4.73 -3.36
C VAL A 74 -0.31 -4.70 -4.84
N TYR A 75 -1.26 -4.21 -5.63
CA TYR A 75 -1.06 -4.13 -7.09
C TYR A 75 -1.08 -2.68 -7.55
N ALA A 76 -0.21 -2.36 -8.51
CA ALA A 76 -0.12 -1.02 -9.05
C ALA A 76 -0.48 -0.98 -10.53
N GLU A 77 -0.73 0.21 -11.05
CA GLU A 77 -1.07 0.37 -12.46
C GLU A 77 -0.06 1.25 -13.18
N VAL A 78 0.63 0.67 -14.15
CA VAL A 78 1.63 1.40 -14.91
C VAL A 78 1.07 2.70 -15.47
N ALA A 79 -0.26 2.73 -15.66
CA ALA A 79 -0.93 3.91 -16.19
C ALA A 79 -0.54 5.15 -15.40
N ASP A 80 0.00 4.94 -14.21
CA ASP A 80 0.40 6.06 -13.36
C ASP A 80 1.92 6.24 -13.38
N LEU A 81 2.64 5.12 -13.39
CA LEU A 81 4.10 5.15 -13.41
C LEU A 81 4.61 6.23 -14.36
N PRO A 82 5.83 6.72 -14.10
CA PRO A 82 6.45 7.76 -14.93
C PRO A 82 6.85 7.24 -16.30
N PRO A 83 6.78 8.13 -17.31
CA PRO A 83 7.14 7.79 -18.69
C PRO A 83 8.63 7.55 -18.87
N LEU A 84 8.97 6.50 -19.60
CA LEU A 84 10.36 6.15 -19.85
C LEU A 84 10.93 6.98 -21.01
N GLU A 85 10.05 7.47 -21.86
CA GLU A 85 10.46 8.27 -23.00
C GLU A 85 10.41 9.77 -22.67
N MET A 1 -5.85 -4.92 -18.10
CA MET A 1 -5.32 -4.17 -16.97
C MET A 1 -3.88 -4.58 -16.67
N ARG A 2 -2.94 -3.77 -17.17
CA ARG A 2 -1.52 -4.06 -16.96
C ARG A 2 -1.09 -3.67 -15.55
N LEU A 3 -1.23 -4.62 -14.62
CA LEU A 3 -0.86 -4.38 -13.22
C LEU A 3 0.40 -5.17 -12.85
N VAL A 4 1.03 -4.79 -11.74
CA VAL A 4 2.23 -5.46 -11.28
C VAL A 4 2.37 -5.36 -9.76
N GLU A 5 2.85 -6.43 -9.15
CA GLU A 5 3.03 -6.47 -7.70
C GLU A 5 4.24 -5.64 -7.28
N ILE A 6 4.00 -4.64 -6.44
CA ILE A 6 5.06 -3.77 -5.95
C ILE A 6 5.47 -4.13 -4.53
N GLY A 7 4.49 -4.49 -3.71
CA GLY A 7 4.77 -4.86 -2.33
C GLY A 7 3.65 -5.68 -1.71
N ARG A 8 3.85 -6.10 -0.48
CA ARG A 8 2.86 -6.90 0.23
C ARG A 8 2.72 -6.45 1.68
N PHE A 9 1.49 -6.44 2.18
CA PHE A 9 1.22 -6.03 3.56
C PHE A 9 1.75 -7.07 4.55
N GLY A 10 2.59 -6.62 5.47
CA GLY A 10 3.15 -7.52 6.47
C GLY A 10 2.34 -7.55 7.75
N ALA A 11 2.62 -6.61 8.65
CA ALA A 11 1.91 -6.53 9.91
C ALA A 11 1.20 -5.20 10.06
N PRO A 12 0.10 -5.19 10.83
CA PRO A 12 -0.70 -3.99 11.07
C PRO A 12 0.03 -2.97 11.93
N TYR A 13 0.35 -1.82 11.35
CA TYR A 13 1.06 -0.76 12.07
C TYR A 13 0.34 -0.41 13.36
N ALA A 14 0.93 0.51 14.12
CA ALA A 14 0.34 0.93 15.38
C ALA A 14 -1.16 1.18 15.24
N LEU A 15 -1.85 1.29 16.37
CA LEU A 15 -3.29 1.53 16.38
C LEU A 15 -3.66 2.69 15.45
N LYS A 16 -2.70 3.59 15.23
CA LYS A 16 -2.90 4.74 14.37
C LYS A 16 -3.73 4.36 13.15
N GLY A 17 -3.61 3.11 12.71
CA GLY A 17 -4.34 2.64 11.56
C GLY A 17 -3.47 2.49 10.33
N GLY A 18 -2.18 2.25 10.55
CA GLY A 18 -1.25 2.10 9.44
C GLY A 18 -0.99 0.64 9.10
N LEU A 19 -0.65 0.38 7.85
CA LEU A 19 -0.37 -0.97 7.39
C LEU A 19 1.04 -1.08 6.82
N ARG A 20 1.84 -1.97 7.39
CA ARG A 20 3.21 -2.17 6.93
C ARG A 20 3.24 -2.71 5.50
N PHE A 21 3.56 -1.85 4.55
CA PHE A 21 3.62 -2.23 3.15
C PHE A 21 5.06 -2.30 2.66
N ARG A 22 5.51 -3.52 2.33
CA ARG A 22 6.87 -3.71 1.85
C ARG A 22 6.90 -3.87 0.33
N GLY A 23 7.18 -2.78 -0.37
CA GLY A 23 7.23 -2.82 -1.81
C GLY A 23 8.34 -1.95 -2.38
N GLU A 24 8.54 -2.02 -3.70
CA GLU A 24 9.58 -1.24 -4.36
C GLU A 24 9.52 0.21 -3.92
N PRO A 25 10.65 0.91 -4.03
CA PRO A 25 10.76 2.33 -3.66
C PRO A 25 10.01 3.24 -4.61
N VAL A 26 9.59 2.69 -5.75
CA VAL A 26 8.85 3.45 -6.75
C VAL A 26 7.49 3.87 -6.22
N VAL A 27 7.03 3.20 -5.17
CA VAL A 27 5.74 3.50 -4.56
C VAL A 27 5.70 4.94 -4.05
N LEU A 28 6.88 5.53 -3.86
CA LEU A 28 6.98 6.90 -3.37
C LEU A 28 6.50 7.89 -4.43
N HIS A 29 6.16 7.37 -5.61
CA HIS A 29 5.69 8.21 -6.71
C HIS A 29 4.26 7.84 -7.08
N LEU A 30 3.68 6.89 -6.36
CA LEU A 30 2.32 6.44 -6.63
C LEU A 30 1.32 7.22 -5.78
N GLU A 31 0.09 7.34 -6.27
CA GLU A 31 -0.96 8.06 -5.56
C GLU A 31 -1.95 7.09 -4.93
N ARG A 32 -2.40 6.12 -5.72
CA ARG A 32 -3.36 5.13 -5.23
C ARG A 32 -2.75 3.73 -5.27
N VAL A 33 -3.52 2.75 -4.83
CA VAL A 33 -3.06 1.37 -4.81
C VAL A 33 -4.21 0.40 -5.06
N TYR A 34 -3.89 -0.89 -5.11
CA TYR A 34 -4.89 -1.92 -5.35
C TYR A 34 -4.80 -3.04 -4.31
N VAL A 35 -5.88 -3.22 -3.56
CA VAL A 35 -5.92 -4.25 -2.53
C VAL A 35 -6.39 -5.58 -3.11
N GLU A 36 -5.44 -6.44 -3.46
CA GLU A 36 -5.75 -7.74 -4.02
C GLU A 36 -6.61 -8.56 -3.07
N GLY A 37 -7.92 -8.57 -3.32
CA GLY A 37 -8.83 -9.32 -2.47
C GLY A 37 -10.16 -8.62 -2.29
N HIS A 38 -10.11 -7.33 -2.00
CA HIS A 38 -11.32 -6.54 -1.80
C HIS A 38 -11.56 -5.60 -2.99
N GLY A 39 -10.83 -4.49 -3.01
CA GLY A 39 -10.98 -3.52 -4.09
C GLY A 39 -9.80 -2.58 -4.17
N TRP A 40 -9.86 -1.67 -5.13
CA TRP A 40 -8.78 -0.69 -5.32
C TRP A 40 -8.87 0.42 -4.29
N ARG A 41 -7.81 0.56 -3.48
CA ARG A 41 -7.76 1.58 -2.45
C ARG A 41 -6.69 2.62 -2.77
N ALA A 42 -6.91 3.86 -2.33
CA ALA A 42 -5.97 4.94 -2.56
C ALA A 42 -5.08 5.16 -1.35
N ILE A 43 -3.96 5.84 -1.55
CA ILE A 43 -3.03 6.13 -0.48
C ILE A 43 -3.21 7.55 0.05
N GLU A 44 -3.27 7.68 1.37
CA GLU A 44 -3.45 8.99 2.01
C GLU A 44 -2.14 9.46 2.63
N ASP A 45 -1.43 8.55 3.26
CA ASP A 45 -0.15 8.87 3.91
C ASP A 45 0.73 7.64 4.03
N LEU A 46 2.02 7.80 3.72
CA LEU A 46 2.97 6.69 3.80
C LEU A 46 4.39 7.22 3.97
N TYR A 47 5.28 6.35 4.46
CA TYR A 47 6.66 6.72 4.68
C TYR A 47 7.51 5.49 4.99
N ARG A 48 8.74 5.48 4.49
CA ARG A 48 9.65 4.37 4.72
C ARG A 48 10.27 4.45 6.11
N VAL A 49 9.73 3.69 7.05
CA VAL A 49 10.23 3.67 8.41
C VAL A 49 11.45 2.77 8.54
N GLY A 50 12.62 3.38 8.75
CA GLY A 50 13.84 2.62 8.88
C GLY A 50 14.09 1.70 7.70
N GLU A 51 13.86 0.41 7.89
CA GLU A 51 14.07 -0.57 6.83
C GLU A 51 12.75 -1.17 6.37
N GLU A 52 11.69 -0.37 6.42
CA GLU A 52 10.36 -0.82 6.03
C GLU A 52 9.50 0.35 5.58
N LEU A 53 8.28 0.04 5.13
CA LEU A 53 7.35 1.08 4.67
C LEU A 53 5.97 0.86 5.27
N VAL A 54 5.30 1.96 5.61
CA VAL A 54 3.97 1.90 6.19
C VAL A 54 2.98 2.77 5.42
N VAL A 55 2.11 2.12 4.64
CA VAL A 55 1.12 2.84 3.85
C VAL A 55 -0.20 2.95 4.60
N HIS A 56 -0.81 4.14 4.54
CA HIS A 56 -2.07 4.38 5.22
C HIS A 56 -3.21 4.48 4.21
N LEU A 57 -3.94 3.39 4.03
CA LEU A 57 -5.06 3.35 3.09
C LEU A 57 -6.23 4.17 3.61
N ALA A 58 -6.97 4.80 2.70
CA ALA A 58 -8.12 5.61 3.07
C ALA A 58 -9.16 4.78 3.83
N GLY A 59 -9.60 5.29 4.97
CA GLY A 59 -10.58 4.58 5.77
C GLY A 59 -9.96 3.84 6.93
N VAL A 60 -8.89 3.09 6.65
CA VAL A 60 -8.20 2.32 7.68
C VAL A 60 -7.61 3.24 8.75
N THR A 61 -8.28 3.32 9.89
CA THR A 61 -7.82 4.16 10.99
C THR A 61 -7.64 3.35 12.26
N ASP A 62 -8.39 2.26 12.39
CA ASP A 62 -8.31 1.40 13.56
C ASP A 62 -7.58 0.10 13.23
N ARG A 63 -6.89 -0.45 14.21
CA ARG A 63 -6.14 -1.69 14.02
C ARG A 63 -6.98 -2.73 13.29
N THR A 64 -8.21 -2.92 13.75
CA THR A 64 -9.11 -3.88 13.13
C THR A 64 -9.15 -3.71 11.61
N LEU A 65 -9.61 -2.56 11.16
CA LEU A 65 -9.70 -2.26 9.74
C LEU A 65 -8.42 -2.68 9.02
N ALA A 66 -7.28 -2.36 9.63
CA ALA A 66 -5.98 -2.70 9.05
C ALA A 66 -5.80 -4.21 8.98
N GLU A 67 -6.07 -4.90 10.09
CA GLU A 67 -5.93 -6.35 10.15
C GLU A 67 -6.71 -7.02 9.03
N ALA A 68 -7.78 -6.35 8.59
CA ALA A 68 -8.62 -6.89 7.52
C ALA A 68 -7.88 -6.85 6.18
N LEU A 69 -6.91 -5.95 6.06
CA LEU A 69 -6.13 -5.82 4.85
C LEU A 69 -4.69 -6.28 5.06
N VAL A 70 -4.48 -7.10 6.07
CA VAL A 70 -3.15 -7.61 6.39
C VAL A 70 -2.93 -8.98 5.77
N GLY A 71 -1.85 -9.11 5.01
CA GLY A 71 -1.55 -10.38 4.36
C GLY A 71 -1.72 -10.33 2.87
N LEU A 72 -2.74 -9.61 2.41
CA LEU A 72 -3.02 -9.48 0.98
C LEU A 72 -1.84 -8.83 0.25
N ARG A 73 -1.91 -8.84 -1.08
CA ARG A 73 -0.84 -8.25 -1.89
C ARG A 73 -1.33 -7.00 -2.60
N VAL A 74 -0.46 -6.00 -2.69
CA VAL A 74 -0.81 -4.74 -3.35
C VAL A 74 -0.26 -4.69 -4.76
N TYR A 75 -1.07 -4.21 -5.69
CA TYR A 75 -0.67 -4.11 -7.10
C TYR A 75 -0.56 -2.65 -7.52
N ALA A 76 0.21 -2.41 -8.58
CA ALA A 76 0.39 -1.05 -9.09
C ALA A 76 0.02 -0.97 -10.57
N GLU A 77 -0.29 0.22 -11.04
CA GLU A 77 -0.66 0.43 -12.43
C GLU A 77 0.33 1.36 -13.13
N VAL A 78 0.95 0.86 -14.19
CA VAL A 78 1.91 1.65 -14.94
C VAL A 78 1.30 2.96 -15.44
N ALA A 79 -0.02 2.99 -15.52
CA ALA A 79 -0.74 4.18 -15.97
C ALA A 79 -0.39 5.39 -15.12
N ASP A 80 0.21 5.13 -13.96
CA ASP A 80 0.59 6.20 -13.04
C ASP A 80 2.10 6.43 -13.07
N LEU A 81 2.86 5.33 -13.09
CA LEU A 81 4.31 5.41 -13.12
C LEU A 81 4.78 6.50 -14.08
N PRO A 82 5.96 7.07 -13.80
CA PRO A 82 6.55 8.13 -14.62
C PRO A 82 7.02 7.61 -15.98
N PRO A 83 6.94 8.49 -17.00
CA PRO A 83 7.34 8.15 -18.36
C PRO A 83 8.85 7.98 -18.49
N LEU A 84 9.27 7.08 -19.38
CA LEU A 84 10.69 6.82 -19.60
C LEU A 84 11.12 7.29 -20.98
N GLU A 85 11.33 8.60 -21.12
CA GLU A 85 11.74 9.18 -22.39
C GLU A 85 12.76 8.28 -23.09
N MET A 1 -6.00 -5.94 -17.17
CA MET A 1 -5.57 -4.72 -16.49
C MET A 1 -4.07 -4.74 -16.27
N ARG A 2 -3.37 -3.81 -16.92
CA ARG A 2 -1.92 -3.71 -16.79
C ARG A 2 -1.51 -3.39 -15.36
N LEU A 3 -1.56 -4.39 -14.49
CA LEU A 3 -1.20 -4.21 -13.09
C LEU A 3 -0.01 -5.08 -12.71
N VAL A 4 0.68 -4.70 -11.65
CA VAL A 4 1.85 -5.45 -11.18
C VAL A 4 2.02 -5.32 -9.67
N GLU A 5 2.55 -6.37 -9.05
CA GLU A 5 2.77 -6.36 -7.61
C GLU A 5 4.08 -5.68 -7.26
N ILE A 6 3.99 -4.59 -6.47
CA ILE A 6 5.16 -3.85 -6.07
C ILE A 6 5.56 -4.18 -4.63
N GLY A 7 4.56 -4.41 -3.79
CA GLY A 7 4.82 -4.74 -2.40
C GLY A 7 3.68 -5.53 -1.76
N ARG A 8 3.87 -5.92 -0.51
CA ARG A 8 2.86 -6.68 0.21
C ARG A 8 2.73 -6.20 1.64
N PHE A 9 1.54 -6.36 2.22
CA PHE A 9 1.28 -5.93 3.58
C PHE A 9 1.81 -6.97 4.59
N GLY A 10 2.49 -6.49 5.61
CA GLY A 10 3.03 -7.39 6.62
C GLY A 10 2.22 -7.36 7.90
N ALA A 11 2.53 -6.41 8.78
CA ALA A 11 1.83 -6.30 10.05
C ALA A 11 1.09 -4.96 10.15
N PRO A 12 -0.03 -4.96 10.89
CA PRO A 12 -0.85 -3.75 11.07
C PRO A 12 -0.16 -2.71 11.94
N TYR A 13 0.22 -1.59 11.32
CA TYR A 13 0.90 -0.52 12.04
C TYR A 13 0.14 -0.14 13.30
N ALA A 14 0.70 0.78 14.08
CA ALA A 14 0.08 1.23 15.31
C ALA A 14 -1.43 1.41 15.14
N LEU A 15 -2.14 1.46 16.25
CA LEU A 15 -3.59 1.61 16.21
C LEU A 15 -4.00 2.69 15.21
N LYS A 16 -3.14 3.68 15.04
CA LYS A 16 -3.41 4.78 14.11
C LYS A 16 -4.16 4.27 12.88
N GLY A 17 -3.86 3.04 12.48
CA GLY A 17 -4.52 2.47 11.32
C GLY A 17 -3.56 2.26 10.16
N GLY A 18 -2.28 2.45 10.41
CA GLY A 18 -1.28 2.28 9.37
C GLY A 18 -1.04 0.82 9.03
N LEU A 19 -0.58 0.55 7.81
CA LEU A 19 -0.30 -0.80 7.37
C LEU A 19 1.11 -0.93 6.83
N ARG A 20 1.89 -1.84 7.41
CA ARG A 20 3.27 -2.06 6.99
C ARG A 20 3.31 -2.62 5.57
N PHE A 21 3.62 -1.76 4.60
CA PHE A 21 3.70 -2.17 3.21
C PHE A 21 5.15 -2.30 2.75
N ARG A 22 5.52 -3.47 2.28
CA ARG A 22 6.88 -3.72 1.82
C ARG A 22 6.91 -3.89 0.30
N GLY A 23 7.24 -2.80 -0.40
CA GLY A 23 7.31 -2.85 -1.85
C GLY A 23 8.44 -2.02 -2.41
N GLU A 24 8.66 -2.11 -3.72
CA GLU A 24 9.73 -1.36 -4.38
C GLU A 24 9.67 0.11 -3.99
N PRO A 25 10.81 0.81 -4.13
CA PRO A 25 10.92 2.23 -3.81
C PRO A 25 10.15 3.11 -4.79
N VAL A 26 9.75 2.52 -5.92
CA VAL A 26 9.01 3.25 -6.93
C VAL A 26 7.62 3.64 -6.43
N VAL A 27 7.21 3.04 -5.32
CA VAL A 27 5.91 3.32 -4.73
C VAL A 27 5.84 4.76 -4.22
N LEU A 28 6.99 5.35 -3.98
CA LEU A 28 7.06 6.73 -3.50
C LEU A 28 6.52 7.70 -4.54
N HIS A 29 6.23 7.19 -5.73
CA HIS A 29 5.70 8.01 -6.82
C HIS A 29 4.25 7.65 -7.10
N LEU A 30 3.69 6.74 -6.31
CA LEU A 30 2.31 6.32 -6.48
C LEU A 30 1.37 7.16 -5.61
N GLU A 31 0.11 7.22 -6.02
CA GLU A 31 -0.88 7.99 -5.28
C GLU A 31 -1.97 7.07 -4.72
N ARG A 32 -2.31 6.03 -5.47
CA ARG A 32 -3.33 5.08 -5.05
C ARG A 32 -2.78 3.67 -5.03
N VAL A 33 -3.59 2.73 -4.54
CA VAL A 33 -3.18 1.33 -4.45
C VAL A 33 -4.36 0.39 -4.69
N TYR A 34 -4.08 -0.90 -4.80
CA TYR A 34 -5.12 -1.89 -5.03
C TYR A 34 -4.98 -3.05 -4.05
N VAL A 35 -6.02 -3.26 -3.25
CA VAL A 35 -6.02 -4.34 -2.27
C VAL A 35 -6.45 -5.66 -2.90
N GLU A 36 -5.47 -6.46 -3.30
CA GLU A 36 -5.74 -7.76 -3.93
C GLU A 36 -6.53 -8.66 -2.98
N GLY A 37 -7.84 -8.73 -3.19
CA GLY A 37 -8.68 -9.56 -2.35
C GLY A 37 -10.04 -8.93 -2.10
N HIS A 38 -10.05 -7.62 -1.86
CA HIS A 38 -11.29 -6.91 -1.60
C HIS A 38 -11.58 -5.91 -2.72
N GLY A 39 -10.90 -4.77 -2.69
CA GLY A 39 -11.11 -3.75 -3.70
C GLY A 39 -9.96 -2.76 -3.77
N TRP A 40 -10.07 -1.80 -4.68
CA TRP A 40 -9.03 -0.79 -4.84
C TRP A 40 -9.07 0.24 -3.71
N ARG A 41 -7.91 0.77 -3.35
CA ARG A 41 -7.82 1.75 -2.28
C ARG A 41 -6.91 2.91 -2.69
N ALA A 42 -6.89 3.95 -1.86
CA ALA A 42 -6.08 5.12 -2.14
C ALA A 42 -5.09 5.39 -0.99
N ILE A 43 -3.94 5.96 -1.33
CA ILE A 43 -2.93 6.26 -0.34
C ILE A 43 -3.13 7.66 0.26
N GLU A 44 -3.10 7.74 1.59
CA GLU A 44 -3.29 9.01 2.27
C GLU A 44 -1.97 9.53 2.83
N ASP A 45 -1.15 8.62 3.36
CA ASP A 45 0.14 8.97 3.92
C ASP A 45 1.01 7.74 4.11
N LEU A 46 2.25 7.82 3.61
CA LEU A 46 3.19 6.70 3.71
C LEU A 46 4.61 7.21 3.91
N TYR A 47 5.47 6.35 4.44
CA TYR A 47 6.86 6.72 4.67
C TYR A 47 7.69 5.48 5.03
N ARG A 48 8.94 5.45 4.56
CA ARG A 48 9.83 4.34 4.82
C ARG A 48 10.42 4.43 6.23
N VAL A 49 9.88 3.65 7.15
CA VAL A 49 10.36 3.66 8.52
C VAL A 49 11.58 2.76 8.69
N GLY A 50 12.76 3.39 8.78
CA GLY A 50 13.99 2.63 8.92
C GLY A 50 14.24 1.70 7.76
N GLU A 51 13.99 0.42 7.96
CA GLU A 51 14.21 -0.58 6.91
C GLU A 51 12.89 -1.17 6.44
N GLU A 52 11.82 -0.40 6.56
CA GLU A 52 10.49 -0.85 6.17
C GLU A 52 9.63 0.32 5.69
N LEU A 53 8.42 0.02 5.24
CA LEU A 53 7.51 1.04 4.76
C LEU A 53 6.11 0.84 5.34
N VAL A 54 5.46 1.94 5.71
CA VAL A 54 4.13 1.88 6.28
C VAL A 54 3.15 2.75 5.48
N VAL A 55 2.33 2.10 4.66
CA VAL A 55 1.35 2.82 3.85
C VAL A 55 0.00 2.89 4.55
N HIS A 56 -0.59 4.09 4.55
CA HIS A 56 -1.89 4.29 5.19
C HIS A 56 -2.99 4.43 4.15
N LEU A 57 -3.75 3.35 3.95
CA LEU A 57 -4.84 3.35 2.98
C LEU A 57 -5.99 4.23 3.44
N ALA A 58 -6.81 4.67 2.50
CA ALA A 58 -7.96 5.52 2.82
C ALA A 58 -9.06 4.72 3.51
N GLY A 59 -9.51 5.23 4.66
CA GLY A 59 -10.57 4.55 5.40
C GLY A 59 -10.03 3.81 6.61
N VAL A 60 -8.99 3.00 6.41
CA VAL A 60 -8.39 2.24 7.50
C VAL A 60 -7.82 3.17 8.57
N THR A 61 -8.56 3.34 9.65
CA THR A 61 -8.13 4.21 10.75
C THR A 61 -8.11 3.45 12.07
N ASP A 62 -8.12 2.13 11.98
CA ASP A 62 -8.09 1.29 13.17
C ASP A 62 -7.38 -0.04 12.89
N ARG A 63 -6.81 -0.62 13.93
CA ARG A 63 -6.08 -1.89 13.80
C ARG A 63 -6.95 -2.94 13.12
N THR A 64 -8.24 -2.96 13.48
CA THR A 64 -9.17 -3.92 12.91
C THR A 64 -9.19 -3.83 11.39
N LEU A 65 -9.67 -2.71 10.87
CA LEU A 65 -9.74 -2.51 9.42
C LEU A 65 -8.43 -2.90 8.76
N ALA A 66 -7.31 -2.54 9.38
CA ALA A 66 -6.00 -2.86 8.84
C ALA A 66 -5.80 -4.37 8.77
N GLU A 67 -5.95 -5.04 9.91
CA GLU A 67 -5.78 -6.49 9.97
C GLU A 67 -6.55 -7.17 8.85
N ALA A 68 -7.73 -6.65 8.54
CA ALA A 68 -8.57 -7.21 7.48
C ALA A 68 -7.86 -7.15 6.13
N LEU A 69 -7.00 -6.16 5.97
CA LEU A 69 -6.26 -5.98 4.71
C LEU A 69 -4.80 -6.41 4.89
N VAL A 70 -4.54 -7.21 5.91
CA VAL A 70 -3.18 -7.68 6.19
C VAL A 70 -2.96 -9.07 5.61
N GLY A 71 -1.94 -9.20 4.76
CA GLY A 71 -1.64 -10.48 4.16
C GLY A 71 -1.72 -10.44 2.64
N LEU A 72 -2.60 -9.59 2.12
CA LEU A 72 -2.77 -9.46 0.68
C LEU A 72 -1.62 -8.66 0.07
N ARG A 73 -1.55 -8.66 -1.26
CA ARG A 73 -0.50 -7.93 -1.97
C ARG A 73 -1.07 -6.71 -2.68
N VAL A 74 -0.35 -5.60 -2.61
CA VAL A 74 -0.77 -4.36 -3.24
C VAL A 74 -0.32 -4.30 -4.70
N TYR A 75 -1.26 -3.99 -5.59
CA TYR A 75 -0.96 -3.92 -7.01
C TYR A 75 -0.85 -2.46 -7.46
N ALA A 76 -0.03 -2.22 -8.48
CA ALA A 76 0.16 -0.88 -9.00
C ALA A 76 -0.22 -0.80 -10.48
N GLU A 77 -0.51 0.41 -10.95
CA GLU A 77 -0.89 0.61 -12.34
C GLU A 77 0.11 1.52 -13.06
N VAL A 78 0.79 0.97 -14.05
CA VAL A 78 1.79 1.72 -14.81
C VAL A 78 1.19 3.02 -15.33
N ALA A 79 -0.11 3.00 -15.61
CA ALA A 79 -0.79 4.18 -16.11
C ALA A 79 -0.40 5.43 -15.33
N ASP A 80 -0.05 5.24 -14.06
CA ASP A 80 0.35 6.35 -13.20
C ASP A 80 1.87 6.48 -13.14
N LEU A 81 2.55 5.33 -13.06
CA LEU A 81 4.01 5.31 -13.00
C LEU A 81 4.61 6.25 -14.04
N PRO A 82 5.83 6.73 -13.76
CA PRO A 82 6.54 7.64 -14.66
C PRO A 82 7.00 6.95 -15.93
N PRO A 83 7.25 7.74 -16.99
CA PRO A 83 7.70 7.22 -18.28
C PRO A 83 9.13 6.70 -18.23
N LEU A 84 9.45 5.76 -19.12
CA LEU A 84 10.78 5.18 -19.16
C LEU A 84 11.83 6.23 -19.51
N GLU A 85 11.38 7.34 -20.10
CA GLU A 85 12.28 8.43 -20.47
C GLU A 85 12.27 9.53 -19.41
N MET A 1 -6.22 -6.02 -17.19
CA MET A 1 -5.59 -4.94 -16.45
C MET A 1 -4.08 -5.19 -16.31
N ARG A 2 -3.30 -4.37 -17.01
CA ARG A 2 -1.84 -4.50 -16.97
C ARG A 2 -1.29 -4.02 -15.63
N LEU A 3 -1.59 -4.77 -14.57
CA LEU A 3 -1.14 -4.43 -13.23
C LEU A 3 0.17 -5.16 -12.90
N VAL A 4 0.84 -4.70 -11.86
CA VAL A 4 2.10 -5.32 -11.44
C VAL A 4 2.26 -5.26 -9.92
N GLU A 5 2.83 -6.31 -9.35
CA GLU A 5 3.04 -6.38 -7.91
C GLU A 5 4.27 -5.58 -7.50
N ILE A 6 4.07 -4.63 -6.58
CA ILE A 6 5.16 -3.79 -6.10
C ILE A 6 5.58 -4.19 -4.69
N GLY A 7 4.60 -4.46 -3.84
CA GLY A 7 4.88 -4.85 -2.47
C GLY A 7 3.73 -5.60 -1.83
N ARG A 8 3.94 -6.07 -0.60
CA ARG A 8 2.92 -6.81 0.12
C ARG A 8 2.83 -6.34 1.57
N PHE A 9 1.63 -6.41 2.15
CA PHE A 9 1.41 -6.00 3.52
C PHE A 9 1.99 -7.02 4.50
N GLY A 10 2.62 -6.53 5.56
CA GLY A 10 3.22 -7.41 6.55
C GLY A 10 2.43 -7.44 7.85
N ALA A 11 2.66 -6.44 8.69
CA ALA A 11 1.96 -6.35 9.98
C ALA A 11 1.24 -5.02 10.11
N PRO A 12 0.14 -5.02 10.89
CA PRO A 12 -0.66 -3.82 11.12
C PRO A 12 0.06 -2.80 11.99
N TYR A 13 0.33 -1.64 11.41
CA TYR A 13 1.01 -0.57 12.13
C TYR A 13 0.24 -0.17 13.38
N ALA A 14 0.79 0.78 14.12
CA ALA A 14 0.16 1.26 15.35
C ALA A 14 -1.35 1.42 15.15
N LEU A 15 -2.07 1.54 16.25
CA LEU A 15 -3.52 1.70 16.21
C LEU A 15 -3.92 2.76 15.18
N LYS A 16 -3.05 3.74 14.99
CA LYS A 16 -3.31 4.83 14.05
C LYS A 16 -4.04 4.30 12.82
N GLY A 17 -3.78 3.05 12.46
CA GLY A 17 -4.44 2.45 11.31
C GLY A 17 -3.48 2.25 10.15
N GLY A 18 -2.18 2.37 10.42
CA GLY A 18 -1.19 2.19 9.38
C GLY A 18 -0.95 0.72 9.07
N LEU A 19 -0.48 0.45 7.86
CA LEU A 19 -0.20 -0.92 7.43
C LEU A 19 1.20 -1.03 6.85
N ARG A 20 2.00 -1.93 7.41
CA ARG A 20 3.36 -2.14 6.95
C ARG A 20 3.38 -2.67 5.52
N PHE A 21 3.68 -1.80 4.57
CA PHE A 21 3.72 -2.19 3.15
C PHE A 21 5.17 -2.27 2.66
N ARG A 22 5.57 -3.48 2.28
CA ARG A 22 6.93 -3.70 1.79
C ARG A 22 6.93 -3.86 0.27
N GLY A 23 7.22 -2.76 -0.43
CA GLY A 23 7.27 -2.80 -1.88
C GLY A 23 8.38 -1.95 -2.46
N GLU A 24 8.56 -2.02 -3.78
CA GLU A 24 9.60 -1.24 -4.45
C GLU A 24 9.55 0.22 -4.01
N PRO A 25 10.70 0.91 -4.14
CA PRO A 25 10.82 2.31 -3.77
C PRO A 25 10.06 3.23 -4.71
N VAL A 26 9.63 2.68 -5.85
CA VAL A 26 8.88 3.45 -6.84
C VAL A 26 7.52 3.87 -6.30
N VAL A 27 7.12 3.25 -5.19
CA VAL A 27 5.84 3.55 -4.57
C VAL A 27 5.79 5.00 -4.08
N LEU A 28 6.97 5.57 -3.85
CA LEU A 28 7.07 6.95 -3.39
C LEU A 28 6.58 7.93 -4.45
N HIS A 29 6.23 7.40 -5.62
CA HIS A 29 5.74 8.22 -6.72
C HIS A 29 4.30 7.87 -7.06
N LEU A 30 3.77 6.84 -6.40
CA LEU A 30 2.40 6.40 -6.64
C LEU A 30 1.41 7.27 -5.87
N GLU A 31 0.13 7.10 -6.17
CA GLU A 31 -0.92 7.87 -5.51
C GLU A 31 -1.97 6.96 -4.91
N ARG A 32 -2.39 5.96 -5.67
CA ARG A 32 -3.39 5.01 -5.21
C ARG A 32 -2.87 3.57 -5.29
N VAL A 33 -3.50 2.68 -4.54
CA VAL A 33 -3.10 1.27 -4.52
C VAL A 33 -4.30 0.36 -4.74
N TYR A 34 -4.03 -0.92 -4.95
CA TYR A 34 -5.08 -1.91 -5.17
C TYR A 34 -4.95 -3.08 -4.19
N VAL A 35 -5.99 -3.30 -3.41
CA VAL A 35 -6.00 -4.40 -2.43
C VAL A 35 -6.45 -5.70 -3.08
N GLU A 36 -5.49 -6.53 -3.46
CA GLU A 36 -5.78 -7.81 -4.09
C GLU A 36 -6.58 -8.70 -3.14
N GLY A 37 -7.88 -8.76 -3.34
CA GLY A 37 -8.73 -9.58 -2.49
C GLY A 37 -10.08 -8.93 -2.21
N HIS A 38 -10.06 -7.62 -1.98
CA HIS A 38 -11.28 -6.88 -1.70
C HIS A 38 -11.58 -5.87 -2.80
N GLY A 39 -10.88 -4.74 -2.76
CA GLY A 39 -11.08 -3.70 -3.76
C GLY A 39 -9.93 -2.72 -3.82
N TRP A 40 -10.04 -1.73 -4.70
CA TRP A 40 -9.00 -0.72 -4.85
C TRP A 40 -9.01 0.24 -3.67
N ARG A 41 -7.86 0.87 -3.42
CA ARG A 41 -7.74 1.82 -2.32
C ARG A 41 -6.80 2.97 -2.69
N ALA A 42 -6.88 4.06 -1.94
CA ALA A 42 -6.04 5.22 -2.20
C ALA A 42 -5.09 5.48 -1.04
N ILE A 43 -3.90 5.97 -1.34
CA ILE A 43 -2.91 6.26 -0.32
C ILE A 43 -3.09 7.67 0.25
N GLU A 44 -3.06 7.77 1.58
CA GLU A 44 -3.23 9.05 2.24
C GLU A 44 -1.89 9.56 2.81
N ASP A 45 -1.11 8.64 3.34
CA ASP A 45 0.20 8.98 3.92
C ASP A 45 1.05 7.73 4.10
N LEU A 46 2.29 7.79 3.61
CA LEU A 46 3.21 6.67 3.73
C LEU A 46 4.65 7.16 3.89
N TYR A 47 5.46 6.36 4.58
CA TYR A 47 6.86 6.71 4.81
C TYR A 47 7.68 5.48 5.16
N ARG A 48 8.93 5.45 4.68
CA ARG A 48 9.81 4.32 4.94
C ARG A 48 10.38 4.39 6.35
N VAL A 49 9.83 3.60 7.26
CA VAL A 49 10.29 3.56 8.64
C VAL A 49 11.50 2.65 8.80
N GLY A 50 12.68 3.25 8.89
CA GLY A 50 13.90 2.49 9.05
C GLY A 50 14.16 1.57 7.86
N GLU A 51 13.95 0.27 8.06
CA GLU A 51 14.16 -0.70 7.01
C GLU A 51 12.84 -1.28 6.52
N GLU A 52 11.77 -0.50 6.65
CA GLU A 52 10.44 -0.93 6.21
C GLU A 52 9.60 0.27 5.77
N LEU A 53 8.40 -0.02 5.30
CA LEU A 53 7.49 1.03 4.83
C LEU A 53 6.09 0.85 5.42
N VAL A 54 5.45 1.95 5.76
CA VAL A 54 4.11 1.91 6.33
C VAL A 54 3.13 2.75 5.51
N VAL A 55 2.29 2.09 4.72
CA VAL A 55 1.32 2.77 3.89
C VAL A 55 -0.02 2.90 4.61
N HIS A 56 -0.61 4.09 4.58
CA HIS A 56 -1.89 4.34 5.22
C HIS A 56 -3.01 4.43 4.19
N LEU A 57 -3.74 3.33 4.00
CA LEU A 57 -4.83 3.29 3.04
C LEU A 57 -6.01 4.15 3.52
N ALA A 58 -6.78 4.66 2.57
CA ALA A 58 -7.93 5.50 2.89
C ALA A 58 -9.03 4.68 3.56
N GLY A 59 -9.58 5.19 4.65
CA GLY A 59 -10.63 4.50 5.36
C GLY A 59 -10.12 3.78 6.59
N VAL A 60 -9.06 2.98 6.43
CA VAL A 60 -8.48 2.25 7.54
C VAL A 60 -7.92 3.19 8.60
N THR A 61 -8.68 3.40 9.66
CA THR A 61 -8.26 4.29 10.74
C THR A 61 -8.22 3.55 12.07
N ASP A 62 -8.25 2.22 12.01
CA ASP A 62 -8.21 1.40 13.21
C ASP A 62 -7.47 0.09 12.94
N ARG A 63 -6.85 -0.45 13.99
CA ARG A 63 -6.11 -1.70 13.87
C ARG A 63 -6.97 -2.79 13.25
N THR A 64 -8.25 -2.80 13.61
CA THR A 64 -9.18 -3.79 13.09
C THR A 64 -9.24 -3.75 11.56
N LEU A 65 -9.77 -2.67 11.03
CA LEU A 65 -9.89 -2.49 9.58
C LEU A 65 -8.59 -2.87 8.89
N ALA A 66 -7.46 -2.52 9.52
CA ALA A 66 -6.16 -2.83 8.96
C ALA A 66 -5.91 -4.33 8.93
N GLU A 67 -6.09 -4.98 10.08
CA GLU A 67 -5.88 -6.42 10.19
C GLU A 67 -6.61 -7.15 9.06
N ALA A 68 -7.79 -6.67 8.71
CA ALA A 68 -8.58 -7.28 7.66
C ALA A 68 -7.86 -7.22 6.32
N LEU A 69 -7.07 -6.17 6.13
CA LEU A 69 -6.32 -5.99 4.89
C LEU A 69 -4.86 -6.42 5.07
N VAL A 70 -4.61 -7.24 6.08
CA VAL A 70 -3.26 -7.73 6.35
C VAL A 70 -3.05 -9.11 5.75
N GLY A 71 -2.00 -9.24 4.93
CA GLY A 71 -1.70 -10.50 4.30
C GLY A 71 -1.85 -10.45 2.79
N LEU A 72 -2.65 -9.50 2.31
CA LEU A 72 -2.87 -9.34 0.88
C LEU A 72 -1.72 -8.60 0.22
N ARG A 73 -1.70 -8.60 -1.11
CA ARG A 73 -0.65 -7.93 -1.86
C ARG A 73 -1.18 -6.67 -2.55
N VAL A 74 -0.33 -5.66 -2.66
CA VAL A 74 -0.72 -4.41 -3.30
C VAL A 74 -0.24 -4.34 -4.75
N TYR A 75 -1.17 -4.09 -5.66
CA TYR A 75 -0.84 -4.01 -7.08
C TYR A 75 -0.86 -2.56 -7.56
N ALA A 76 -0.13 -2.29 -8.64
CA ALA A 76 -0.07 -0.95 -9.20
C ALA A 76 -0.50 -0.94 -10.66
N GLU A 77 -0.85 0.23 -11.18
CA GLU A 77 -1.28 0.37 -12.56
C GLU A 77 -0.34 1.28 -13.34
N VAL A 78 0.25 0.74 -14.39
CA VAL A 78 1.17 1.50 -15.23
C VAL A 78 0.52 2.78 -15.74
N ALA A 79 -0.80 2.85 -15.63
CA ALA A 79 -1.55 4.02 -16.08
C ALA A 79 -1.16 5.25 -15.28
N ASP A 80 -0.65 5.04 -14.07
CA ASP A 80 -0.24 6.14 -13.20
C ASP A 80 1.27 6.25 -13.13
N LEU A 81 1.95 5.12 -13.34
CA LEU A 81 3.40 5.08 -13.30
C LEU A 81 4.00 5.93 -14.41
N PRO A 82 5.22 6.43 -14.19
CA PRO A 82 5.93 7.27 -15.15
C PRO A 82 6.39 6.48 -16.38
N PRO A 83 6.83 7.20 -17.42
CA PRO A 83 7.31 6.58 -18.66
C PRO A 83 8.63 5.85 -18.48
N LEU A 84 8.75 4.69 -19.10
CA LEU A 84 9.97 3.89 -19.01
C LEU A 84 11.12 4.55 -19.75
N GLU A 85 10.78 5.45 -20.68
CA GLU A 85 11.78 6.15 -21.46
C GLU A 85 12.64 7.04 -20.57
N MET A 1 -6.56 -5.58 -17.53
CA MET A 1 -6.05 -4.55 -16.63
C MET A 1 -4.55 -4.72 -16.42
N ARG A 2 -3.75 -3.86 -17.05
CA ARG A 2 -2.31 -3.92 -16.92
C ARG A 2 -1.86 -3.51 -15.53
N LEU A 3 -1.92 -4.46 -14.59
CA LEU A 3 -1.53 -4.20 -13.21
C LEU A 3 -0.33 -5.07 -12.82
N VAL A 4 0.40 -4.63 -11.80
CA VAL A 4 1.56 -5.38 -11.33
C VAL A 4 1.81 -5.11 -9.84
N GLU A 5 2.12 -6.17 -9.10
CA GLU A 5 2.37 -6.06 -7.67
C GLU A 5 3.69 -5.34 -7.41
N ILE A 6 3.72 -4.52 -6.37
CA ILE A 6 4.91 -3.76 -6.01
C ILE A 6 5.38 -4.11 -4.61
N GLY A 7 4.43 -4.46 -3.74
CA GLY A 7 4.75 -4.81 -2.37
C GLY A 7 3.66 -5.61 -1.70
N ARG A 8 3.89 -5.99 -0.44
CA ARG A 8 2.92 -6.78 0.32
C ARG A 8 2.79 -6.24 1.74
N PHE A 9 1.59 -6.36 2.28
CA PHE A 9 1.32 -5.89 3.65
C PHE A 9 1.83 -6.90 4.67
N GLY A 10 2.61 -6.41 5.64
CA GLY A 10 3.14 -7.28 6.67
C GLY A 10 2.32 -7.23 7.94
N ALA A 11 2.68 -6.32 8.83
CA ALA A 11 1.97 -6.18 10.10
C ALA A 11 1.26 -4.83 10.18
N PRO A 12 0.11 -4.80 10.87
CA PRO A 12 -0.69 -3.58 11.04
C PRO A 12 0.00 -2.57 11.96
N TYR A 13 0.36 -1.43 11.38
CA TYR A 13 1.03 -0.37 12.15
C TYR A 13 0.25 -0.04 13.41
N ALA A 14 0.78 0.89 14.20
CA ALA A 14 0.13 1.30 15.43
C ALA A 14 -1.38 1.42 15.26
N LEU A 15 -2.10 1.44 16.37
CA LEU A 15 -3.55 1.54 16.34
C LEU A 15 -3.99 2.65 15.37
N LYS A 16 -3.10 3.58 15.11
CA LYS A 16 -3.39 4.69 14.20
C LYS A 16 -4.16 4.20 12.98
N GLY A 17 -3.92 2.96 12.59
CA GLY A 17 -4.59 2.39 11.44
C GLY A 17 -3.68 2.23 10.24
N GLY A 18 -2.38 2.40 10.47
CA GLY A 18 -1.42 2.27 9.39
C GLY A 18 -1.08 0.83 9.08
N LEU A 19 -0.72 0.57 7.83
CA LEU A 19 -0.37 -0.78 7.40
C LEU A 19 1.06 -0.84 6.86
N ARG A 20 1.86 -1.74 7.43
CA ARG A 20 3.24 -1.89 7.01
C ARG A 20 3.32 -2.49 5.60
N PHE A 21 3.61 -1.65 4.62
CA PHE A 21 3.71 -2.08 3.23
C PHE A 21 5.16 -2.18 2.79
N ARG A 22 5.53 -3.34 2.24
CA ARG A 22 6.90 -3.56 1.78
C ARG A 22 6.95 -3.72 0.27
N GLY A 23 7.26 -2.63 -0.43
CA GLY A 23 7.33 -2.66 -1.87
C GLY A 23 8.45 -1.80 -2.43
N GLU A 24 8.81 -2.06 -3.67
CA GLU A 24 9.89 -1.30 -4.32
C GLU A 24 9.84 0.17 -3.90
N PRO A 25 10.99 0.85 -4.00
CA PRO A 25 11.11 2.27 -3.64
C PRO A 25 10.37 3.17 -4.62
N VAL A 26 10.02 2.64 -5.78
CA VAL A 26 9.31 3.41 -6.80
C VAL A 26 7.91 3.76 -6.33
N VAL A 27 7.46 3.11 -5.26
CA VAL A 27 6.13 3.34 -4.71
C VAL A 27 6.01 4.77 -4.18
N LEU A 28 7.15 5.43 -3.98
CA LEU A 28 7.17 6.79 -3.48
C LEU A 28 6.67 7.77 -4.54
N HIS A 29 6.32 7.25 -5.70
CA HIS A 29 5.83 8.08 -6.80
C HIS A 29 4.39 7.72 -7.15
N LEU A 30 3.84 6.75 -6.43
CA LEU A 30 2.46 6.30 -6.66
C LEU A 30 1.48 7.19 -5.91
N GLU A 31 0.19 7.03 -6.22
CA GLU A 31 -0.85 7.81 -5.58
C GLU A 31 -1.86 6.90 -4.88
N ARG A 32 -2.24 5.83 -5.56
CA ARG A 32 -3.21 4.88 -5.00
C ARG A 32 -2.72 3.44 -5.18
N VAL A 33 -3.33 2.52 -4.45
CA VAL A 33 -2.96 1.11 -4.54
C VAL A 33 -4.19 0.23 -4.76
N TYR A 34 -3.96 -1.07 -4.91
CA TYR A 34 -5.05 -2.01 -5.13
C TYR A 34 -4.95 -3.19 -4.17
N VAL A 35 -5.99 -3.36 -3.34
CA VAL A 35 -6.02 -4.45 -2.38
C VAL A 35 -6.52 -5.74 -3.02
N GLU A 36 -5.58 -6.58 -3.45
CA GLU A 36 -5.92 -7.85 -4.08
C GLU A 36 -6.75 -8.72 -3.14
N GLY A 37 -8.06 -8.72 -3.35
CA GLY A 37 -8.95 -9.51 -2.52
C GLY A 37 -10.26 -8.81 -2.25
N HIS A 38 -10.19 -7.53 -1.86
CA HIS A 38 -11.38 -6.76 -1.55
C HIS A 38 -11.65 -5.74 -2.66
N GLY A 39 -10.91 -4.63 -2.64
CA GLY A 39 -11.09 -3.60 -3.65
C GLY A 39 -9.91 -2.67 -3.73
N TRP A 40 -9.99 -1.69 -4.62
CA TRP A 40 -8.91 -0.72 -4.80
C TRP A 40 -8.89 0.30 -3.67
N ARG A 41 -7.69 0.70 -3.26
CA ARG A 41 -7.55 1.67 -2.18
C ARG A 41 -6.63 2.81 -2.61
N ALA A 42 -6.72 3.93 -1.89
CA ALA A 42 -5.89 5.10 -2.19
C ALA A 42 -4.91 5.39 -1.06
N ILE A 43 -3.77 5.97 -1.41
CA ILE A 43 -2.75 6.29 -0.41
C ILE A 43 -2.92 7.72 0.10
N GLU A 44 -2.99 7.87 1.41
CA GLU A 44 -3.14 9.18 2.02
C GLU A 44 -1.83 9.68 2.62
N ASP A 45 -1.08 8.76 3.22
CA ASP A 45 0.21 9.10 3.83
C ASP A 45 1.05 7.85 4.04
N LEU A 46 2.31 7.92 3.64
CA LEU A 46 3.23 6.79 3.78
C LEU A 46 4.66 7.27 3.95
N TYR A 47 5.51 6.43 4.53
CA TYR A 47 6.91 6.77 4.76
C TYR A 47 7.72 5.53 5.09
N ARG A 48 8.97 5.50 4.62
CA ARG A 48 9.86 4.37 4.88
C ARG A 48 10.50 4.48 6.26
N VAL A 49 9.99 3.70 7.20
CA VAL A 49 10.51 3.70 8.56
C VAL A 49 11.73 2.78 8.69
N GLY A 50 12.91 3.39 8.79
CA GLY A 50 14.12 2.61 8.91
C GLY A 50 14.35 1.69 7.73
N GLU A 51 14.08 0.41 7.91
CA GLU A 51 14.26 -0.58 6.86
C GLU A 51 12.92 -1.16 6.42
N GLU A 52 11.86 -0.38 6.61
CA GLU A 52 10.52 -0.83 6.24
C GLU A 52 9.67 0.35 5.76
N LEU A 53 8.45 0.06 5.34
CA LEU A 53 7.54 1.09 4.85
C LEU A 53 6.14 0.90 5.43
N VAL A 54 5.45 2.00 5.69
CA VAL A 54 4.10 1.95 6.24
C VAL A 54 3.15 2.82 5.43
N VAL A 55 2.24 2.17 4.71
CA VAL A 55 1.27 2.88 3.90
C VAL A 55 -0.08 3.00 4.62
N HIS A 56 -0.66 4.19 4.58
CA HIS A 56 -1.95 4.44 5.23
C HIS A 56 -3.06 4.51 4.20
N LEU A 57 -3.77 3.40 4.01
CA LEU A 57 -4.87 3.35 3.05
C LEU A 57 -6.06 4.17 3.53
N ALA A 58 -6.77 4.79 2.59
CA ALA A 58 -7.93 5.60 2.92
C ALA A 58 -9.06 4.75 3.46
N GLY A 59 -9.50 5.06 4.68
CA GLY A 59 -10.59 4.30 5.29
C GLY A 59 -10.13 3.53 6.52
N VAL A 60 -9.01 2.82 6.38
CA VAL A 60 -8.47 2.03 7.48
C VAL A 60 -7.85 2.93 8.55
N THR A 61 -8.63 3.22 9.59
CA THR A 61 -8.15 4.06 10.67
C THR A 61 -8.04 3.28 11.98
N ASP A 62 -8.66 2.10 12.01
CA ASP A 62 -8.63 1.25 13.19
C ASP A 62 -7.84 -0.03 12.92
N ARG A 63 -7.23 -0.57 13.97
CA ARG A 63 -6.45 -1.79 13.84
C ARG A 63 -7.23 -2.86 13.08
N THR A 64 -8.45 -3.13 13.53
CA THR A 64 -9.29 -4.13 12.89
C THR A 64 -9.26 -3.99 11.37
N LEU A 65 -9.75 -2.86 10.87
CA LEU A 65 -9.77 -2.60 9.44
C LEU A 65 -8.43 -2.94 8.79
N ALA A 66 -7.34 -2.59 9.50
CA ALA A 66 -6.00 -2.86 8.99
C ALA A 66 -5.74 -4.35 8.91
N GLU A 67 -6.01 -5.06 10.00
CA GLU A 67 -5.80 -6.51 10.05
C GLU A 67 -6.61 -7.22 8.97
N ALA A 68 -7.66 -6.55 8.50
CA ALA A 68 -8.52 -7.11 7.45
C ALA A 68 -7.82 -7.08 6.10
N LEU A 69 -6.84 -6.19 5.96
CA LEU A 69 -6.10 -6.05 4.71
C LEU A 69 -4.65 -6.48 4.90
N VAL A 70 -4.41 -7.32 5.89
CA VAL A 70 -3.06 -7.81 6.17
C VAL A 70 -2.86 -9.21 5.60
N GLY A 71 -1.82 -9.37 4.78
CA GLY A 71 -1.54 -10.65 4.17
C GLY A 71 -1.71 -10.64 2.66
N LEU A 72 -2.58 -9.76 2.18
CA LEU A 72 -2.84 -9.65 0.74
C LEU A 72 -1.71 -8.92 0.04
N ARG A 73 -1.72 -8.96 -1.28
CA ARG A 73 -0.69 -8.30 -2.07
C ARG A 73 -1.23 -7.03 -2.72
N VAL A 74 -0.38 -6.00 -2.78
CA VAL A 74 -0.77 -4.72 -3.37
C VAL A 74 -0.41 -4.67 -4.85
N TYR A 75 -1.31 -4.10 -5.65
CA TYR A 75 -1.08 -3.99 -7.09
C TYR A 75 -1.09 -2.53 -7.52
N ALA A 76 -0.23 -2.20 -8.48
CA ALA A 76 -0.14 -0.84 -8.99
C ALA A 76 -0.57 -0.77 -10.45
N GLU A 77 -0.76 0.45 -10.96
CA GLU A 77 -1.18 0.65 -12.33
C GLU A 77 -0.12 1.43 -13.11
N VAL A 78 0.43 0.80 -14.15
CA VAL A 78 1.45 1.43 -14.97
C VAL A 78 0.96 2.78 -15.51
N ALA A 79 -0.35 2.88 -15.73
CA ALA A 79 -0.93 4.11 -16.24
C ALA A 79 -0.43 5.32 -15.46
N ASP A 80 -0.04 5.11 -14.22
CA ASP A 80 0.45 6.18 -13.37
C ASP A 80 1.97 6.20 -13.34
N LEU A 81 2.57 5.00 -13.29
CA LEU A 81 4.02 4.88 -13.26
C LEU A 81 4.67 5.71 -14.37
N PRO A 82 5.86 6.23 -14.09
CA PRO A 82 6.62 7.05 -15.05
C PRO A 82 7.13 6.24 -16.23
N PRO A 83 7.22 6.89 -17.40
CA PRO A 83 7.70 6.25 -18.63
C PRO A 83 9.19 5.92 -18.57
N LEU A 84 9.56 4.77 -19.10
CA LEU A 84 10.96 4.34 -19.11
C LEU A 84 11.86 5.44 -19.64
N GLU A 85 11.28 6.37 -20.39
CA GLU A 85 12.03 7.48 -20.96
C GLU A 85 12.30 8.55 -19.92
N MET A 1 -6.58 -5.35 -17.74
CA MET A 1 -6.03 -4.59 -16.63
C MET A 1 -4.57 -4.99 -16.38
N ARG A 2 -3.66 -4.32 -17.07
CA ARG A 2 -2.23 -4.61 -16.93
C ARG A 2 -1.70 -4.06 -15.60
N LEU A 3 -1.81 -4.88 -14.56
CA LEU A 3 -1.34 -4.49 -13.24
C LEU A 3 -0.02 -5.16 -12.91
N VAL A 4 0.72 -4.58 -11.96
CA VAL A 4 2.00 -5.12 -11.55
C VAL A 4 2.20 -5.01 -10.04
N GLU A 5 2.59 -6.10 -9.42
CA GLU A 5 2.81 -6.13 -7.98
C GLU A 5 4.06 -5.33 -7.60
N ILE A 6 3.92 -4.47 -6.60
CA ILE A 6 5.03 -3.64 -6.14
C ILE A 6 5.45 -4.03 -4.72
N GLY A 7 4.47 -4.34 -3.89
CA GLY A 7 4.77 -4.72 -2.51
C GLY A 7 3.65 -5.54 -1.89
N ARG A 8 3.85 -5.95 -0.64
CA ARG A 8 2.85 -6.74 0.07
C ARG A 8 2.76 -6.32 1.53
N PHE A 9 1.54 -6.31 2.07
CA PHE A 9 1.32 -5.93 3.45
C PHE A 9 1.87 -6.99 4.41
N GLY A 10 2.46 -6.54 5.50
CA GLY A 10 3.03 -7.46 6.48
C GLY A 10 2.22 -7.49 7.77
N ALA A 11 2.43 -6.48 8.61
CA ALA A 11 1.72 -6.39 9.89
C ALA A 11 1.02 -5.04 10.03
N PRO A 12 -0.07 -5.03 10.81
CA PRO A 12 -0.85 -3.81 11.05
C PRO A 12 -0.10 -2.81 11.92
N TYR A 13 0.24 -1.67 11.33
CA TYR A 13 0.97 -0.63 12.06
C TYR A 13 0.22 -0.22 13.32
N ALA A 14 0.80 0.71 14.07
CA ALA A 14 0.18 1.19 15.30
C ALA A 14 -1.31 1.40 15.12
N LEU A 15 -2.02 1.54 16.24
CA LEU A 15 -3.47 1.75 16.20
C LEU A 15 -3.83 2.86 15.23
N LYS A 16 -2.91 3.79 15.02
CA LYS A 16 -3.13 4.90 14.10
C LYS A 16 -3.89 4.45 12.86
N GLY A 17 -3.69 3.19 12.48
CA GLY A 17 -4.38 2.64 11.32
C GLY A 17 -3.43 2.43 10.16
N GLY A 18 -2.13 2.47 10.43
CA GLY A 18 -1.15 2.28 9.38
C GLY A 18 -0.94 0.82 9.04
N LEU A 19 -0.47 0.55 7.83
CA LEU A 19 -0.23 -0.82 7.38
C LEU A 19 1.17 -0.97 6.82
N ARG A 20 1.93 -1.90 7.41
CA ARG A 20 3.30 -2.14 6.98
C ARG A 20 3.33 -2.68 5.55
N PHE A 21 3.66 -1.81 4.61
CA PHE A 21 3.72 -2.19 3.19
C PHE A 21 5.17 -2.27 2.72
N ARG A 22 5.59 -3.45 2.30
CA ARG A 22 6.95 -3.67 1.82
C ARG A 22 6.98 -3.85 0.31
N GLY A 23 7.26 -2.77 -0.41
CA GLY A 23 7.30 -2.83 -1.86
C GLY A 23 8.41 -1.98 -2.45
N GLU A 24 8.60 -2.07 -3.75
CA GLU A 24 9.64 -1.30 -4.44
C GLU A 24 9.59 0.17 -4.02
N PRO A 25 10.73 0.85 -4.14
CA PRO A 25 10.85 2.27 -3.79
C PRO A 25 10.08 3.17 -4.75
N VAL A 26 9.68 2.61 -5.89
CA VAL A 26 8.94 3.37 -6.89
C VAL A 26 7.56 3.76 -6.37
N VAL A 27 7.13 3.11 -5.29
CA VAL A 27 5.83 3.40 -4.70
C VAL A 27 5.78 4.82 -4.13
N LEU A 28 6.95 5.38 -3.84
CA LEU A 28 7.03 6.73 -3.30
C LEU A 28 6.55 7.75 -4.31
N HIS A 29 6.25 7.29 -5.52
CA HIS A 29 5.77 8.16 -6.59
C HIS A 29 4.30 7.87 -6.91
N LEU A 30 3.80 6.76 -6.40
CA LEU A 30 2.41 6.36 -6.64
C LEU A 30 1.47 7.20 -5.79
N GLU A 31 0.17 7.06 -6.05
CA GLU A 31 -0.85 7.81 -5.31
C GLU A 31 -1.91 6.88 -4.76
N ARG A 32 -2.33 5.91 -5.58
CA ARG A 32 -3.35 4.95 -5.17
C ARG A 32 -2.79 3.53 -5.20
N VAL A 33 -3.50 2.61 -4.55
CA VAL A 33 -3.08 1.22 -4.50
C VAL A 33 -4.27 0.28 -4.72
N TYR A 34 -3.97 -1.00 -4.93
CA TYR A 34 -5.01 -1.99 -5.16
C TYR A 34 -4.89 -3.14 -4.16
N VAL A 35 -5.95 -3.33 -3.37
CA VAL A 35 -5.96 -4.39 -2.37
C VAL A 35 -6.39 -5.72 -2.98
N GLU A 36 -5.42 -6.54 -3.36
CA GLU A 36 -5.69 -7.83 -3.97
C GLU A 36 -6.51 -8.70 -3.01
N GLY A 37 -7.82 -8.76 -3.26
CA GLY A 37 -8.70 -9.56 -2.42
C GLY A 37 -10.05 -8.91 -2.21
N HIS A 38 -10.04 -7.60 -1.96
CA HIS A 38 -11.28 -6.85 -1.74
C HIS A 38 -11.53 -5.88 -2.88
N GLY A 39 -10.85 -4.74 -2.85
CA GLY A 39 -11.01 -3.73 -3.88
C GLY A 39 -9.86 -2.75 -3.93
N TRP A 40 -9.95 -1.79 -4.84
CA TRP A 40 -8.89 -0.78 -4.98
C TRP A 40 -8.99 0.26 -3.87
N ARG A 41 -7.84 0.59 -3.29
CA ARG A 41 -7.80 1.58 -2.21
C ARG A 41 -6.88 2.74 -2.58
N ALA A 42 -6.94 3.81 -1.78
CA ALA A 42 -6.12 4.99 -2.03
C ALA A 42 -5.14 5.22 -0.89
N ILE A 43 -4.04 5.91 -1.19
CA ILE A 43 -3.02 6.19 -0.19
C ILE A 43 -3.22 7.58 0.42
N GLU A 44 -3.14 7.65 1.74
CA GLU A 44 -3.32 8.92 2.46
C GLU A 44 -1.97 9.44 2.96
N ASP A 45 -1.19 8.57 3.58
CA ASP A 45 0.11 8.96 4.11
C ASP A 45 1.00 7.73 4.29
N LEU A 46 2.18 7.77 3.68
CA LEU A 46 3.13 6.67 3.77
C LEU A 46 4.55 7.17 3.98
N TYR A 47 5.41 6.32 4.53
CA TYR A 47 6.80 6.69 4.78
C TYR A 47 7.63 5.46 5.12
N ARG A 48 8.88 5.45 4.66
CA ARG A 48 9.78 4.33 4.91
C ARG A 48 10.37 4.42 6.32
N VAL A 49 9.79 3.66 7.25
CA VAL A 49 10.26 3.66 8.63
C VAL A 49 11.46 2.74 8.79
N GLY A 50 12.60 3.32 9.15
CA GLY A 50 13.81 2.54 9.34
C GLY A 50 14.14 1.68 8.13
N GLU A 51 13.88 0.38 8.25
CA GLU A 51 14.15 -0.55 7.17
C GLU A 51 12.85 -1.17 6.64
N GLU A 52 11.78 -0.38 6.68
CA GLU A 52 10.49 -0.85 6.21
C GLU A 52 9.61 0.31 5.75
N LEU A 53 8.43 -0.01 5.25
CA LEU A 53 7.50 1.02 4.77
C LEU A 53 6.10 0.80 5.34
N VAL A 54 5.45 1.88 5.72
CA VAL A 54 4.09 1.81 6.28
C VAL A 54 3.12 2.69 5.51
N VAL A 55 2.30 2.06 4.67
CA VAL A 55 1.32 2.79 3.87
C VAL A 55 -0.03 2.86 4.58
N HIS A 56 -0.63 4.05 4.57
CA HIS A 56 -1.93 4.24 5.21
C HIS A 56 -3.04 4.32 4.17
N LEU A 57 -3.80 3.23 4.03
CA LEU A 57 -4.90 3.19 3.07
C LEU A 57 -6.04 4.10 3.50
N ALA A 58 -6.79 4.60 2.53
CA ALA A 58 -7.92 5.48 2.81
C ALA A 58 -9.03 4.72 3.52
N GLY A 59 -9.42 5.22 4.70
CA GLY A 59 -10.47 4.56 5.47
C GLY A 59 -9.94 3.83 6.68
N VAL A 60 -8.89 3.06 6.49
CA VAL A 60 -8.28 2.30 7.58
C VAL A 60 -7.74 3.23 8.65
N THR A 61 -8.51 3.42 9.72
CA THR A 61 -8.10 4.29 10.82
C THR A 61 -7.99 3.49 12.12
N ASP A 62 -8.45 2.25 12.10
CA ASP A 62 -8.39 1.39 13.28
C ASP A 62 -7.63 0.11 12.97
N ARG A 63 -6.99 -0.45 14.00
CA ARG A 63 -6.23 -1.68 13.85
C ARG A 63 -7.05 -2.74 13.12
N THR A 64 -8.32 -2.86 13.51
CA THR A 64 -9.20 -3.84 12.89
C THR A 64 -9.21 -3.71 11.37
N LEU A 65 -9.70 -2.58 10.88
CA LEU A 65 -9.74 -2.33 9.44
C LEU A 65 -8.45 -2.74 8.77
N ALA A 66 -7.33 -2.32 9.35
CA ALA A 66 -6.02 -2.64 8.81
C ALA A 66 -5.80 -4.14 8.76
N GLU A 67 -6.01 -4.81 9.89
CA GLU A 67 -5.83 -6.26 9.97
C GLU A 67 -6.54 -6.95 8.81
N ALA A 68 -7.71 -6.44 8.44
CA ALA A 68 -8.48 -7.01 7.35
C ALA A 68 -7.71 -6.96 6.04
N LEU A 69 -6.85 -5.96 5.90
CA LEU A 69 -6.04 -5.80 4.69
C LEU A 69 -4.59 -6.18 4.96
N VAL A 70 -4.38 -7.06 5.94
CA VAL A 70 -3.04 -7.51 6.28
C VAL A 70 -2.79 -8.92 5.75
N GLY A 71 -1.69 -9.06 5.02
CA GLY A 71 -1.33 -10.36 4.45
C GLY A 71 -1.52 -10.40 2.95
N LEU A 72 -2.49 -9.64 2.45
CA LEU A 72 -2.77 -9.59 1.02
C LEU A 72 -1.65 -8.89 0.27
N ARG A 73 -1.72 -8.92 -1.06
CA ARG A 73 -0.71 -8.28 -1.90
C ARG A 73 -1.26 -7.03 -2.56
N VAL A 74 -0.41 -6.03 -2.75
CA VAL A 74 -0.83 -4.78 -3.38
C VAL A 74 -0.37 -4.72 -4.83
N TYR A 75 -1.21 -4.15 -5.69
CA TYR A 75 -0.90 -4.03 -7.10
C TYR A 75 -0.85 -2.57 -7.53
N ALA A 76 -0.17 -2.30 -8.64
CA ALA A 76 -0.05 -0.94 -9.16
C ALA A 76 -0.57 -0.85 -10.59
N GLU A 77 -0.84 0.37 -11.04
CA GLU A 77 -1.34 0.58 -12.40
C GLU A 77 -0.31 1.32 -13.25
N VAL A 78 -0.14 0.88 -14.49
CA VAL A 78 0.80 1.50 -15.40
C VAL A 78 0.29 2.85 -15.91
N ALA A 79 -0.86 3.27 -15.37
CA ALA A 79 -1.45 4.54 -15.77
C ALA A 79 -0.98 5.68 -14.86
N ASP A 80 -0.78 5.35 -13.59
CA ASP A 80 -0.33 6.35 -12.61
C ASP A 80 1.19 6.39 -12.54
N LEU A 81 1.82 5.24 -12.76
CA LEU A 81 3.26 5.13 -12.72
C LEU A 81 3.91 6.10 -13.71
N PRO A 82 5.15 6.52 -13.41
CA PRO A 82 5.90 7.44 -14.26
C PRO A 82 6.33 6.80 -15.58
N PRO A 83 6.82 7.63 -16.50
CA PRO A 83 7.27 7.17 -17.83
C PRO A 83 8.56 6.36 -17.74
N LEU A 84 8.91 5.68 -18.82
CA LEU A 84 10.11 4.87 -18.87
C LEU A 84 11.27 5.64 -19.50
N GLU A 85 10.93 6.67 -20.27
CA GLU A 85 11.95 7.50 -20.93
C GLU A 85 11.77 8.97 -20.55
N MET A 1 -6.67 -4.49 -17.76
CA MET A 1 -5.76 -3.52 -17.19
C MET A 1 -4.41 -4.15 -16.87
N ARG A 2 -3.33 -3.39 -17.09
CA ARG A 2 -1.98 -3.88 -16.85
C ARG A 2 -1.53 -3.51 -15.43
N LEU A 3 -1.48 -4.50 -14.55
CA LEU A 3 -1.06 -4.27 -13.17
C LEU A 3 0.18 -5.11 -12.84
N VAL A 4 0.85 -4.74 -11.75
CA VAL A 4 2.05 -5.45 -11.33
C VAL A 4 2.24 -5.35 -9.82
N GLU A 5 2.59 -6.46 -9.19
CA GLU A 5 2.80 -6.50 -7.75
C GLU A 5 4.14 -5.84 -7.38
N ILE A 6 4.06 -4.80 -6.55
CA ILE A 6 5.26 -4.09 -6.13
C ILE A 6 5.62 -4.43 -4.68
N GLY A 7 4.60 -4.61 -3.85
CA GLY A 7 4.83 -4.94 -2.46
C GLY A 7 3.64 -5.63 -1.82
N ARG A 8 3.81 -6.09 -0.59
CA ARG A 8 2.74 -6.78 0.13
C ARG A 8 2.68 -6.31 1.58
N PHE A 9 1.47 -6.30 2.14
CA PHE A 9 1.27 -5.87 3.51
C PHE A 9 1.79 -6.91 4.49
N GLY A 10 2.42 -6.46 5.56
CA GLY A 10 2.96 -7.37 6.56
C GLY A 10 2.16 -7.34 7.85
N ALA A 11 2.49 -6.38 8.72
CA ALA A 11 1.80 -6.25 10.00
C ALA A 11 1.08 -4.91 10.10
N PRO A 12 -0.04 -4.90 10.84
CA PRO A 12 -0.84 -3.69 11.04
C PRO A 12 -0.13 -2.66 11.91
N TYR A 13 0.24 -1.53 11.33
CA TYR A 13 0.92 -0.47 12.06
C TYR A 13 0.18 -0.12 13.34
N ALA A 14 0.74 0.79 14.12
CA ALA A 14 0.12 1.22 15.37
C ALA A 14 -1.38 1.44 15.20
N LEU A 15 -2.10 1.45 16.31
CA LEU A 15 -3.54 1.65 16.28
C LEU A 15 -3.91 2.78 15.33
N LYS A 16 -2.97 3.69 15.10
CA LYS A 16 -3.20 4.83 14.22
C LYS A 16 -3.95 4.39 12.97
N GLY A 17 -3.82 3.11 12.61
CA GLY A 17 -4.49 2.59 11.44
C GLY A 17 -3.55 2.42 10.26
N GLY A 18 -2.25 2.44 10.54
CA GLY A 18 -1.26 2.29 9.48
C GLY A 18 -1.04 0.83 9.11
N LEU A 19 -0.62 0.60 7.87
CA LEU A 19 -0.36 -0.75 7.39
C LEU A 19 1.06 -0.88 6.84
N ARG A 20 1.82 -1.81 7.39
CA ARG A 20 3.19 -2.04 6.95
C ARG A 20 3.23 -2.59 5.53
N PHE A 21 3.55 -1.74 4.57
CA PHE A 21 3.61 -2.14 3.18
C PHE A 21 5.07 -2.26 2.71
N ARG A 22 5.41 -3.42 2.16
CA ARG A 22 6.77 -3.66 1.67
C ARG A 22 6.78 -3.81 0.15
N GLY A 23 7.10 -2.73 -0.54
CA GLY A 23 7.14 -2.76 -1.99
C GLY A 23 8.27 -1.93 -2.56
N GLU A 24 8.46 -2.00 -3.87
CA GLU A 24 9.52 -1.25 -4.54
C GLU A 24 9.52 0.20 -4.07
N PRO A 25 10.69 0.87 -4.22
CA PRO A 25 10.84 2.27 -3.82
C PRO A 25 10.08 3.22 -4.73
N VAL A 26 9.69 2.72 -5.90
CA VAL A 26 8.95 3.54 -6.86
C VAL A 26 7.56 3.89 -6.32
N VAL A 27 7.16 3.22 -5.25
CA VAL A 27 5.86 3.46 -4.64
C VAL A 27 5.77 4.87 -4.08
N LEU A 28 6.93 5.49 -3.90
CA LEU A 28 6.99 6.85 -3.36
C LEU A 28 6.52 7.87 -4.38
N HIS A 29 6.23 7.39 -5.59
CA HIS A 29 5.77 8.27 -6.67
C HIS A 29 4.33 7.94 -7.05
N LEU A 30 3.72 7.01 -6.32
CA LEU A 30 2.35 6.60 -6.59
C LEU A 30 1.38 7.41 -5.74
N GLU A 31 0.08 7.21 -5.99
CA GLU A 31 -0.95 7.93 -5.25
C GLU A 31 -2.01 6.96 -4.72
N ARG A 32 -2.39 5.99 -5.55
CA ARG A 32 -3.39 5.00 -5.18
C ARG A 32 -2.81 3.60 -5.21
N VAL A 33 -3.53 2.63 -4.65
CA VAL A 33 -3.08 1.24 -4.63
C VAL A 33 -4.25 0.29 -4.89
N TYR A 34 -3.93 -0.99 -5.01
CA TYR A 34 -4.94 -2.01 -5.27
C TYR A 34 -4.81 -3.17 -4.29
N VAL A 35 -5.85 -3.38 -3.47
CA VAL A 35 -5.85 -4.46 -2.50
C VAL A 35 -6.34 -5.76 -3.11
N GLU A 36 -5.41 -6.60 -3.55
CA GLU A 36 -5.75 -7.87 -4.17
C GLU A 36 -6.53 -8.76 -3.18
N GLY A 37 -7.84 -8.77 -3.33
CA GLY A 37 -8.69 -9.58 -2.46
C GLY A 37 -10.01 -8.92 -2.15
N HIS A 38 -9.97 -7.60 -1.94
CA HIS A 38 -11.18 -6.84 -1.63
C HIS A 38 -11.49 -5.84 -2.74
N GLY A 39 -10.77 -4.72 -2.73
CA GLY A 39 -10.97 -3.69 -3.73
C GLY A 39 -9.80 -2.74 -3.85
N TRP A 40 -9.92 -1.77 -4.74
CA TRP A 40 -8.85 -0.79 -4.95
C TRP A 40 -8.89 0.29 -3.86
N ARG A 41 -7.78 0.45 -3.15
CA ARG A 41 -7.69 1.44 -2.09
C ARG A 41 -6.73 2.56 -2.48
N ALA A 42 -6.87 3.71 -1.83
CA ALA A 42 -6.02 4.86 -2.11
C ALA A 42 -5.07 5.13 -0.94
N ILE A 43 -3.98 5.83 -1.23
CA ILE A 43 -2.99 6.15 -0.21
C ILE A 43 -3.20 7.56 0.34
N GLU A 44 -3.07 7.70 1.65
CA GLU A 44 -3.25 8.99 2.31
C GLU A 44 -1.93 9.50 2.88
N ASP A 45 -1.15 8.59 3.46
CA ASP A 45 0.13 8.95 4.05
C ASP A 45 1.00 7.71 4.22
N LEU A 46 2.22 7.78 3.69
CA LEU A 46 3.16 6.66 3.77
C LEU A 46 4.58 7.16 3.94
N TYR A 47 5.44 6.33 4.53
CA TYR A 47 6.83 6.70 4.74
C TYR A 47 7.67 5.46 5.08
N ARG A 48 8.90 5.43 4.58
CA ARG A 48 9.80 4.32 4.83
C ARG A 48 10.41 4.41 6.22
N VAL A 49 9.83 3.67 7.16
CA VAL A 49 10.32 3.66 8.55
C VAL A 49 11.55 2.76 8.69
N GLY A 50 12.70 3.39 8.88
CA GLY A 50 13.93 2.63 9.03
C GLY A 50 14.20 1.72 7.85
N GLU A 51 13.92 0.43 8.04
CA GLU A 51 14.14 -0.56 6.98
C GLU A 51 12.81 -1.17 6.53
N GLU A 52 11.76 -0.36 6.56
CA GLU A 52 10.43 -0.81 6.15
C GLU A 52 9.57 0.35 5.69
N LEU A 53 8.37 0.04 5.24
CA LEU A 53 7.44 1.06 4.76
C LEU A 53 6.05 0.86 5.34
N VAL A 54 5.41 1.96 5.72
CA VAL A 54 4.06 1.90 6.30
C VAL A 54 3.09 2.76 5.49
N VAL A 55 2.25 2.10 4.71
CA VAL A 55 1.26 2.81 3.89
C VAL A 55 -0.08 2.89 4.60
N HIS A 56 -0.66 4.09 4.61
CA HIS A 56 -1.94 4.31 5.27
C HIS A 56 -3.05 4.51 4.23
N LEU A 57 -3.84 3.45 4.01
CA LEU A 57 -4.93 3.49 3.05
C LEU A 57 -6.06 4.39 3.55
N ALA A 58 -6.80 4.98 2.62
CA ALA A 58 -7.91 5.86 2.96
C ALA A 58 -9.04 5.08 3.64
N GLY A 59 -9.29 5.41 4.91
CA GLY A 59 -10.35 4.74 5.65
C GLY A 59 -9.81 3.96 6.83
N VAL A 60 -8.79 3.13 6.58
CA VAL A 60 -8.18 2.33 7.64
C VAL A 60 -7.57 3.21 8.72
N THR A 61 -8.30 3.38 9.82
CA THR A 61 -7.84 4.20 10.92
C THR A 61 -7.78 3.40 12.22
N ASP A 62 -8.23 2.15 12.15
CA ASP A 62 -8.23 1.28 13.32
C ASP A 62 -7.50 -0.03 13.02
N ARG A 63 -6.94 -0.64 14.07
CA ARG A 63 -6.20 -1.89 13.92
C ARG A 63 -7.04 -2.93 13.20
N THR A 64 -8.32 -3.03 13.57
CA THR A 64 -9.22 -3.98 12.97
C THR A 64 -9.22 -3.86 11.44
N LEU A 65 -9.72 -2.73 10.95
CA LEU A 65 -9.77 -2.48 9.51
C LEU A 65 -8.45 -2.88 8.84
N ALA A 66 -7.34 -2.49 9.46
CA ALA A 66 -6.02 -2.81 8.93
C ALA A 66 -5.81 -4.31 8.84
N GLU A 67 -6.00 -5.00 9.96
CA GLU A 67 -5.84 -6.45 10.01
C GLU A 67 -6.57 -7.13 8.85
N ALA A 68 -7.73 -6.58 8.50
CA ALA A 68 -8.54 -7.13 7.41
C ALA A 68 -7.79 -7.03 6.09
N LEU A 69 -7.01 -5.97 5.92
CA LEU A 69 -6.25 -5.76 4.70
C LEU A 69 -4.79 -6.20 4.88
N VAL A 70 -4.56 -7.05 5.88
CA VAL A 70 -3.22 -7.55 6.16
C VAL A 70 -3.02 -8.94 5.57
N GLY A 71 -1.94 -9.11 4.81
CA GLY A 71 -1.65 -10.40 4.21
C GLY A 71 -1.81 -10.37 2.70
N LEU A 72 -2.73 -9.54 2.22
CA LEU A 72 -2.98 -9.43 0.79
C LEU A 72 -1.82 -8.73 0.08
N ARG A 73 -1.76 -8.88 -1.25
CA ARG A 73 -0.70 -8.26 -2.04
C ARG A 73 -1.22 -7.02 -2.77
N VAL A 74 -0.44 -5.95 -2.73
CA VAL A 74 -0.80 -4.70 -3.38
C VAL A 74 -0.35 -4.69 -4.84
N TYR A 75 -1.21 -4.19 -5.72
CA TYR A 75 -0.90 -4.12 -7.14
C TYR A 75 -0.77 -2.68 -7.61
N ALA A 76 0.07 -2.45 -8.61
CA ALA A 76 0.27 -1.11 -9.15
C ALA A 76 -0.19 -1.03 -10.60
N GLU A 77 -0.51 0.18 -11.04
CA GLU A 77 -0.97 0.40 -12.41
C GLU A 77 0.02 1.26 -13.19
N VAL A 78 0.61 0.66 -14.23
CA VAL A 78 1.58 1.37 -15.06
C VAL A 78 1.00 2.69 -15.58
N ALA A 79 -0.31 2.72 -15.76
CA ALA A 79 -0.98 3.92 -16.25
C ALA A 79 -0.57 5.14 -15.44
N ASP A 80 -0.10 4.92 -14.22
CA ASP A 80 0.31 6.00 -13.35
C ASP A 80 1.84 6.13 -13.34
N LEU A 81 2.52 4.99 -13.42
CA LEU A 81 3.98 4.99 -13.42
C LEU A 81 4.53 5.87 -14.54
N PRO A 82 5.66 6.53 -14.26
CA PRO A 82 6.32 7.42 -15.23
C PRO A 82 6.94 6.65 -16.39
N PRO A 83 6.96 7.28 -17.58
CA PRO A 83 7.54 6.68 -18.78
C PRO A 83 9.05 6.55 -18.70
N LEU A 84 9.67 6.09 -19.79
CA LEU A 84 11.11 5.91 -19.85
C LEU A 84 11.75 7.01 -20.70
N GLU A 85 11.93 8.18 -20.13
CA GLU A 85 12.52 9.31 -20.84
C GLU A 85 13.99 9.03 -21.15
N MET A 1 -5.69 -6.66 -17.01
CA MET A 1 -5.20 -5.29 -16.90
C MET A 1 -3.67 -5.25 -16.92
N ARG A 2 -3.11 -4.06 -16.80
CA ARG A 2 -1.67 -3.89 -16.81
C ARG A 2 -1.15 -3.51 -15.43
N LEU A 3 -1.47 -4.32 -14.44
CA LEU A 3 -1.04 -4.07 -13.07
C LEU A 3 0.19 -4.90 -12.72
N VAL A 4 0.88 -4.50 -11.66
CA VAL A 4 2.08 -5.20 -11.22
C VAL A 4 2.23 -5.12 -9.70
N GLU A 5 2.73 -6.21 -9.11
CA GLU A 5 2.93 -6.26 -7.67
C GLU A 5 4.17 -5.47 -7.26
N ILE A 6 3.98 -4.47 -6.40
CA ILE A 6 5.08 -3.64 -5.94
C ILE A 6 5.49 -4.01 -4.51
N GLY A 7 4.49 -4.32 -3.68
CA GLY A 7 4.77 -4.70 -2.31
C GLY A 7 3.65 -5.52 -1.70
N ARG A 8 3.84 -5.93 -0.45
CA ARG A 8 2.84 -6.73 0.24
C ARG A 8 2.70 -6.28 1.70
N PHE A 9 1.49 -6.40 2.24
CA PHE A 9 1.22 -6.00 3.61
C PHE A 9 1.74 -7.05 4.59
N GLY A 10 2.59 -6.61 5.52
CA GLY A 10 3.16 -7.52 6.50
C GLY A 10 2.38 -7.51 7.80
N ALA A 11 2.61 -6.49 8.62
CA ALA A 11 1.94 -6.37 9.91
C ALA A 11 1.23 -5.02 10.01
N PRO A 12 0.11 -5.01 10.76
CA PRO A 12 -0.69 -3.80 10.97
C PRO A 12 0.02 -2.78 11.85
N TYR A 13 0.33 -1.63 11.27
CA TYR A 13 1.02 -0.56 12.01
C TYR A 13 0.28 -0.24 13.30
N ALA A 14 0.85 0.67 14.09
CA ALA A 14 0.25 1.08 15.35
C ALA A 14 -1.25 1.31 15.19
N LEU A 15 -1.98 1.23 16.30
CA LEU A 15 -3.42 1.44 16.27
C LEU A 15 -3.80 2.60 15.37
N LYS A 16 -2.88 3.57 15.24
CA LYS A 16 -3.12 4.73 14.39
C LYS A 16 -3.93 4.36 13.16
N GLY A 17 -3.73 3.13 12.67
CA GLY A 17 -4.45 2.67 11.50
C GLY A 17 -3.55 2.50 10.29
N GLY A 18 -2.24 2.47 10.54
CA GLY A 18 -1.29 2.31 9.45
C GLY A 18 -1.03 0.85 9.12
N LEU A 19 -0.57 0.61 7.90
CA LEU A 19 -0.28 -0.75 7.45
C LEU A 19 1.12 -0.86 6.86
N ARG A 20 1.91 -1.78 7.38
CA ARG A 20 3.27 -1.98 6.91
C ARG A 20 3.27 -2.52 5.48
N PHE A 21 3.60 -1.66 4.53
CA PHE A 21 3.64 -2.04 3.12
C PHE A 21 5.08 -2.14 2.62
N ARG A 22 5.53 -3.37 2.39
CA ARG A 22 6.89 -3.60 1.91
C ARG A 22 6.92 -3.80 0.40
N GLY A 23 7.21 -2.73 -0.33
CA GLY A 23 7.25 -2.80 -1.77
C GLY A 23 8.37 -1.96 -2.37
N GLU A 24 8.56 -2.08 -3.68
CA GLU A 24 9.61 -1.33 -4.37
C GLU A 24 9.56 0.14 -3.98
N PRO A 25 10.71 0.82 -4.10
CA PRO A 25 10.83 2.24 -3.76
C PRO A 25 10.09 3.14 -4.76
N VAL A 26 9.73 2.57 -5.90
CA VAL A 26 9.01 3.32 -6.92
C VAL A 26 7.61 3.69 -6.46
N VAL A 27 7.18 3.09 -5.35
CA VAL A 27 5.87 3.37 -4.79
C VAL A 27 5.77 4.80 -4.29
N LEU A 28 6.92 5.46 -4.17
CA LEU A 28 6.97 6.83 -3.70
C LEU A 28 6.48 7.80 -4.78
N HIS A 29 6.11 7.26 -5.93
CA HIS A 29 5.63 8.07 -7.04
C HIS A 29 4.18 7.71 -7.38
N LEU A 30 3.53 6.97 -6.50
CA LEU A 30 2.14 6.56 -6.70
C LEU A 30 1.19 7.38 -5.83
N GLU A 31 -0.10 7.25 -6.10
CA GLU A 31 -1.11 7.98 -5.33
C GLU A 31 -2.17 7.03 -4.79
N ARG A 32 -2.45 5.96 -5.53
CA ARG A 32 -3.44 4.98 -5.12
C ARG A 32 -2.86 3.57 -5.18
N VAL A 33 -3.53 2.63 -4.53
CA VAL A 33 -3.09 1.25 -4.51
C VAL A 33 -4.25 0.29 -4.79
N TYR A 34 -3.95 -1.00 -4.89
CA TYR A 34 -4.96 -2.01 -5.15
C TYR A 34 -4.85 -3.16 -4.16
N VAL A 35 -5.91 -3.37 -3.39
CA VAL A 35 -5.93 -4.45 -2.40
C VAL A 35 -6.35 -5.77 -3.04
N GLU A 36 -5.36 -6.57 -3.41
CA GLU A 36 -5.62 -7.87 -4.03
C GLU A 36 -6.43 -8.76 -3.11
N GLY A 37 -7.74 -8.83 -3.34
CA GLY A 37 -8.61 -9.65 -2.52
C GLY A 37 -9.97 -9.02 -2.30
N HIS A 38 -9.98 -7.71 -2.06
CA HIS A 38 -11.23 -6.99 -1.83
C HIS A 38 -11.50 -6.01 -2.97
N GLY A 39 -10.81 -4.86 -2.93
CA GLY A 39 -10.99 -3.85 -3.95
C GLY A 39 -9.84 -2.87 -4.00
N TRP A 40 -9.93 -1.89 -4.90
CA TRP A 40 -8.90 -0.89 -5.05
C TRP A 40 -9.00 0.17 -3.95
N ARG A 41 -7.85 0.63 -3.48
CA ARG A 41 -7.81 1.63 -2.42
C ARG A 41 -6.88 2.79 -2.80
N ALA A 42 -6.93 3.87 -2.03
CA ALA A 42 -6.10 5.04 -2.29
C ALA A 42 -5.15 5.29 -1.12
N ILE A 43 -3.97 5.84 -1.43
CA ILE A 43 -2.98 6.13 -0.41
C ILE A 43 -3.15 7.55 0.14
N GLU A 44 -3.07 7.68 1.46
CA GLU A 44 -3.21 8.98 2.10
C GLU A 44 -1.86 9.47 2.63
N ASP A 45 -1.11 8.57 3.26
CA ASP A 45 0.19 8.92 3.81
C ASP A 45 1.06 7.67 3.98
N LEU A 46 2.33 7.79 3.63
CA LEU A 46 3.25 6.67 3.75
C LEU A 46 4.69 7.17 3.93
N TYR A 47 5.53 6.32 4.52
CA TYR A 47 6.92 6.69 4.76
C TYR A 47 7.75 5.45 5.11
N ARG A 48 8.97 5.39 4.59
CA ARG A 48 9.86 4.27 4.85
C ARG A 48 10.45 4.35 6.25
N VAL A 49 9.91 3.54 7.16
CA VAL A 49 10.38 3.51 8.54
C VAL A 49 11.57 2.58 8.70
N GLY A 50 12.76 3.16 8.78
CA GLY A 50 13.96 2.35 8.94
C GLY A 50 14.21 1.44 7.75
N GLU A 51 13.96 0.15 7.94
CA GLU A 51 14.16 -0.83 6.88
C GLU A 51 12.83 -1.38 6.40
N GLU A 52 11.77 -0.59 6.56
CA GLU A 52 10.43 -1.00 6.13
C GLU A 52 9.61 0.20 5.69
N LEU A 53 8.40 -0.07 5.22
CA LEU A 53 7.51 1.00 4.76
C LEU A 53 6.11 0.84 5.35
N VAL A 54 5.50 1.96 5.72
CA VAL A 54 4.17 1.94 6.31
C VAL A 54 3.20 2.81 5.49
N VAL A 55 2.32 2.16 4.74
CA VAL A 55 1.35 2.88 3.92
C VAL A 55 0.00 2.98 4.63
N HIS A 56 -0.59 4.17 4.57
CA HIS A 56 -1.89 4.39 5.21
C HIS A 56 -3.00 4.50 4.17
N LEU A 57 -3.83 3.47 4.08
CA LEU A 57 -4.93 3.46 3.13
C LEU A 57 -6.11 4.28 3.63
N ALA A 58 -6.88 4.84 2.70
CA ALA A 58 -8.04 5.64 3.06
C ALA A 58 -9.12 4.79 3.69
N GLY A 59 -9.69 5.28 4.79
CA GLY A 59 -10.74 4.54 5.48
C GLY A 59 -10.23 3.77 6.67
N VAL A 60 -9.05 3.17 6.52
CA VAL A 60 -8.44 2.39 7.59
C VAL A 60 -7.89 3.30 8.69
N THR A 61 -8.64 3.41 9.79
CA THR A 61 -8.22 4.25 10.90
C THR A 61 -8.25 3.47 12.21
N ASP A 62 -8.34 2.13 12.10
CA ASP A 62 -8.36 1.27 13.27
C ASP A 62 -7.65 -0.04 13.00
N ARG A 63 -7.00 -0.59 14.02
CA ARG A 63 -6.28 -1.84 13.89
C ARG A 63 -7.14 -2.90 13.20
N THR A 64 -8.44 -2.87 13.48
CA THR A 64 -9.37 -3.82 12.90
C THR A 64 -9.36 -3.73 11.38
N LEU A 65 -9.78 -2.59 10.85
CA LEU A 65 -9.81 -2.38 9.41
C LEU A 65 -8.48 -2.75 8.77
N ALA A 66 -7.39 -2.37 9.41
CA ALA A 66 -6.06 -2.67 8.90
C ALA A 66 -5.82 -4.17 8.85
N GLU A 67 -6.00 -4.84 9.97
CA GLU A 67 -5.80 -6.29 10.06
C GLU A 67 -6.57 -6.99 8.94
N ALA A 68 -7.75 -6.48 8.63
CA ALA A 68 -8.60 -7.06 7.58
C ALA A 68 -7.89 -7.01 6.23
N LEU A 69 -6.99 -6.05 6.07
CA LEU A 69 -6.24 -5.90 4.82
C LEU A 69 -4.79 -6.31 5.00
N VAL A 70 -4.53 -7.11 6.04
CA VAL A 70 -3.18 -7.58 6.32
C VAL A 70 -2.93 -8.94 5.70
N GLY A 71 -1.80 -9.08 5.02
CA GLY A 71 -1.46 -10.34 4.38
C GLY A 71 -1.62 -10.30 2.88
N LEU A 72 -2.68 -9.67 2.42
CA LEU A 72 -2.95 -9.55 0.98
C LEU A 72 -1.80 -8.83 0.28
N ARG A 73 -1.81 -8.88 -1.05
CA ARG A 73 -0.77 -8.23 -1.85
C ARG A 73 -1.32 -6.98 -2.53
N VAL A 74 -0.47 -5.97 -2.67
CA VAL A 74 -0.86 -4.72 -3.31
C VAL A 74 -0.34 -4.64 -4.74
N TYR A 75 -1.14 -4.07 -5.64
CA TYR A 75 -0.76 -3.94 -7.03
C TYR A 75 -0.69 -2.48 -7.45
N ALA A 76 0.06 -2.19 -8.50
CA ALA A 76 0.21 -0.83 -9.00
C ALA A 76 -0.26 -0.73 -10.44
N GLU A 77 -0.52 0.50 -10.89
CA GLU A 77 -0.97 0.74 -12.25
C GLU A 77 0.03 1.60 -13.02
N VAL A 78 0.54 1.06 -14.12
CA VAL A 78 1.51 1.78 -14.94
C VAL A 78 0.95 3.11 -15.43
N ALA A 79 -0.39 3.21 -15.42
CA ALA A 79 -1.05 4.43 -15.86
C ALA A 79 -0.60 5.63 -15.05
N ASP A 80 -0.29 5.39 -13.77
CA ASP A 80 0.16 6.45 -12.88
C ASP A 80 1.68 6.54 -12.85
N LEU A 81 2.33 5.40 -13.02
CA LEU A 81 3.78 5.34 -13.00
C LEU A 81 4.37 6.18 -14.14
N PRO A 82 5.62 6.63 -13.96
CA PRO A 82 6.32 7.45 -14.95
C PRO A 82 6.69 6.66 -16.20
N PRO A 83 6.70 7.34 -17.35
CA PRO A 83 7.04 6.72 -18.64
C PRO A 83 8.51 6.35 -18.72
N LEU A 84 8.78 5.13 -19.21
CA LEU A 84 10.16 4.66 -19.35
C LEU A 84 10.99 5.62 -20.18
N GLU A 85 10.31 6.44 -21.00
CA GLU A 85 10.99 7.41 -21.84
C GLU A 85 10.93 8.80 -21.22
#